data_3CB3
#
_entry.id   3CB3
#
_cell.length_a   195.466
_cell.length_b   84.739
_cell.length_c   118.247
_cell.angle_alpha   90.00
_cell.angle_beta   126.04
_cell.angle_gamma   90.00
#
_symmetry.space_group_name_H-M   'C 1 2 1'
#
loop_
_entity.id
_entity.type
_entity.pdbx_description
1 polymer 'Mandelate racemase/muconate lactonizing enzyme'
2 non-polymer 'MAGNESIUM ION'
3 non-polymer 'L-GLUCARIC ACID'
4 water water
#
_entity_poly.entity_id   1
_entity_poly.type   'polypeptide(L)'
_entity_poly.pdbx_seq_one_letter_code
;MSLKTTTSSTPSDRITWVRISSCYLPLATPISDAKVLTGRQKPMTEIAILFAEIETAGGHQGLGFSYSKRAGGPGQFAHA
REIAPALIGEDPSDIAKLWDKLCWAGASAGRSGLSTQAIGAFDVALWDLKAKRAGLSLAKLLGSYRDSVRCYNTSGGFLH
TPIDQLMVNASASIERGIGGIKLKVGQPDGALDIARVTAVRKHLGDAVPLMVDANQQWDRPTAQRMCRIFEPFNLVWIEE
PLDAYDHEGHAALALQFDTPIATGEMLTSAAEHGDLIRHRAADYLMPDAPRVGGITPFLKIASLAEHAGLMLAPHFAMEL
HVHLAAAYPREPWVEHFEWLEPLFNERIEIRDGRMLVPTRPGLGLTLSGQVKAWTREEAQVGTRPEGHHHHHH
;
_entity_poly.pdbx_strand_id   A,B,C,D
#
loop_
_chem_comp.id
_chem_comp.type
_chem_comp.name
_chem_comp.formula
LGT non-polymer 'L-GLUCARIC ACID' 'C6 H10 O8'
MG non-polymer 'MAGNESIUM ION' 'Mg 2'
#
# COMPACT_ATOMS: atom_id res chain seq x y z
N SER A 12 -14.21 -0.21 -28.01
CA SER A 12 -14.83 0.02 -26.67
C SER A 12 -15.91 -1.02 -26.38
N ASP A 13 -15.51 -2.13 -25.76
CA ASP A 13 -16.47 -3.19 -25.45
C ASP A 13 -17.46 -2.68 -24.40
N ARG A 14 -18.64 -3.30 -24.34
CA ARG A 14 -19.66 -2.89 -23.37
C ARG A 14 -20.40 -4.10 -22.81
N ILE A 15 -20.73 -4.03 -21.53
CA ILE A 15 -21.47 -5.11 -20.89
C ILE A 15 -22.89 -5.00 -21.41
N THR A 16 -23.45 -6.12 -21.85
CA THR A 16 -24.79 -6.13 -22.40
C THR A 16 -25.74 -7.07 -21.69
N TRP A 17 -25.17 -7.96 -20.88
CA TRP A 17 -25.98 -8.93 -20.16
C TRP A 17 -25.37 -9.29 -18.82
N VAL A 18 -26.22 -9.42 -17.82
CA VAL A 18 -25.79 -9.77 -16.48
C VAL A 18 -26.82 -10.71 -15.86
N ARG A 19 -26.34 -11.79 -15.24
CA ARG A 19 -27.23 -12.73 -14.58
C ARG A 19 -26.67 -13.08 -13.22
N ILE A 20 -27.55 -13.11 -12.24
CA ILE A 20 -27.15 -13.46 -10.88
C ILE A 20 -28.04 -14.58 -10.39
N SER A 21 -27.50 -15.40 -9.50
CA SER A 21 -28.27 -16.50 -8.96
C SER A 21 -27.79 -16.85 -7.56
N SER A 22 -28.72 -17.29 -6.73
CA SER A 22 -28.40 -17.67 -5.36
C SER A 22 -28.48 -19.19 -5.32
N CYS A 23 -27.33 -19.81 -5.10
CA CYS A 23 -27.22 -21.26 -5.06
C CYS A 23 -26.91 -21.75 -3.66
N TYR A 24 -27.77 -22.64 -3.16
CA TYR A 24 -27.55 -23.20 -1.83
C TYR A 24 -26.88 -24.56 -1.95
N LEU A 25 -25.59 -24.57 -1.66
CA LEU A 25 -24.76 -25.76 -1.73
C LEU A 25 -24.85 -26.61 -0.47
N PRO A 26 -25.32 -27.87 -0.61
CA PRO A 26 -25.41 -28.71 0.59
C PRO A 26 -24.02 -29.21 0.99
N LEU A 27 -23.77 -29.29 2.28
CA LEU A 27 -22.48 -29.76 2.78
C LEU A 27 -22.62 -31.23 3.16
N ALA A 28 -21.62 -32.03 2.77
CA ALA A 28 -21.62 -33.45 3.05
C ALA A 28 -21.73 -33.73 4.55
N THR A 29 -21.02 -32.95 5.36
CA THR A 29 -21.07 -33.13 6.80
C THR A 29 -21.31 -31.79 7.47
N PRO A 30 -22.24 -31.74 8.42
CA PRO A 30 -22.56 -30.50 9.13
C PRO A 30 -21.40 -29.95 9.96
N ILE A 31 -21.29 -28.63 10.00
CA ILE A 31 -20.23 -27.98 10.75
C ILE A 31 -20.81 -27.51 12.09
N SER A 32 -20.27 -28.03 13.20
CA SER A 32 -20.74 -27.66 14.53
C SER A 32 -19.60 -27.22 15.45
N ASP A 33 -19.52 -25.92 15.69
CA ASP A 33 -18.49 -25.36 16.55
C ASP A 33 -18.93 -25.43 18.01
N ALA A 34 -18.23 -24.71 18.87
CA ALA A 34 -18.54 -24.68 20.29
C ALA A 34 -19.93 -24.08 20.54
N LYS A 35 -20.29 -23.08 19.75
CA LYS A 35 -21.60 -22.46 19.91
C LYS A 35 -22.73 -23.46 19.67
N VAL A 36 -22.51 -24.39 18.76
CA VAL A 36 -23.51 -25.40 18.45
C VAL A 36 -23.57 -26.41 19.59
N LEU A 37 -22.40 -26.89 20.02
CA LEU A 37 -22.32 -27.88 21.09
C LEU A 37 -22.84 -27.38 22.43
N THR A 38 -22.96 -26.07 22.58
CA THR A 38 -23.48 -25.51 23.82
C THR A 38 -24.96 -25.15 23.63
N GLY A 39 -25.51 -25.54 22.48
CA GLY A 39 -26.90 -25.29 22.18
C GLY A 39 -27.33 -23.84 22.01
N ARG A 40 -26.49 -23.05 21.36
CA ARG A 40 -26.79 -21.64 21.14
C ARG A 40 -26.98 -21.34 19.66
N GLN A 41 -26.80 -22.37 18.83
CA GLN A 41 -26.91 -22.19 17.39
C GLN A 41 -26.99 -23.54 16.69
N LYS A 42 -27.67 -23.55 15.54
CA LYS A 42 -27.82 -24.77 14.74
C LYS A 42 -26.56 -25.07 13.95
N PRO A 43 -26.34 -26.35 13.62
CA PRO A 43 -25.15 -26.71 12.85
C PRO A 43 -25.29 -26.09 11.46
N MET A 44 -24.15 -25.84 10.81
CA MET A 44 -24.14 -25.29 9.47
C MET A 44 -24.23 -26.49 8.52
N THR A 45 -25.26 -26.53 7.69
CA THR A 45 -25.44 -27.66 6.77
C THR A 45 -25.41 -27.26 5.30
N GLU A 46 -25.30 -25.97 5.03
CA GLU A 46 -25.26 -25.50 3.65
C GLU A 46 -24.57 -24.15 3.55
N ILE A 47 -24.18 -23.77 2.34
CA ILE A 47 -23.54 -22.48 2.09
C ILE A 47 -24.29 -21.81 0.96
N ALA A 48 -24.64 -20.54 1.15
CA ALA A 48 -25.35 -19.80 0.11
C ALA A 48 -24.30 -19.17 -0.80
N ILE A 49 -24.34 -19.52 -2.08
CA ILE A 49 -23.41 -18.98 -3.05
C ILE A 49 -24.11 -18.00 -3.98
N LEU A 50 -23.49 -16.85 -4.19
CA LEU A 50 -24.03 -15.85 -5.10
C LEU A 50 -23.19 -15.91 -6.37
N PHE A 51 -23.80 -16.32 -7.48
CA PHE A 51 -23.09 -16.41 -8.75
C PHE A 51 -23.43 -15.23 -9.64
N ALA A 52 -22.42 -14.71 -10.32
CA ALA A 52 -22.59 -13.59 -11.24
C ALA A 52 -22.04 -13.94 -12.62
N GLU A 53 -22.84 -13.69 -13.65
CA GLU A 53 -22.41 -13.94 -15.03
C GLU A 53 -22.56 -12.65 -15.82
N ILE A 54 -21.47 -12.23 -16.47
CA ILE A 54 -21.46 -11.00 -17.25
C ILE A 54 -21.04 -11.30 -18.69
N GLU A 55 -21.77 -10.70 -19.63
CA GLU A 55 -21.47 -10.87 -21.05
C GLU A 55 -21.38 -9.51 -21.75
N THR A 56 -20.47 -9.41 -22.72
CA THR A 56 -20.26 -8.16 -23.43
C THR A 56 -20.64 -8.19 -24.90
N ALA A 57 -20.68 -7.00 -25.50
CA ALA A 57 -21.00 -6.87 -26.91
C ALA A 57 -19.95 -7.63 -27.71
N GLY A 58 -18.70 -7.52 -27.27
CA GLY A 58 -17.61 -8.19 -27.96
C GLY A 58 -17.68 -9.70 -27.84
N GLY A 59 -18.67 -10.21 -27.11
CA GLY A 59 -18.80 -11.64 -26.95
C GLY A 59 -18.01 -12.25 -25.81
N HIS A 60 -17.42 -11.41 -24.96
CA HIS A 60 -16.63 -11.91 -23.84
C HIS A 60 -17.53 -12.29 -22.65
N GLN A 61 -17.08 -13.27 -21.87
CA GLN A 61 -17.87 -13.73 -20.74
C GLN A 61 -17.05 -13.87 -19.46
N GLY A 62 -17.73 -13.65 -18.33
CA GLY A 62 -17.07 -13.76 -17.04
C GLY A 62 -17.97 -14.39 -15.99
N LEU A 63 -17.38 -15.21 -15.13
CA LEU A 63 -18.12 -15.87 -14.06
C LEU A 63 -17.47 -15.51 -12.73
N GLY A 64 -18.27 -15.10 -11.76
CA GLY A 64 -17.72 -14.73 -10.47
C GLY A 64 -18.64 -15.21 -9.36
N PHE A 65 -18.19 -15.10 -8.12
CA PHE A 65 -19.04 -15.54 -7.02
C PHE A 65 -18.61 -15.02 -5.66
N SER A 66 -19.58 -14.99 -4.76
CA SER A 66 -19.37 -14.63 -3.38
C SER A 66 -20.15 -15.69 -2.62
N TYR A 67 -20.14 -15.61 -1.29
CA TYR A 67 -20.86 -16.60 -0.51
C TYR A 67 -21.08 -16.10 0.91
N SER A 68 -21.99 -16.77 1.62
CA SER A 68 -22.29 -16.44 3.00
C SER A 68 -22.36 -17.77 3.75
N LYS A 69 -21.62 -17.89 4.83
CA LYS A 69 -21.60 -19.13 5.61
C LYS A 69 -22.86 -19.22 6.48
N ARG A 70 -23.15 -18.18 7.25
CA ARG A 70 -24.36 -18.18 8.06
C ARG A 70 -25.35 -17.28 7.35
N ALA A 71 -26.13 -16.49 8.08
CA ALA A 71 -27.10 -15.60 7.44
C ALA A 71 -26.38 -14.59 6.54
N GLY A 72 -27.02 -14.21 5.44
CA GLY A 72 -26.41 -13.25 4.54
C GLY A 72 -26.66 -13.49 3.05
N GLY A 73 -26.98 -14.74 2.70
CA GLY A 73 -27.23 -15.08 1.31
C GLY A 73 -28.35 -14.27 0.69
N PRO A 74 -29.54 -14.27 1.32
CA PRO A 74 -30.67 -13.51 0.78
C PRO A 74 -30.35 -12.03 0.66
N GLY A 75 -29.62 -11.50 1.63
CA GLY A 75 -29.24 -10.09 1.59
C GLY A 75 -28.32 -9.81 0.41
N GLN A 76 -27.27 -10.63 0.25
CA GLN A 76 -26.33 -10.47 -0.86
C GLN A 76 -27.05 -10.49 -2.21
N PHE A 77 -27.87 -11.51 -2.42
CA PHE A 77 -28.60 -11.63 -3.66
C PHE A 77 -29.53 -10.43 -3.86
N ALA A 78 -30.27 -10.06 -2.82
CA ALA A 78 -31.21 -8.95 -2.92
C ALA A 78 -30.52 -7.66 -3.39
N HIS A 79 -29.39 -7.34 -2.78
CA HIS A 79 -28.65 -6.13 -3.14
C HIS A 79 -28.05 -6.22 -4.54
N ALA A 80 -27.45 -7.36 -4.85
CA ALA A 80 -26.83 -7.57 -6.16
C ALA A 80 -27.88 -7.34 -7.25
N ARG A 81 -29.09 -7.83 -7.01
CA ARG A 81 -30.19 -7.70 -7.96
C ARG A 81 -30.56 -6.23 -8.20
N GLU A 82 -30.54 -5.44 -7.13
CA GLU A 82 -30.88 -4.04 -7.23
C GLU A 82 -29.82 -3.15 -7.88
N ILE A 83 -28.54 -3.55 -7.78
CA ILE A 83 -27.46 -2.75 -8.37
C ILE A 83 -27.00 -3.26 -9.74
N ALA A 84 -27.32 -4.51 -10.05
CA ALA A 84 -26.94 -5.14 -11.31
C ALA A 84 -27.12 -4.30 -12.58
N PRO A 85 -28.31 -3.70 -12.79
CA PRO A 85 -28.50 -2.91 -14.02
C PRO A 85 -27.50 -1.77 -14.23
N ALA A 86 -26.86 -1.32 -13.15
CA ALA A 86 -25.89 -0.23 -13.26
C ALA A 86 -24.63 -0.67 -14.02
N LEU A 87 -24.55 -1.95 -14.38
CA LEU A 87 -23.40 -2.48 -15.11
C LEU A 87 -23.63 -2.40 -16.62
N ILE A 88 -24.88 -2.52 -17.03
CA ILE A 88 -25.22 -2.49 -18.45
C ILE A 88 -24.69 -1.23 -19.14
N GLY A 89 -24.01 -1.42 -20.27
CA GLY A 89 -23.47 -0.29 -21.01
C GLY A 89 -22.11 0.19 -20.59
N GLU A 90 -21.55 -0.40 -19.53
CA GLU A 90 -20.25 0.01 -19.04
C GLU A 90 -19.11 -0.80 -19.65
N ASP A 91 -17.92 -0.21 -19.72
CA ASP A 91 -16.75 -0.90 -20.26
C ASP A 91 -16.25 -1.88 -19.20
N PRO A 92 -16.32 -3.19 -19.49
CA PRO A 92 -15.88 -4.21 -18.54
C PRO A 92 -14.44 -4.12 -18.05
N SER A 93 -13.56 -3.49 -18.83
CA SER A 93 -12.16 -3.37 -18.45
C SER A 93 -11.86 -2.41 -17.31
N ASP A 94 -12.76 -1.47 -17.04
CA ASP A 94 -12.55 -0.51 -15.97
C ASP A 94 -13.15 -1.08 -14.69
N ILE A 95 -12.51 -2.14 -14.21
CA ILE A 95 -12.98 -2.86 -13.04
C ILE A 95 -13.12 -2.06 -11.75
N ALA A 96 -12.06 -1.38 -11.31
CA ALA A 96 -12.14 -0.62 -10.06
C ALA A 96 -13.15 0.52 -10.17
N LYS A 97 -13.27 1.10 -11.37
CA LYS A 97 -14.21 2.19 -11.60
C LYS A 97 -15.62 1.67 -11.36
N LEU A 98 -15.90 0.50 -11.92
CA LEU A 98 -17.22 -0.10 -11.77
C LEU A 98 -17.48 -0.52 -10.32
N TRP A 99 -16.43 -0.95 -9.62
CA TRP A 99 -16.57 -1.36 -8.24
C TRP A 99 -17.07 -0.12 -7.48
N ASP A 100 -16.42 1.01 -7.71
CA ASP A 100 -16.81 2.26 -7.07
C ASP A 100 -18.22 2.68 -7.47
N LYS A 101 -18.56 2.52 -8.74
CA LYS A 101 -19.89 2.90 -9.21
C LYS A 101 -21.00 2.13 -8.49
N LEU A 102 -20.83 0.81 -8.37
CA LEU A 102 -21.84 0.01 -7.71
C LEU A 102 -21.91 0.32 -6.22
N CYS A 103 -20.76 0.67 -5.66
CA CYS A 103 -20.68 1.01 -4.25
C CYS A 103 -21.50 2.29 -4.05
N TRP A 104 -21.25 3.28 -4.91
CA TRP A 104 -21.96 4.54 -4.84
C TRP A 104 -23.47 4.33 -5.02
N ALA A 105 -23.86 3.35 -5.83
CA ALA A 105 -25.27 3.08 -6.06
C ALA A 105 -25.96 2.68 -4.75
N GLY A 106 -25.15 2.31 -3.76
CA GLY A 106 -25.68 1.92 -2.46
C GLY A 106 -24.78 2.54 -1.41
N ALA A 107 -24.43 3.79 -1.62
CA ALA A 107 -23.54 4.54 -0.74
C ALA A 107 -23.91 4.53 0.75
N SER A 108 -25.20 4.51 1.06
CA SER A 108 -25.62 4.50 2.46
C SER A 108 -25.46 3.13 3.10
N ALA A 109 -25.15 2.14 2.27
CA ALA A 109 -24.95 0.76 2.72
C ALA A 109 -23.52 0.53 3.19
N GLY A 110 -22.65 1.52 2.98
CA GLY A 110 -21.29 1.40 3.42
C GLY A 110 -20.33 0.77 2.41
N ARG A 111 -19.07 0.70 2.79
CA ARG A 111 -18.05 0.12 1.91
C ARG A 111 -17.53 -1.19 2.50
N SER A 112 -18.45 -1.97 3.06
CA SER A 112 -18.10 -3.25 3.66
C SER A 112 -19.35 -4.04 3.99
N GLY A 113 -19.18 -5.34 4.19
CA GLY A 113 -20.30 -6.18 4.52
C GLY A 113 -21.07 -6.71 3.33
N LEU A 114 -22.35 -6.97 3.55
CA LEU A 114 -23.22 -7.51 2.51
C LEU A 114 -23.22 -6.80 1.16
N SER A 115 -23.25 -5.48 1.17
CA SER A 115 -23.28 -4.75 -0.10
C SER A 115 -22.04 -5.00 -0.94
N THR A 116 -20.86 -4.81 -0.35
CA THR A 116 -19.63 -5.02 -1.09
C THR A 116 -19.37 -6.49 -1.41
N GLN A 117 -19.95 -7.40 -0.63
CA GLN A 117 -19.79 -8.82 -0.94
C GLN A 117 -20.60 -9.13 -2.19
N ALA A 118 -21.72 -8.43 -2.35
CA ALA A 118 -22.55 -8.62 -3.53
C ALA A 118 -21.78 -8.05 -4.74
N ILE A 119 -21.15 -6.90 -4.54
CA ILE A 119 -20.36 -6.26 -5.59
C ILE A 119 -19.21 -7.20 -5.97
N GLY A 120 -18.63 -7.84 -4.96
CA GLY A 120 -17.53 -8.76 -5.18
C GLY A 120 -17.80 -9.87 -6.18
N ALA A 121 -19.05 -10.33 -6.28
CA ALA A 121 -19.38 -11.38 -7.23
C ALA A 121 -19.21 -10.87 -8.66
N PHE A 122 -19.61 -9.62 -8.90
CA PHE A 122 -19.49 -9.00 -10.21
C PHE A 122 -18.02 -8.71 -10.50
N ASP A 123 -17.33 -8.21 -9.48
CA ASP A 123 -15.91 -7.89 -9.57
C ASP A 123 -15.11 -9.11 -10.05
N VAL A 124 -15.37 -10.25 -9.43
CA VAL A 124 -14.68 -11.47 -9.80
C VAL A 124 -14.99 -11.89 -11.23
N ALA A 125 -16.23 -11.68 -11.66
CA ALA A 125 -16.60 -12.04 -13.02
C ALA A 125 -15.86 -11.15 -14.03
N LEU A 126 -15.65 -9.89 -13.66
CA LEU A 126 -14.95 -8.95 -14.56
C LEU A 126 -13.47 -9.31 -14.70
N TRP A 127 -12.87 -9.76 -13.62
CA TRP A 127 -11.46 -10.16 -13.67
C TRP A 127 -11.32 -11.44 -14.46
N ASP A 128 -12.28 -12.35 -14.29
CA ASP A 128 -12.28 -13.60 -15.02
C ASP A 128 -12.33 -13.25 -16.51
N LEU A 129 -13.25 -12.36 -16.87
CA LEU A 129 -13.42 -11.92 -18.24
C LEU A 129 -12.18 -11.21 -18.81
N LYS A 130 -11.50 -10.41 -18.02
CA LYS A 130 -10.31 -9.73 -18.53
C LYS A 130 -9.17 -10.73 -18.79
N ALA A 131 -9.00 -11.69 -17.88
CA ALA A 131 -7.95 -12.69 -18.04
C ALA A 131 -8.19 -13.49 -19.33
N LYS A 132 -9.42 -13.96 -19.50
CA LYS A 132 -9.81 -14.72 -20.67
C LYS A 132 -9.55 -13.91 -21.94
N ARG A 133 -9.90 -12.63 -21.89
CA ARG A 133 -9.70 -11.73 -23.02
C ARG A 133 -8.23 -11.78 -23.45
N ALA A 134 -7.34 -11.94 -22.47
CA ALA A 134 -5.90 -12.01 -22.75
C ALA A 134 -5.41 -13.43 -22.96
N GLY A 135 -6.33 -14.40 -22.89
CA GLY A 135 -5.97 -15.79 -23.07
C GLY A 135 -5.04 -16.27 -21.95
N LEU A 136 -5.16 -15.66 -20.78
CA LEU A 136 -4.32 -16.00 -19.65
C LEU A 136 -5.13 -16.43 -18.43
N SER A 137 -4.47 -17.19 -17.56
CA SER A 137 -5.11 -17.63 -16.33
C SER A 137 -5.11 -16.34 -15.49
N LEU A 138 -5.95 -16.28 -14.47
CA LEU A 138 -5.97 -15.08 -13.64
C LEU A 138 -4.59 -14.85 -13.03
N ALA A 139 -3.93 -15.93 -12.63
CA ALA A 139 -2.60 -15.84 -12.03
C ALA A 139 -1.57 -15.19 -12.97
N LYS A 140 -1.61 -15.56 -14.25
CA LYS A 140 -0.67 -15.01 -15.20
C LYS A 140 -1.05 -13.58 -15.58
N LEU A 141 -2.36 -13.29 -15.61
CA LEU A 141 -2.80 -11.94 -15.93
C LEU A 141 -2.20 -10.99 -14.90
N LEU A 142 -2.28 -11.35 -13.63
CA LEU A 142 -1.74 -10.52 -12.56
C LEU A 142 -0.22 -10.57 -12.50
N GLY A 143 0.34 -11.69 -12.94
CA GLY A 143 1.78 -11.87 -12.88
C GLY A 143 2.00 -12.81 -11.69
N SER A 144 2.60 -13.96 -11.92
CA SER A 144 2.84 -14.91 -10.84
C SER A 144 4.30 -15.05 -10.45
N TYR A 145 4.51 -15.67 -9.31
CA TYR A 145 5.85 -15.90 -8.78
C TYR A 145 6.07 -17.40 -8.62
N ARG A 146 5.02 -18.18 -8.86
CA ARG A 146 5.11 -19.63 -8.72
C ARG A 146 4.01 -20.37 -9.48
N ASP A 147 4.31 -21.59 -9.91
CA ASP A 147 3.33 -22.37 -10.66
C ASP A 147 2.51 -23.28 -9.74
N SER A 148 2.91 -23.34 -8.47
CA SER A 148 2.19 -24.15 -7.48
C SER A 148 2.30 -23.45 -6.12
N VAL A 149 1.33 -23.69 -5.24
CA VAL A 149 1.29 -23.05 -3.93
C VAL A 149 1.18 -24.08 -2.80
N ARG A 150 1.96 -23.90 -1.74
CA ARG A 150 1.91 -24.81 -0.60
C ARG A 150 0.47 -24.89 -0.13
N CYS A 151 0.00 -26.10 0.19
CA CYS A 151 -1.38 -26.24 0.64
C CYS A 151 -1.47 -27.06 1.93
N TYR A 152 -2.59 -26.94 2.61
CA TYR A 152 -2.80 -27.67 3.85
C TYR A 152 -4.29 -27.95 3.97
N ASN A 153 -4.68 -28.75 4.95
CA ASN A 153 -6.10 -29.01 5.15
C ASN A 153 -6.34 -29.42 6.59
N THR A 154 -7.61 -29.62 6.95
CA THR A 154 -7.97 -29.99 8.31
C THR A 154 -8.26 -31.49 8.38
N SER A 155 -8.38 -32.09 7.20
CA SER A 155 -8.67 -33.52 7.09
C SER A 155 -9.97 -33.86 7.80
N GLY A 156 -10.94 -32.96 7.70
CA GLY A 156 -12.23 -33.15 8.31
C GLY A 156 -12.21 -33.20 9.82
N GLY A 157 -11.13 -32.69 10.42
CA GLY A 157 -11.02 -32.70 11.86
C GLY A 157 -11.67 -31.53 12.57
N PHE A 158 -12.30 -31.83 13.70
CA PHE A 158 -12.96 -30.82 14.51
C PHE A 158 -12.52 -30.99 15.95
N LEU A 159 -12.78 -29.97 16.76
CA LEU A 159 -12.40 -29.99 18.16
C LEU A 159 -12.90 -31.26 18.85
N HIS A 160 -14.04 -31.77 18.41
CA HIS A 160 -14.63 -32.96 19.02
C HIS A 160 -14.36 -34.29 18.29
N THR A 161 -13.51 -34.26 17.27
CA THR A 161 -13.18 -35.47 16.53
C THR A 161 -12.18 -36.33 17.32
N PRO A 162 -12.46 -37.64 17.46
CA PRO A 162 -11.56 -38.53 18.20
C PRO A 162 -10.15 -38.43 17.64
N ILE A 163 -9.18 -38.24 18.52
CA ILE A 163 -7.79 -38.08 18.11
C ILE A 163 -7.29 -39.17 17.15
N ASP A 164 -7.56 -40.44 17.44
CA ASP A 164 -7.09 -41.51 16.56
C ASP A 164 -7.69 -41.40 15.17
N GLN A 165 -8.95 -40.99 15.07
CA GLN A 165 -9.60 -40.84 13.77
C GLN A 165 -8.98 -39.68 12.99
N LEU A 166 -8.74 -38.56 13.68
CA LEU A 166 -8.15 -37.40 13.05
C LEU A 166 -6.80 -37.75 12.46
N MET A 167 -5.99 -38.48 13.22
CA MET A 167 -4.66 -38.88 12.78
C MET A 167 -4.67 -39.75 11.53
N VAL A 168 -5.65 -40.64 11.42
CA VAL A 168 -5.76 -41.50 10.25
C VAL A 168 -6.09 -40.66 9.03
N ASN A 169 -7.12 -39.82 9.15
CA ASN A 169 -7.54 -38.96 8.06
C ASN A 169 -6.42 -38.02 7.63
N ALA A 170 -5.66 -37.53 8.61
CA ALA A 170 -4.56 -36.63 8.32
C ALA A 170 -3.47 -37.35 7.52
N SER A 171 -3.16 -38.58 7.94
CA SER A 171 -2.15 -39.36 7.24
C SER A 171 -2.61 -39.61 5.81
N ALA A 172 -3.92 -39.79 5.64
CA ALA A 172 -4.47 -40.02 4.31
C ALA A 172 -4.27 -38.80 3.43
N SER A 173 -4.55 -37.62 3.98
CA SER A 173 -4.39 -36.37 3.24
C SER A 173 -2.96 -36.21 2.76
N ILE A 174 -2.02 -36.39 3.68
CA ILE A 174 -0.60 -36.28 3.35
C ILE A 174 -0.25 -37.27 2.24
N GLU A 175 -0.85 -38.45 2.32
CA GLU A 175 -0.60 -39.49 1.33
C GLU A 175 -1.01 -38.98 -0.04
N ARG A 176 -2.15 -38.28 -0.08
CA ARG A 176 -2.67 -37.73 -1.32
C ARG A 176 -2.01 -36.43 -1.78
N GLY A 177 -0.98 -36.00 -1.08
CA GLY A 177 -0.27 -34.80 -1.49
C GLY A 177 -0.46 -33.52 -0.72
N ILE A 178 -1.26 -33.51 0.34
CA ILE A 178 -1.45 -32.29 1.12
C ILE A 178 -0.13 -31.90 1.77
N GLY A 179 0.14 -30.60 1.84
CA GLY A 179 1.40 -30.14 2.40
C GLY A 179 1.46 -29.71 3.86
N GLY A 180 0.34 -29.80 4.55
CA GLY A 180 0.31 -29.42 5.95
C GLY A 180 -1.03 -29.74 6.56
N ILE A 181 -1.11 -29.69 7.89
CA ILE A 181 -2.36 -29.98 8.58
C ILE A 181 -2.68 -28.88 9.60
N LYS A 182 -3.91 -28.40 9.57
CA LYS A 182 -4.33 -27.37 10.54
C LYS A 182 -5.27 -28.06 11.54
N LEU A 183 -4.93 -27.93 12.82
CA LEU A 183 -5.72 -28.56 13.88
C LEU A 183 -6.50 -27.53 14.69
N LYS A 184 -7.77 -27.83 14.94
CA LYS A 184 -8.57 -26.93 15.73
C LYS A 184 -8.25 -27.08 17.21
N VAL A 185 -8.10 -25.95 17.88
CA VAL A 185 -7.82 -25.91 19.32
C VAL A 185 -8.74 -24.85 19.91
N GLY A 186 -8.61 -24.59 21.20
CA GLY A 186 -9.45 -23.58 21.81
C GLY A 186 -10.48 -24.07 22.82
N GLN A 187 -10.46 -25.35 23.15
CA GLN A 187 -11.43 -25.86 24.12
C GLN A 187 -11.09 -25.36 25.52
N PRO A 188 -12.07 -25.38 26.43
CA PRO A 188 -11.89 -24.92 27.82
C PRO A 188 -10.61 -25.47 28.46
N ASP A 189 -10.39 -26.77 28.29
CA ASP A 189 -9.20 -27.40 28.86
C ASP A 189 -8.04 -27.37 27.87
N GLY A 190 -7.16 -26.38 28.03
CA GLY A 190 -6.02 -26.22 27.15
C GLY A 190 -5.04 -27.39 27.12
N ALA A 191 -4.88 -28.07 28.25
CA ALA A 191 -3.96 -29.20 28.31
C ALA A 191 -4.39 -30.28 27.31
N LEU A 192 -5.70 -30.35 27.07
CA LEU A 192 -6.26 -31.31 26.14
C LEU A 192 -5.84 -30.97 24.71
N ASP A 193 -5.85 -29.68 24.37
CA ASP A 193 -5.45 -29.27 23.04
C ASP A 193 -3.97 -29.59 22.83
N ILE A 194 -3.19 -29.33 23.87
CA ILE A 194 -1.75 -29.59 23.81
C ILE A 194 -1.48 -31.07 23.56
N ALA A 195 -2.15 -31.95 24.29
CA ALA A 195 -1.94 -33.38 24.11
C ALA A 195 -2.35 -33.82 22.71
N ARG A 196 -3.41 -33.21 22.17
CA ARG A 196 -3.87 -33.56 20.84
C ARG A 196 -2.85 -33.15 19.77
N VAL A 197 -2.26 -31.97 19.91
CA VAL A 197 -1.26 -31.53 18.93
C VAL A 197 -0.05 -32.44 19.04
N THR A 198 0.33 -32.77 20.27
CA THR A 198 1.46 -33.65 20.52
C THR A 198 1.29 -35.01 19.83
N ALA A 199 0.08 -35.57 19.93
CA ALA A 199 -0.21 -36.86 19.30
C ALA A 199 -0.11 -36.77 17.78
N VAL A 200 -0.65 -35.69 17.22
CA VAL A 200 -0.60 -35.50 15.77
C VAL A 200 0.84 -35.36 15.32
N ARG A 201 1.61 -34.56 16.05
CA ARG A 201 3.03 -34.35 15.71
C ARG A 201 3.76 -35.69 15.70
N LYS A 202 3.50 -36.50 16.73
CA LYS A 202 4.12 -37.81 16.86
C LYS A 202 3.67 -38.76 15.75
N HIS A 203 2.38 -38.73 15.43
CA HIS A 203 1.84 -39.59 14.39
C HIS A 203 2.35 -39.23 12.98
N LEU A 204 2.48 -37.94 12.70
CA LEU A 204 2.92 -37.50 11.38
C LEU A 204 4.43 -37.34 11.20
N GLY A 205 5.14 -37.02 12.27
CA GLY A 205 6.57 -36.83 12.17
C GLY A 205 6.95 -35.36 12.10
N ASP A 206 8.22 -35.07 12.31
CA ASP A 206 8.71 -33.69 12.28
C ASP A 206 8.66 -33.00 10.91
N ALA A 207 8.59 -33.79 9.85
CA ALA A 207 8.56 -33.23 8.50
C ALA A 207 7.21 -32.67 8.01
N VAL A 208 6.12 -32.94 8.72
CA VAL A 208 4.83 -32.42 8.28
C VAL A 208 4.47 -31.12 8.99
N PRO A 209 4.34 -30.02 8.22
CA PRO A 209 4.00 -28.72 8.82
C PRO A 209 2.65 -28.81 9.52
N LEU A 210 2.55 -28.16 10.67
CA LEU A 210 1.30 -28.13 11.44
C LEU A 210 0.95 -26.71 11.84
N MET A 211 -0.35 -26.41 11.81
CA MET A 211 -0.87 -25.11 12.23
C MET A 211 -2.06 -25.40 13.13
N VAL A 212 -2.44 -24.42 13.96
CA VAL A 212 -3.60 -24.60 14.82
C VAL A 212 -4.52 -23.40 14.62
N ASP A 213 -5.82 -23.65 14.78
CA ASP A 213 -6.82 -22.60 14.65
C ASP A 213 -7.64 -22.59 15.95
N ALA A 214 -7.57 -21.50 16.70
CA ALA A 214 -8.30 -21.37 17.96
C ALA A 214 -9.71 -20.78 17.74
N ASN A 215 -9.95 -20.29 16.53
CA ASN A 215 -11.23 -19.71 16.18
C ASN A 215 -11.76 -18.70 17.20
N GLN A 216 -10.90 -17.75 17.58
CA GLN A 216 -11.23 -16.66 18.51
C GLN A 216 -11.70 -17.08 19.90
N GLN A 217 -11.39 -18.31 20.31
CA GLN A 217 -11.86 -18.79 21.59
C GLN A 217 -11.10 -18.42 22.85
N TRP A 218 -9.92 -17.82 22.71
CA TRP A 218 -9.16 -17.45 23.88
C TRP A 218 -9.28 -15.98 24.25
N ASP A 219 -9.15 -15.67 25.54
CA ASP A 219 -9.14 -14.28 25.97
C ASP A 219 -7.64 -13.97 26.02
N ARG A 220 -7.27 -12.72 26.23
CA ARG A 220 -5.86 -12.35 26.23
C ARG A 220 -4.94 -13.18 27.11
N PRO A 221 -5.22 -13.27 28.42
CA PRO A 221 -4.31 -14.06 29.26
C PRO A 221 -4.19 -15.53 28.86
N THR A 222 -5.31 -16.15 28.47
CA THR A 222 -5.27 -17.55 28.06
C THR A 222 -4.46 -17.68 26.77
N ALA A 223 -4.66 -16.75 25.84
CA ALA A 223 -3.93 -16.80 24.57
C ALA A 223 -2.43 -16.68 24.83
N GLN A 224 -2.07 -15.85 25.79
CA GLN A 224 -0.66 -15.67 26.15
C GLN A 224 -0.06 -16.99 26.61
N ARG A 225 -0.77 -17.67 27.51
CA ARG A 225 -0.29 -18.94 28.04
C ARG A 225 -0.23 -20.06 27.01
N MET A 226 -1.26 -20.18 26.17
CA MET A 226 -1.29 -21.22 25.17
C MET A 226 -0.21 -20.98 24.11
N CYS A 227 -0.08 -19.74 23.65
CA CYS A 227 0.94 -19.42 22.66
C CYS A 227 2.33 -19.74 23.21
N ARG A 228 2.53 -19.50 24.50
CA ARG A 228 3.85 -19.77 25.08
C ARG A 228 4.14 -21.27 25.14
N ILE A 229 3.11 -22.07 25.38
CA ILE A 229 3.31 -23.51 25.45
C ILE A 229 3.55 -24.06 24.04
N PHE A 230 2.87 -23.45 23.07
CA PHE A 230 3.00 -23.89 21.69
C PHE A 230 4.31 -23.51 20.99
N GLU A 231 5.05 -22.57 21.55
CA GLU A 231 6.30 -22.10 20.95
C GLU A 231 7.25 -23.23 20.52
N PRO A 232 7.65 -24.11 21.44
CA PRO A 232 8.56 -25.20 21.09
C PRO A 232 8.07 -26.16 20.00
N PHE A 233 6.78 -26.09 19.66
CA PHE A 233 6.21 -26.96 18.63
C PHE A 233 6.59 -26.52 17.21
N ASN A 234 7.02 -25.27 17.08
CA ASN A 234 7.38 -24.73 15.77
C ASN A 234 6.25 -24.88 14.77
N LEU A 235 5.06 -24.42 15.15
CA LEU A 235 3.91 -24.49 14.26
C LEU A 235 4.12 -23.45 13.15
N VAL A 236 3.46 -23.65 12.01
CA VAL A 236 3.57 -22.68 10.92
C VAL A 236 2.88 -21.40 11.43
N TRP A 237 1.76 -21.57 12.13
CA TRP A 237 1.05 -20.43 12.72
C TRP A 237 -0.04 -20.81 13.71
N ILE A 238 -0.40 -19.85 14.55
CA ILE A 238 -1.48 -19.99 15.52
C ILE A 238 -2.49 -18.98 14.98
N GLU A 239 -3.61 -19.50 14.51
CA GLU A 239 -4.68 -18.71 13.90
C GLU A 239 -5.83 -18.28 14.83
N GLU A 240 -6.26 -17.04 14.64
CA GLU A 240 -7.35 -16.45 15.41
C GLU A 240 -7.36 -16.80 16.89
N PRO A 241 -6.26 -16.50 17.61
CA PRO A 241 -6.30 -16.84 19.02
C PRO A 241 -7.29 -15.94 19.75
N LEU A 242 -7.51 -14.75 19.22
CA LEU A 242 -8.41 -13.76 19.83
C LEU A 242 -9.55 -13.31 18.93
N ASP A 243 -10.43 -12.48 19.49
CA ASP A 243 -11.56 -11.92 18.76
C ASP A 243 -10.96 -11.25 17.53
N ALA A 244 -11.61 -11.45 16.38
CA ALA A 244 -11.15 -10.90 15.10
C ALA A 244 -10.84 -9.40 15.09
N TYR A 245 -11.43 -8.66 16.01
CA TYR A 245 -11.22 -7.22 16.06
C TYR A 245 -10.28 -6.74 17.17
N ASP A 246 -9.69 -7.67 17.91
CA ASP A 246 -8.78 -7.26 18.98
C ASP A 246 -7.36 -7.11 18.41
N HIS A 247 -7.19 -6.07 17.60
CA HIS A 247 -5.91 -5.78 16.95
C HIS A 247 -4.77 -5.58 17.91
N GLU A 248 -5.02 -4.86 19.00
CA GLU A 248 -3.99 -4.60 19.99
C GLU A 248 -3.55 -5.87 20.70
N GLY A 249 -4.49 -6.79 20.90
CA GLY A 249 -4.18 -8.03 21.56
C GLY A 249 -3.37 -8.94 20.65
N HIS A 250 -3.76 -9.00 19.38
CA HIS A 250 -3.04 -9.83 18.42
C HIS A 250 -1.62 -9.29 18.23
N ALA A 251 -1.48 -7.98 18.15
CA ALA A 251 -0.17 -7.38 17.98
C ALA A 251 0.76 -7.70 19.14
N ALA A 252 0.22 -7.63 20.37
CA ALA A 252 1.03 -7.93 21.56
C ALA A 252 1.51 -9.38 21.53
N LEU A 253 0.64 -10.30 21.13
CA LEU A 253 1.03 -11.71 21.04
C LEU A 253 2.09 -11.89 19.95
N ALA A 254 1.81 -11.36 18.75
CA ALA A 254 2.75 -11.47 17.64
C ALA A 254 4.13 -10.92 18.02
N LEU A 255 4.15 -9.78 18.68
CA LEU A 255 5.41 -9.15 19.06
C LEU A 255 6.24 -10.02 20.00
N GLN A 256 5.57 -10.63 20.97
CA GLN A 256 6.26 -11.45 21.95
C GLN A 256 6.69 -12.86 21.50
N PHE A 257 5.86 -13.53 20.71
CA PHE A 257 6.18 -14.88 20.31
C PHE A 257 6.77 -15.06 18.91
N ASP A 258 7.62 -16.07 18.77
CA ASP A 258 8.25 -16.39 17.50
C ASP A 258 7.22 -16.95 16.54
N THR A 259 6.38 -17.84 17.06
CA THR A 259 5.34 -18.46 16.23
C THR A 259 4.47 -17.39 15.58
N PRO A 260 4.31 -17.47 14.26
CA PRO A 260 3.49 -16.50 13.53
C PRO A 260 2.05 -16.53 13.99
N ILE A 261 1.44 -15.35 14.04
CA ILE A 261 0.05 -15.20 14.41
C ILE A 261 -0.70 -14.94 13.11
N ALA A 262 -1.78 -15.68 12.89
CA ALA A 262 -2.56 -15.51 11.67
C ALA A 262 -4.01 -15.09 11.99
N THR A 263 -4.56 -14.20 11.20
CA THR A 263 -5.93 -13.76 11.41
C THR A 263 -6.41 -12.88 10.27
N GLY A 264 -7.72 -12.69 10.16
CA GLY A 264 -8.27 -11.84 9.12
C GLY A 264 -9.45 -12.41 8.37
N GLU A 265 -9.67 -13.73 8.47
CA GLU A 265 -10.77 -14.37 7.75
C GLU A 265 -12.14 -13.72 7.99
N MET A 266 -12.37 -13.15 9.17
CA MET A 266 -13.66 -12.53 9.47
C MET A 266 -13.83 -11.09 8.96
N LEU A 267 -12.73 -10.43 8.60
CA LEU A 267 -12.79 -9.05 8.14
C LEU A 267 -13.50 -8.93 6.79
N THR A 268 -14.26 -7.85 6.61
CA THR A 268 -15.03 -7.66 5.39
C THR A 268 -14.72 -6.44 4.52
N SER A 269 -13.50 -5.91 4.63
CA SER A 269 -13.13 -4.76 3.81
C SER A 269 -11.64 -4.52 3.87
N ALA A 270 -11.14 -3.78 2.88
CA ALA A 270 -9.72 -3.46 2.80
C ALA A 270 -9.33 -2.61 4.01
N ALA A 271 -10.23 -1.70 4.40
CA ALA A 271 -9.98 -0.83 5.55
C ALA A 271 -9.77 -1.61 6.85
N GLU A 272 -10.55 -2.67 7.06
CA GLU A 272 -10.39 -3.46 8.27
C GLU A 272 -9.03 -4.15 8.27
N HIS A 273 -8.65 -4.71 7.12
CA HIS A 273 -7.34 -5.36 7.01
C HIS A 273 -6.26 -4.31 7.16
N GLY A 274 -6.56 -3.09 6.72
CA GLY A 274 -5.60 -2.02 6.84
C GLY A 274 -5.32 -1.78 8.32
N ASP A 275 -6.36 -1.92 9.14
CA ASP A 275 -6.19 -1.72 10.59
C ASP A 275 -5.29 -2.80 11.20
N LEU A 276 -5.45 -4.04 10.74
CA LEU A 276 -4.62 -5.13 11.25
C LEU A 276 -3.16 -4.85 10.95
N ILE A 277 -2.90 -4.48 9.70
CA ILE A 277 -1.55 -4.17 9.24
C ILE A 277 -0.98 -2.98 10.00
N ARG A 278 -1.79 -1.95 10.23
CA ARG A 278 -1.31 -0.78 10.96
C ARG A 278 -0.87 -1.16 12.37
N HIS A 279 -1.63 -2.04 13.03
CA HIS A 279 -1.29 -2.48 14.38
C HIS A 279 -0.21 -3.57 14.41
N ARG A 280 0.15 -4.09 13.23
CA ARG A 280 1.11 -5.18 13.15
C ARG A 280 0.51 -6.32 13.97
N ALA A 281 -0.77 -6.57 13.73
CA ALA A 281 -1.51 -7.60 14.45
C ALA A 281 -1.45 -9.00 13.84
N ALA A 282 -0.71 -9.16 12.75
CA ALA A 282 -0.65 -10.48 12.14
C ALA A 282 0.58 -10.70 11.26
N ASP A 283 1.19 -11.87 11.42
CA ASP A 283 2.37 -12.25 10.64
C ASP A 283 1.85 -12.77 9.31
N TYR A 284 0.77 -13.52 9.37
CA TYR A 284 0.09 -14.07 8.19
C TYR A 284 -1.29 -13.40 8.12
N LEU A 285 -1.54 -12.71 7.02
CA LEU A 285 -2.83 -12.06 6.83
C LEU A 285 -3.69 -13.06 6.12
N MET A 286 -4.94 -13.20 6.56
CA MET A 286 -5.84 -14.17 5.93
C MET A 286 -7.09 -13.57 5.33
N PRO A 287 -6.92 -12.75 4.28
CA PRO A 287 -8.07 -12.14 3.62
C PRO A 287 -8.88 -13.17 2.84
N ASP A 288 -10.17 -12.90 2.72
CA ASP A 288 -11.11 -13.74 2.00
C ASP A 288 -11.67 -12.84 0.89
N ALA A 289 -11.22 -13.03 -0.35
CA ALA A 289 -11.65 -12.18 -1.47
C ALA A 289 -13.18 -11.97 -1.47
N PRO A 290 -13.96 -13.06 -1.48
CA PRO A 290 -15.42 -12.89 -1.48
C PRO A 290 -15.89 -12.03 -0.30
N ARG A 291 -15.41 -12.33 0.90
CA ARG A 291 -15.82 -11.57 2.08
C ARG A 291 -15.41 -10.10 2.10
N VAL A 292 -14.31 -9.76 1.42
CA VAL A 292 -13.83 -8.38 1.41
C VAL A 292 -14.30 -7.55 0.21
N GLY A 293 -15.09 -8.16 -0.67
CA GLY A 293 -15.58 -7.41 -1.80
C GLY A 293 -14.98 -7.75 -3.15
N GLY A 294 -14.33 -8.90 -3.26
CA GLY A 294 -13.77 -9.30 -4.54
C GLY A 294 -12.27 -9.14 -4.71
N ILE A 295 -11.81 -9.39 -5.94
CA ILE A 295 -10.38 -9.31 -6.26
C ILE A 295 -9.81 -7.89 -6.11
N THR A 296 -10.55 -6.89 -6.57
CA THR A 296 -10.07 -5.52 -6.46
C THR A 296 -9.66 -5.15 -5.02
N PRO A 297 -10.58 -5.29 -4.05
CA PRO A 297 -10.17 -4.93 -2.68
C PRO A 297 -9.07 -5.89 -2.18
N PHE A 298 -9.16 -7.15 -2.57
CA PHE A 298 -8.14 -8.13 -2.16
C PHE A 298 -6.75 -7.65 -2.60
N LEU A 299 -6.65 -7.19 -3.85
CA LEU A 299 -5.38 -6.71 -4.38
C LEU A 299 -4.85 -5.53 -3.59
N LYS A 300 -5.74 -4.66 -3.14
CA LYS A 300 -5.33 -3.50 -2.36
C LYS A 300 -4.73 -4.00 -1.04
N ILE A 301 -5.42 -4.95 -0.42
CA ILE A 301 -4.97 -5.53 0.84
C ILE A 301 -3.60 -6.17 0.68
N ALA A 302 -3.43 -6.96 -0.39
CA ALA A 302 -2.16 -7.65 -0.64
C ALA A 302 -1.00 -6.67 -0.83
N SER A 303 -1.26 -5.54 -1.46
CA SER A 303 -0.22 -4.55 -1.69
C SER A 303 0.21 -3.95 -0.36
N LEU A 304 -0.76 -3.66 0.50
CA LEU A 304 -0.51 -3.11 1.82
C LEU A 304 0.28 -4.16 2.62
N ALA A 305 -0.14 -5.41 2.52
CA ALA A 305 0.54 -6.49 3.23
C ALA A 305 1.97 -6.66 2.72
N GLU A 306 2.15 -6.69 1.41
CA GLU A 306 3.50 -6.85 0.85
C GLU A 306 4.40 -5.71 1.33
N HIS A 307 3.89 -4.49 1.25
CA HIS A 307 4.64 -3.32 1.69
C HIS A 307 5.03 -3.42 3.17
N ALA A 308 4.12 -3.96 3.99
CA ALA A 308 4.42 -4.08 5.41
C ALA A 308 5.32 -5.29 5.70
N GLY A 309 5.64 -6.07 4.67
CA GLY A 309 6.52 -7.21 4.85
C GLY A 309 5.87 -8.43 5.49
N LEU A 310 4.56 -8.54 5.34
CA LEU A 310 3.84 -9.66 5.92
C LEU A 310 3.71 -10.82 4.95
N MET A 311 3.15 -11.91 5.45
CA MET A 311 2.95 -13.12 4.67
C MET A 311 1.46 -13.30 4.42
N LEU A 312 1.12 -14.07 3.40
CA LEU A 312 -0.27 -14.27 3.03
C LEU A 312 -0.76 -15.72 3.13
N ALA A 313 -1.99 -15.87 3.64
CA ALA A 313 -2.64 -17.17 3.78
C ALA A 313 -4.13 -16.94 3.57
N PRO A 314 -4.56 -16.72 2.32
CA PRO A 314 -5.95 -16.48 1.97
C PRO A 314 -6.88 -17.47 2.66
N HIS A 315 -8.10 -17.04 2.97
CA HIS A 315 -9.06 -17.90 3.64
C HIS A 315 -10.12 -18.48 2.71
N PHE A 316 -10.29 -19.80 2.76
CA PHE A 316 -11.28 -20.51 1.96
C PHE A 316 -11.10 -20.34 0.44
N ALA A 317 -12.20 -20.49 -0.29
CA ALA A 317 -12.26 -20.35 -1.76
C ALA A 317 -10.95 -20.57 -2.51
N MET A 318 -10.42 -21.78 -2.43
CA MET A 318 -9.17 -22.11 -3.09
C MET A 318 -9.20 -21.91 -4.61
N GLU A 319 -10.35 -22.20 -5.24
CA GLU A 319 -10.49 -22.07 -6.68
C GLU A 319 -10.14 -20.65 -7.16
N LEU A 320 -10.28 -19.69 -6.26
CA LEU A 320 -9.97 -18.30 -6.57
C LEU A 320 -8.63 -17.91 -5.94
N HIS A 321 -8.45 -18.23 -4.67
CA HIS A 321 -7.24 -17.87 -3.94
C HIS A 321 -5.95 -18.52 -4.44
N VAL A 322 -6.05 -19.63 -5.15
CA VAL A 322 -4.83 -20.25 -5.66
C VAL A 322 -4.20 -19.27 -6.64
N HIS A 323 -5.01 -18.61 -7.46
CA HIS A 323 -4.52 -17.62 -8.43
C HIS A 323 -3.93 -16.40 -7.72
N LEU A 324 -4.63 -15.91 -6.70
CA LEU A 324 -4.19 -14.73 -5.97
C LEU A 324 -2.92 -14.99 -5.19
N ALA A 325 -2.80 -16.18 -4.61
CA ALA A 325 -1.61 -16.52 -3.84
C ALA A 325 -0.40 -16.64 -4.78
N ALA A 326 -0.63 -17.13 -5.99
CA ALA A 326 0.48 -17.28 -6.94
C ALA A 326 1.09 -15.91 -7.27
N ALA A 327 0.28 -14.86 -7.21
CA ALA A 327 0.74 -13.50 -7.50
C ALA A 327 1.42 -12.78 -6.35
N TYR A 328 1.45 -13.39 -5.17
CA TYR A 328 2.08 -12.75 -4.01
C TYR A 328 3.59 -13.08 -4.00
N PRO A 329 4.44 -12.08 -3.67
CA PRO A 329 5.90 -12.20 -3.61
C PRO A 329 6.50 -13.27 -2.69
N ARG A 330 6.05 -13.30 -1.44
CA ARG A 330 6.58 -14.28 -0.48
C ARG A 330 5.70 -15.53 -0.48
N GLU A 331 6.31 -16.69 -0.25
CA GLU A 331 5.59 -17.97 -0.26
C GLU A 331 4.34 -18.00 0.61
N PRO A 332 3.17 -18.19 -0.01
CA PRO A 332 1.88 -18.24 0.66
C PRO A 332 1.41 -19.68 0.96
N TRP A 333 0.30 -19.79 1.66
CA TRP A 333 -0.31 -21.08 1.97
C TRP A 333 -1.78 -20.95 1.61
N VAL A 334 -2.33 -21.97 0.97
CA VAL A 334 -3.75 -21.96 0.60
C VAL A 334 -4.35 -23.24 1.15
N GLU A 335 -5.56 -23.15 1.69
CA GLU A 335 -6.19 -24.33 2.26
C GLU A 335 -7.05 -25.07 1.25
N HIS A 336 -6.90 -26.38 1.23
CA HIS A 336 -7.65 -27.23 0.33
C HIS A 336 -8.96 -27.64 1.02
N PHE A 337 -10.06 -27.38 0.34
CA PHE A 337 -11.41 -27.70 0.81
C PHE A 337 -12.11 -28.39 -0.35
N GLU A 338 -12.96 -29.37 -0.06
CA GLU A 338 -13.67 -30.03 -1.13
C GLU A 338 -15.10 -29.49 -1.21
N TRP A 339 -15.46 -28.63 -0.25
CA TRP A 339 -16.79 -28.04 -0.17
C TRP A 339 -17.39 -27.49 -1.46
N LEU A 340 -16.63 -26.64 -2.16
CA LEU A 340 -17.12 -26.01 -3.39
C LEU A 340 -17.00 -26.82 -4.67
N GLU A 341 -16.29 -27.94 -4.62
CA GLU A 341 -16.09 -28.76 -5.81
C GLU A 341 -17.34 -29.10 -6.63
N PRO A 342 -18.45 -29.50 -5.98
CA PRO A 342 -19.66 -29.84 -6.72
C PRO A 342 -20.21 -28.73 -7.63
N LEU A 343 -19.85 -27.49 -7.33
CA LEU A 343 -20.34 -26.36 -8.12
C LEU A 343 -19.69 -26.24 -9.48
N PHE A 344 -18.48 -26.79 -9.62
CA PHE A 344 -17.73 -26.67 -10.87
C PHE A 344 -17.34 -28.00 -11.50
N ASN A 345 -17.01 -27.93 -12.79
CA ASN A 345 -16.61 -29.11 -13.55
C ASN A 345 -15.12 -29.40 -13.34
N GLU A 346 -14.34 -28.34 -13.16
CA GLU A 346 -12.90 -28.49 -12.99
C GLU A 346 -12.52 -28.86 -11.55
N ARG A 347 -11.31 -29.39 -11.40
CA ARG A 347 -10.80 -29.79 -10.09
C ARG A 347 -9.39 -29.26 -9.88
N ILE A 348 -9.04 -29.03 -8.63
CA ILE A 348 -7.71 -28.55 -8.29
C ILE A 348 -6.79 -29.75 -8.17
N GLU A 349 -5.58 -29.62 -8.69
CA GLU A 349 -4.61 -30.70 -8.62
C GLU A 349 -3.62 -30.50 -7.48
N ILE A 350 -3.42 -31.55 -6.69
CA ILE A 350 -2.51 -31.52 -5.56
C ILE A 350 -1.38 -32.51 -5.76
N ARG A 351 -0.15 -32.06 -5.51
CA ARG A 351 1.02 -32.92 -5.66
C ARG A 351 2.18 -32.45 -4.80
N ASP A 352 2.78 -33.39 -4.09
CA ASP A 352 3.93 -33.13 -3.24
C ASP A 352 3.85 -31.92 -2.32
N GLY A 353 2.73 -31.76 -1.63
CA GLY A 353 2.57 -30.66 -0.69
C GLY A 353 2.15 -29.31 -1.26
N ARG A 354 1.88 -29.26 -2.56
CA ARG A 354 1.49 -28.01 -3.20
C ARG A 354 0.30 -28.20 -4.12
N MET A 355 -0.48 -27.13 -4.33
CA MET A 355 -1.59 -27.23 -5.25
C MET A 355 -1.15 -26.48 -6.48
N LEU A 356 -1.43 -27.08 -7.64
CA LEU A 356 -1.04 -26.52 -8.92
C LEU A 356 -1.94 -25.36 -9.34
N VAL A 357 -1.33 -24.26 -9.75
CA VAL A 357 -2.12 -23.11 -10.19
C VAL A 357 -2.72 -23.50 -11.54
N PRO A 358 -4.05 -23.40 -11.68
CA PRO A 358 -4.68 -23.77 -12.95
C PRO A 358 -4.08 -22.95 -14.10
N THR A 359 -3.93 -23.57 -15.27
CA THR A 359 -3.35 -22.89 -16.42
C THR A 359 -4.36 -22.46 -17.47
N ARG A 360 -5.62 -22.83 -17.29
CA ARG A 360 -6.69 -22.46 -18.22
C ARG A 360 -6.99 -20.96 -18.12
N PRO A 361 -7.64 -20.39 -19.15
CA PRO A 361 -7.99 -18.97 -19.17
C PRO A 361 -8.84 -18.53 -17.97
N GLY A 362 -8.58 -17.33 -17.46
CA GLY A 362 -9.34 -16.80 -16.33
C GLY A 362 -9.21 -17.63 -15.08
N LEU A 363 -10.32 -17.80 -14.37
CA LEU A 363 -10.33 -18.62 -13.16
C LEU A 363 -10.37 -20.07 -13.59
N GLY A 364 -10.78 -20.28 -14.85
CA GLY A 364 -10.87 -21.63 -15.38
C GLY A 364 -11.98 -22.45 -14.72
N LEU A 365 -13.09 -21.79 -14.42
CA LEU A 365 -14.22 -22.46 -13.78
C LEU A 365 -15.48 -22.36 -14.64
N THR A 366 -16.26 -23.43 -14.66
CA THR A 366 -17.52 -23.48 -15.38
C THR A 366 -18.52 -24.16 -14.44
N LEU A 367 -19.73 -23.61 -14.36
CA LEU A 367 -20.75 -24.19 -13.48
C LEU A 367 -21.11 -25.62 -13.84
N SER A 368 -21.22 -26.48 -12.83
CA SER A 368 -21.56 -27.88 -13.05
C SER A 368 -23.06 -28.00 -13.29
N GLY A 369 -23.48 -29.16 -13.80
CA GLY A 369 -24.88 -29.39 -14.07
C GLY A 369 -25.73 -29.44 -12.80
N GLN A 370 -25.11 -29.72 -11.67
CA GLN A 370 -25.83 -29.80 -10.40
C GLN A 370 -26.25 -28.46 -9.82
N VAL A 371 -25.64 -27.38 -10.32
CA VAL A 371 -25.94 -26.03 -9.84
C VAL A 371 -27.40 -25.57 -10.02
N LYS A 372 -28.00 -25.89 -11.16
CA LYS A 372 -29.38 -25.47 -11.39
C LYS A 372 -30.33 -25.93 -10.29
N ALA A 373 -30.28 -27.22 -9.97
CA ALA A 373 -31.14 -27.80 -8.95
C ALA A 373 -31.01 -27.13 -7.58
N TRP A 374 -29.82 -26.61 -7.28
CA TRP A 374 -29.58 -25.94 -6.00
C TRP A 374 -29.89 -24.44 -6.03
N THR A 375 -30.27 -23.95 -7.20
CA THR A 375 -30.56 -22.53 -7.36
C THR A 375 -31.95 -22.17 -6.84
N ARG A 376 -31.99 -21.31 -5.83
CA ARG A 376 -33.27 -20.89 -5.26
C ARG A 376 -33.79 -19.58 -5.85
N GLU A 377 -32.88 -18.67 -6.17
CA GLU A 377 -33.26 -17.38 -6.73
C GLU A 377 -32.37 -17.01 -7.90
N GLU A 378 -32.93 -16.29 -8.87
CA GLU A 378 -32.15 -15.84 -10.02
C GLU A 378 -32.83 -14.69 -10.75
N ALA A 379 -32.00 -13.90 -11.42
CA ALA A 379 -32.49 -12.75 -12.18
C ALA A 379 -31.45 -12.40 -13.23
N GLN A 380 -31.87 -11.66 -14.25
CA GLN A 380 -30.96 -11.25 -15.31
C GLN A 380 -31.46 -9.98 -15.99
N VAL A 381 -30.54 -9.17 -16.48
CA VAL A 381 -30.88 -7.94 -17.17
C VAL A 381 -30.07 -7.85 -18.45
N GLY A 382 -30.61 -7.13 -19.43
CA GLY A 382 -29.93 -7.00 -20.72
C GLY A 382 -30.23 -8.18 -21.61
N THR A 383 -29.68 -8.16 -22.82
CA THR A 383 -29.90 -9.24 -23.77
C THR A 383 -28.57 -9.81 -24.26
N ARG A 384 -28.54 -11.10 -24.55
CA ARG A 384 -27.33 -11.76 -25.01
C ARG A 384 -27.28 -11.78 -26.54
N SER B 12 47.40 27.12 -5.25
CA SER B 12 46.09 26.44 -5.36
C SER B 12 46.21 25.27 -6.35
N ASP B 13 46.19 24.04 -5.84
CA ASP B 13 46.33 22.88 -6.70
C ASP B 13 45.09 22.61 -7.56
N ARG B 14 45.31 21.94 -8.69
CA ARG B 14 44.24 21.61 -9.62
C ARG B 14 44.44 20.21 -10.22
N ILE B 15 43.33 19.52 -10.49
CA ILE B 15 43.37 18.20 -11.08
C ILE B 15 43.65 18.40 -12.57
N THR B 16 44.66 17.70 -13.09
CA THR B 16 45.04 17.84 -14.49
C THR B 16 44.89 16.58 -15.33
N TRP B 17 44.82 15.43 -14.67
CA TRP B 17 44.73 14.17 -15.38
C TRP B 17 43.97 13.12 -14.57
N VAL B 18 43.11 12.37 -15.24
CA VAL B 18 42.35 11.31 -14.60
C VAL B 18 42.26 10.11 -15.53
N ARG B 19 42.47 8.93 -14.97
CA ARG B 19 42.37 7.72 -15.74
C ARG B 19 41.52 6.71 -15.01
N ILE B 20 40.59 6.09 -15.73
CA ILE B 20 39.74 5.08 -15.12
C ILE B 20 39.93 3.79 -15.90
N SER B 21 39.82 2.67 -15.20
CA SER B 21 39.97 1.37 -15.84
C SER B 21 39.13 0.31 -15.14
N SER B 22 38.51 -0.54 -15.96
CA SER B 22 37.68 -1.62 -15.45
C SER B 22 38.50 -2.90 -15.51
N CYS B 23 38.96 -3.34 -14.33
CA CYS B 23 39.79 -4.52 -14.20
C CYS B 23 39.01 -5.72 -13.65
N TYR B 24 38.91 -6.78 -14.44
CA TYR B 24 38.18 -7.97 -14.02
C TYR B 24 39.08 -8.98 -13.32
N LEU B 25 38.93 -9.04 -12.00
CA LEU B 25 39.72 -9.93 -11.17
C LEU B 25 39.13 -11.34 -11.10
N PRO B 26 39.88 -12.35 -11.55
CA PRO B 26 39.39 -13.73 -11.52
C PRO B 26 39.43 -14.27 -10.10
N LEU B 27 38.43 -15.02 -9.70
CA LEU B 27 38.41 -15.59 -8.35
C LEU B 27 38.96 -17.02 -8.40
N ALA B 28 39.65 -17.40 -7.34
CA ALA B 28 40.24 -18.74 -7.23
C ALA B 28 39.25 -19.87 -7.57
N THR B 29 38.03 -19.76 -7.05
CA THR B 29 37.02 -20.78 -7.31
C THR B 29 35.62 -20.18 -7.36
N PRO B 30 34.68 -20.88 -8.03
CA PRO B 30 33.30 -20.40 -8.16
C PRO B 30 32.70 -20.13 -6.79
N ILE B 31 32.15 -18.93 -6.62
CA ILE B 31 31.53 -18.52 -5.36
C ILE B 31 30.15 -17.93 -5.57
N MET B 44 29.54 -16.63 -8.32
CA MET B 44 30.41 -15.65 -8.96
C MET B 44 31.81 -16.21 -9.21
N THR B 45 32.37 -15.89 -10.38
CA THR B 45 33.68 -16.37 -10.77
C THR B 45 34.70 -15.23 -10.86
N GLU B 46 34.21 -14.00 -10.85
CA GLU B 46 35.08 -12.84 -10.93
C GLU B 46 34.39 -11.58 -10.42
N ILE B 47 35.17 -10.54 -10.17
CA ILE B 47 34.63 -9.28 -9.70
C ILE B 47 35.23 -8.15 -10.53
N ALA B 48 34.38 -7.21 -10.93
CA ALA B 48 34.82 -6.07 -11.72
C ALA B 48 35.29 -4.94 -10.83
N ILE B 49 36.56 -4.60 -10.93
CA ILE B 49 37.12 -3.52 -10.13
C ILE B 49 37.27 -2.27 -10.99
N LEU B 50 36.76 -1.14 -10.50
CA LEU B 50 36.86 0.12 -11.22
C LEU B 50 37.96 0.92 -10.53
N PHE B 51 39.04 1.16 -11.24
CA PHE B 51 40.14 1.92 -10.67
C PHE B 51 40.11 3.36 -11.15
N ALA B 52 40.49 4.28 -10.27
CA ALA B 52 40.55 5.68 -10.62
C ALA B 52 41.90 6.20 -10.17
N GLU B 53 42.60 6.87 -11.08
CA GLU B 53 43.90 7.45 -10.76
C GLU B 53 43.77 8.93 -11.06
N ILE B 54 44.23 9.75 -10.12
CA ILE B 54 44.16 11.20 -10.28
C ILE B 54 45.51 11.83 -10.04
N GLU B 55 45.85 12.84 -10.85
CA GLU B 55 47.12 13.54 -10.68
C GLU B 55 46.83 15.02 -10.81
N THR B 56 47.64 15.83 -10.15
CA THR B 56 47.44 17.27 -10.13
C THR B 56 48.60 18.04 -10.76
N ALA B 57 48.40 19.35 -10.93
CA ALA B 57 49.42 20.20 -11.52
C ALA B 57 50.58 20.34 -10.54
N GLY B 58 50.30 20.07 -9.27
CA GLY B 58 51.32 20.17 -8.24
C GLY B 58 52.14 18.90 -8.11
N GLY B 59 51.80 17.89 -8.89
CA GLY B 59 52.54 16.64 -8.84
C GLY B 59 52.01 15.64 -7.83
N HIS B 60 50.80 15.86 -7.32
CA HIS B 60 50.22 14.94 -6.36
C HIS B 60 49.42 13.88 -7.10
N GLN B 61 49.38 12.67 -6.56
CA GLN B 61 48.67 11.57 -7.20
C GLN B 61 47.82 10.79 -6.22
N GLY B 62 46.73 10.22 -6.71
CA GLY B 62 45.84 9.43 -5.87
C GLY B 62 45.31 8.23 -6.61
N LEU B 63 45.08 7.15 -5.88
CA LEU B 63 44.55 5.92 -6.47
C LEU B 63 43.33 5.54 -5.64
N GLY B 64 42.23 5.21 -6.30
CA GLY B 64 41.03 4.83 -5.60
C GLY B 64 40.30 3.78 -6.40
N PHE B 65 39.23 3.21 -5.84
CA PHE B 65 38.51 2.19 -6.57
C PHE B 65 37.15 1.87 -6.01
N SER B 66 36.33 1.27 -6.88
CA SER B 66 35.01 0.80 -6.51
C SER B 66 34.97 -0.61 -7.07
N TYR B 67 33.86 -1.32 -6.88
CA TYR B 67 33.76 -2.68 -7.39
C TYR B 67 32.31 -3.12 -7.58
N SER B 68 32.15 -4.23 -8.30
CA SER B 68 30.84 -4.80 -8.56
C SER B 68 30.95 -6.33 -8.52
N LYS B 69 30.11 -6.96 -7.70
CA LYS B 69 30.09 -8.40 -7.52
C LYS B 69 29.58 -9.12 -8.76
N ARG B 70 28.30 -8.92 -9.06
CA ARG B 70 27.71 -9.53 -10.24
C ARG B 70 27.62 -8.42 -11.28
N ALA B 71 26.49 -8.34 -11.98
CA ALA B 71 26.31 -7.31 -12.99
C ALA B 71 26.51 -5.92 -12.38
N GLY B 72 27.05 -5.01 -13.17
CA GLY B 72 27.28 -3.67 -12.68
C GLY B 72 28.61 -3.07 -13.08
N GLY B 73 29.59 -3.92 -13.37
CA GLY B 73 30.91 -3.45 -13.78
C GLY B 73 30.87 -2.55 -15.01
N PRO B 74 30.27 -3.01 -16.11
CA PRO B 74 30.19 -2.20 -17.32
C PRO B 74 29.45 -0.89 -17.04
N GLY B 75 28.39 -0.98 -16.23
CA GLY B 75 27.61 0.20 -15.89
C GLY B 75 28.44 1.20 -15.13
N GLN B 76 29.14 0.74 -14.09
CA GLN B 76 29.98 1.61 -13.28
C GLN B 76 31.04 2.34 -14.11
N PHE B 77 31.69 1.61 -15.02
CA PHE B 77 32.73 2.20 -15.85
C PHE B 77 32.18 3.22 -16.83
N ALA B 78 31.11 2.87 -17.53
CA ALA B 78 30.51 3.76 -18.51
C ALA B 78 30.09 5.09 -17.88
N HIS B 79 29.63 5.04 -16.63
CA HIS B 79 29.21 6.28 -15.97
C HIS B 79 30.41 7.06 -15.50
N ALA B 80 31.41 6.35 -14.99
CA ALA B 80 32.63 7.01 -14.51
C ALA B 80 33.29 7.72 -15.68
N ARG B 81 33.21 7.12 -16.86
CA ARG B 81 33.81 7.67 -18.07
C ARG B 81 33.12 8.97 -18.46
N GLU B 82 31.80 8.95 -18.38
CA GLU B 82 31.00 10.11 -18.74
C GLU B 82 31.15 11.31 -17.80
N ILE B 83 31.37 11.07 -16.51
CA ILE B 83 31.51 12.17 -15.56
C ILE B 83 32.93 12.61 -15.22
N ALA B 84 33.91 11.75 -15.47
CA ALA B 84 35.31 12.05 -15.18
C ALA B 84 35.83 13.43 -15.63
N PRO B 85 35.42 13.89 -16.82
CA PRO B 85 35.88 15.20 -17.31
C PRO B 85 35.59 16.36 -16.35
N ALA B 86 34.52 16.24 -15.58
CA ALA B 86 34.14 17.30 -14.65
C ALA B 86 35.17 17.56 -13.54
N LEU B 87 36.11 16.63 -13.35
CA LEU B 87 37.13 16.79 -12.32
C LEU B 87 38.27 17.71 -12.74
N ILE B 88 38.55 17.76 -14.03
CA ILE B 88 39.64 18.58 -14.56
C ILE B 88 39.55 20.05 -14.19
N GLY B 89 40.64 20.59 -13.66
CA GLY B 89 40.66 21.99 -13.28
C GLY B 89 40.15 22.28 -11.88
N GLU B 90 39.65 21.26 -11.20
CA GLU B 90 39.11 21.44 -9.85
C GLU B 90 40.18 21.27 -8.76
N ASP B 91 39.94 21.87 -7.60
CA ASP B 91 40.86 21.76 -6.48
C ASP B 91 40.57 20.39 -5.87
N PRO B 92 41.57 19.49 -5.87
CA PRO B 92 41.44 18.14 -5.32
C PRO B 92 41.11 18.05 -3.83
N SER B 93 41.48 19.09 -3.07
CA SER B 93 41.24 19.12 -1.64
C SER B 93 39.76 19.30 -1.22
N ASP B 94 38.95 19.84 -2.11
CA ASP B 94 37.52 20.06 -1.80
C ASP B 94 36.77 18.80 -2.18
N ILE B 95 37.08 17.74 -1.47
CA ILE B 95 36.52 16.43 -1.77
C ILE B 95 35.01 16.33 -1.78
N ALA B 96 34.35 16.75 -0.70
CA ALA B 96 32.90 16.68 -0.62
C ALA B 96 32.25 17.54 -1.71
N LYS B 97 32.83 18.71 -1.96
CA LYS B 97 32.29 19.60 -3.00
C LYS B 97 32.31 18.90 -4.34
N LEU B 98 33.41 18.21 -4.63
CA LEU B 98 33.53 17.50 -5.89
C LEU B 98 32.57 16.32 -5.95
N TRP B 99 32.34 15.67 -4.81
CA TRP B 99 31.43 14.53 -4.76
C TRP B 99 30.06 15.03 -5.23
N ASP B 100 29.64 16.17 -4.68
CA ASP B 100 28.35 16.77 -5.04
C ASP B 100 28.33 17.20 -6.49
N LYS B 101 29.44 17.74 -6.99
CA LYS B 101 29.49 18.17 -8.39
C LYS B 101 29.25 17.00 -9.32
N LEU B 102 29.94 15.89 -9.10
CA LEU B 102 29.78 14.71 -9.95
C LEU B 102 28.40 14.11 -9.84
N CYS B 103 27.79 14.22 -8.66
CA CYS B 103 26.47 13.70 -8.44
C CYS B 103 25.46 14.54 -9.24
N TRP B 104 25.60 15.85 -9.16
CA TRP B 104 24.71 16.75 -9.90
C TRP B 104 24.83 16.47 -11.39
N ALA B 105 26.04 16.19 -11.84
CA ALA B 105 26.29 15.88 -13.25
C ALA B 105 25.39 14.76 -13.74
N GLY B 106 25.06 13.82 -12.85
CA GLY B 106 24.18 12.72 -13.22
C GLY B 106 22.97 12.66 -12.32
N ALA B 107 22.39 13.83 -12.06
CA ALA B 107 21.22 13.94 -11.20
C ALA B 107 20.10 12.95 -11.47
N SER B 108 19.67 12.83 -12.73
CA SER B 108 18.57 11.91 -13.01
C SER B 108 18.95 10.45 -12.72
N ALA B 109 20.23 10.20 -12.47
CA ALA B 109 20.70 8.86 -12.19
C ALA B 109 20.60 8.49 -10.71
N GLY B 110 20.07 9.40 -9.91
CA GLY B 110 19.90 9.14 -8.49
C GLY B 110 21.11 9.44 -7.62
N ARG B 111 20.93 9.27 -6.31
CA ARG B 111 21.98 9.52 -5.35
C ARG B 111 22.41 8.21 -4.70
N SER B 112 22.19 7.10 -5.40
CA SER B 112 22.55 5.79 -4.88
C SER B 112 22.77 4.82 -6.05
N GLY B 113 23.34 3.65 -5.77
CA GLY B 113 23.56 2.69 -6.83
C GLY B 113 24.78 2.92 -7.70
N LEU B 114 24.69 2.47 -8.95
CA LEU B 114 25.80 2.57 -9.89
C LEU B 114 26.46 3.94 -10.05
N SER B 115 25.68 4.99 -10.28
CA SER B 115 26.27 6.30 -10.47
C SER B 115 27.13 6.76 -9.31
N THR B 116 26.64 6.60 -8.07
CA THR B 116 27.43 7.02 -6.93
C THR B 116 28.58 6.06 -6.62
N GLN B 117 28.44 4.79 -6.99
CA GLN B 117 29.54 3.85 -6.77
C GLN B 117 30.68 4.31 -7.70
N ALA B 118 30.31 4.77 -8.90
CA ALA B 118 31.31 5.26 -9.85
C ALA B 118 32.02 6.48 -9.23
N ILE B 119 31.25 7.35 -8.60
CA ILE B 119 31.80 8.54 -7.96
C ILE B 119 32.76 8.11 -6.85
N GLY B 120 32.43 7.02 -6.18
CA GLY B 120 33.26 6.52 -5.10
C GLY B 120 34.69 6.20 -5.49
N ALA B 121 34.91 5.73 -6.71
CA ALA B 121 36.29 5.43 -7.11
C ALA B 121 37.10 6.71 -7.07
N PHE B 122 36.54 7.80 -7.61
CA PHE B 122 37.25 9.08 -7.63
C PHE B 122 37.42 9.63 -6.20
N ASP B 123 36.35 9.52 -5.42
CA ASP B 123 36.35 10.01 -4.04
C ASP B 123 37.51 9.40 -3.26
N VAL B 124 37.67 8.08 -3.34
CA VAL B 124 38.75 7.41 -2.63
C VAL B 124 40.12 7.91 -3.11
N ALA B 125 40.26 8.10 -4.41
CA ALA B 125 41.53 8.58 -4.97
C ALA B 125 41.87 9.96 -4.39
N LEU B 126 40.86 10.81 -4.25
CA LEU B 126 41.06 12.14 -3.69
C LEU B 126 41.49 12.06 -2.23
N TRP B 127 40.90 11.13 -1.48
CA TRP B 127 41.27 10.97 -0.08
C TRP B 127 42.69 10.41 -0.01
N ASP B 128 43.01 9.46 -0.88
CA ASP B 128 44.35 8.87 -0.92
C ASP B 128 45.34 10.00 -1.18
N LEU B 129 45.04 10.82 -2.17
CA LEU B 129 45.88 11.95 -2.55
C LEU B 129 46.08 12.91 -1.39
N LYS B 130 44.99 13.29 -0.73
CA LYS B 130 45.10 14.21 0.39
C LYS B 130 45.95 13.65 1.52
N ALA B 131 45.79 12.37 1.80
CA ALA B 131 46.58 11.75 2.86
C ALA B 131 48.07 11.78 2.47
N LYS B 132 48.35 11.40 1.22
CA LYS B 132 49.74 11.37 0.74
C LYS B 132 50.36 12.75 0.79
N ARG B 133 49.53 13.78 0.61
CA ARG B 133 49.97 15.16 0.65
C ARG B 133 50.53 15.50 2.04
N ALA B 134 49.87 14.97 3.08
CA ALA B 134 50.32 15.23 4.46
C ALA B 134 51.37 14.22 4.93
N GLY B 135 51.70 13.25 4.08
CA GLY B 135 52.68 12.26 4.46
C GLY B 135 52.15 11.32 5.53
N LEU B 136 50.83 11.11 5.52
CA LEU B 136 50.17 10.26 6.51
C LEU B 136 49.36 9.15 5.86
N SER B 137 49.12 8.08 6.61
CA SER B 137 48.29 7.00 6.10
C SER B 137 46.87 7.58 6.17
N LEU B 138 45.91 6.92 5.52
CA LEU B 138 44.55 7.44 5.56
C LEU B 138 44.07 7.47 7.01
N ALA B 139 44.34 6.40 7.75
CA ALA B 139 43.93 6.29 9.16
C ALA B 139 44.42 7.46 10.01
N LYS B 140 45.67 7.85 9.83
CA LYS B 140 46.24 8.95 10.59
C LYS B 140 45.72 10.31 10.14
N LEU B 141 45.38 10.43 8.86
CA LEU B 141 44.85 11.71 8.37
C LEU B 141 43.49 11.93 9.04
N LEU B 142 42.65 10.90 9.02
CA LEU B 142 41.32 10.98 9.63
C LEU B 142 41.43 11.04 11.15
N GLY B 143 42.51 10.46 11.67
CA GLY B 143 42.71 10.42 13.10
C GLY B 143 42.27 9.02 13.49
N SER B 144 43.13 8.27 14.17
CA SER B 144 42.76 6.91 14.53
C SER B 144 42.68 6.72 16.04
N TYR B 145 42.07 5.60 16.43
CA TYR B 145 41.90 5.23 17.83
C TYR B 145 42.71 3.97 18.17
N ARG B 146 43.17 3.26 17.16
CA ARG B 146 43.95 2.03 17.35
C ARG B 146 44.96 1.82 16.23
N ASP B 147 46.02 1.05 16.52
CA ASP B 147 47.03 0.78 15.51
C ASP B 147 46.79 -0.56 14.83
N SER B 148 45.78 -1.29 15.28
CA SER B 148 45.43 -2.57 14.69
C SER B 148 43.95 -2.81 14.98
N VAL B 149 43.30 -3.61 14.14
CA VAL B 149 41.87 -3.89 14.26
C VAL B 149 41.57 -5.39 14.28
N ARG B 150 40.66 -5.80 15.15
CA ARG B 150 40.28 -7.21 15.24
C ARG B 150 39.83 -7.65 13.85
N CYS B 151 40.25 -8.84 13.43
CA CYS B 151 39.88 -9.32 12.12
C CYS B 151 39.34 -10.75 12.18
N TYR B 152 38.61 -11.13 11.15
CA TYR B 152 38.04 -12.46 11.06
C TYR B 152 37.98 -12.85 9.59
N ASN B 153 37.71 -14.11 9.32
CA ASN B 153 37.57 -14.58 7.95
C ASN B 153 36.59 -15.72 7.89
N THR B 154 36.27 -16.15 6.67
CA THR B 154 35.32 -17.24 6.44
C THR B 154 36.08 -18.54 6.18
N SER B 155 37.41 -18.45 6.17
CA SER B 155 38.28 -19.61 5.93
C SER B 155 37.79 -20.48 4.77
N GLY B 156 37.37 -19.83 3.68
CA GLY B 156 36.90 -20.57 2.52
C GLY B 156 35.81 -21.57 2.86
N GLY B 157 34.79 -21.09 3.56
CA GLY B 157 33.68 -21.96 3.91
C GLY B 157 32.38 -21.50 3.29
N PHE B 158 31.55 -22.47 2.91
CA PHE B 158 30.26 -22.20 2.30
C PHE B 158 29.27 -23.27 2.78
N LEU B 159 28.02 -23.12 2.40
CA LEU B 159 26.99 -24.09 2.80
C LEU B 159 27.25 -25.49 2.23
N HIS B 160 28.31 -25.62 1.43
CA HIS B 160 28.64 -26.91 0.84
C HIS B 160 29.95 -27.46 1.40
N THR B 161 30.78 -26.59 1.98
CA THR B 161 32.06 -26.99 2.54
C THR B 161 31.83 -27.98 3.68
N PRO B 162 32.18 -29.26 3.46
CA PRO B 162 32.01 -30.27 4.49
C PRO B 162 32.63 -29.80 5.80
N ILE B 163 31.86 -29.88 6.88
CA ILE B 163 32.34 -29.44 8.19
C ILE B 163 33.82 -29.77 8.37
N ASP B 164 34.24 -30.90 7.83
CA ASP B 164 35.62 -31.35 7.91
C ASP B 164 36.57 -30.29 7.36
N GLN B 165 36.50 -30.08 6.06
CA GLN B 165 37.34 -29.09 5.40
C GLN B 165 37.16 -27.71 6.02
N LEU B 166 35.92 -27.42 6.41
CA LEU B 166 35.60 -26.13 7.02
C LEU B 166 36.42 -25.93 8.28
N MET B 167 36.43 -26.93 9.15
CA MET B 167 37.17 -26.86 10.41
C MET B 167 38.69 -26.84 10.19
N VAL B 168 39.14 -27.46 9.11
CA VAL B 168 40.56 -27.49 8.79
C VAL B 168 41.01 -26.06 8.49
N ASN B 169 40.27 -25.41 7.61
CA ASN B 169 40.58 -24.04 7.21
C ASN B 169 40.55 -23.08 8.40
N ALA B 170 39.52 -23.20 9.23
CA ALA B 170 39.38 -22.34 10.40
C ALA B 170 40.62 -22.43 11.30
N SER B 171 41.07 -23.65 11.56
CA SER B 171 42.24 -23.87 12.40
C SER B 171 43.47 -23.24 11.78
N ALA B 172 43.62 -23.40 10.47
CA ALA B 172 44.74 -22.84 9.75
C ALA B 172 44.75 -21.31 9.90
N SER B 173 43.59 -20.70 9.70
CA SER B 173 43.45 -19.26 9.81
C SER B 173 43.80 -18.77 11.21
N ILE B 174 43.33 -19.48 12.22
CA ILE B 174 43.63 -19.09 13.59
C ILE B 174 45.14 -19.12 13.80
N GLU B 175 45.79 -20.10 13.18
CA GLU B 175 47.25 -20.21 13.32
C GLU B 175 47.94 -19.02 12.66
N ARG B 176 47.41 -18.57 11.52
CA ARG B 176 47.98 -17.44 10.81
C ARG B 176 47.72 -16.12 11.54
N GLY B 177 46.96 -16.17 12.64
CA GLY B 177 46.69 -14.96 13.40
C GLY B 177 45.30 -14.34 13.29
N ILE B 178 44.36 -15.02 12.62
CA ILE B 178 43.01 -14.48 12.46
C ILE B 178 42.30 -14.43 13.82
N GLY B 179 41.49 -13.40 14.04
CA GLY B 179 40.82 -13.24 15.32
C GLY B 179 39.41 -13.78 15.45
N GLY B 180 38.87 -14.35 14.37
CA GLY B 180 37.53 -14.88 14.43
C GLY B 180 37.18 -15.61 13.16
N ILE B 181 36.08 -16.36 13.22
CA ILE B 181 35.62 -17.13 12.08
C ILE B 181 34.15 -16.87 11.79
N LYS B 182 33.82 -16.55 10.54
CA LYS B 182 32.44 -16.35 10.18
C LYS B 182 31.97 -17.51 9.31
N LEU B 183 30.92 -18.19 9.76
CA LEU B 183 30.37 -19.34 9.06
C LEU B 183 29.08 -18.98 8.31
N LYS B 184 28.96 -19.51 7.09
CA LYS B 184 27.79 -19.27 6.25
C LYS B 184 26.64 -20.20 6.63
N VAL B 185 25.45 -19.64 6.81
CA VAL B 185 24.27 -20.43 7.16
C VAL B 185 23.09 -19.90 6.36
N GLY B 186 21.92 -20.49 6.58
CA GLY B 186 20.73 -20.07 5.86
C GLY B 186 20.18 -21.11 4.91
N GLN B 187 20.37 -22.38 5.26
CA GLN B 187 19.88 -23.47 4.43
C GLN B 187 18.54 -23.99 4.97
N PRO B 188 17.68 -24.50 4.09
CA PRO B 188 16.36 -25.03 4.49
C PRO B 188 16.37 -25.80 5.82
N ASP B 189 17.39 -26.64 6.02
CA ASP B 189 17.48 -27.42 7.25
C ASP B 189 18.32 -26.68 8.31
N GLY B 190 17.63 -25.99 9.20
CA GLY B 190 18.31 -25.24 10.25
C GLY B 190 19.05 -26.10 11.26
N ALA B 191 18.49 -27.27 11.58
CA ALA B 191 19.12 -28.17 12.53
C ALA B 191 20.54 -28.47 12.03
N LEU B 192 20.65 -28.55 10.71
CA LEU B 192 21.93 -28.81 10.05
C LEU B 192 22.92 -27.71 10.42
N ASP B 193 22.57 -26.46 10.09
CA ASP B 193 23.44 -25.33 10.38
C ASP B 193 23.84 -25.31 11.84
N ILE B 194 22.89 -25.63 12.71
CA ILE B 194 23.15 -25.64 14.14
C ILE B 194 24.23 -26.67 14.47
N ALA B 195 24.08 -27.85 13.91
CA ALA B 195 25.04 -28.92 14.15
C ALA B 195 26.43 -28.46 13.72
N ARG B 196 26.51 -27.89 12.53
CA ARG B 196 27.78 -27.39 11.98
C ARG B 196 28.45 -26.39 12.92
N VAL B 197 27.73 -25.32 13.25
CA VAL B 197 28.26 -24.29 14.13
C VAL B 197 28.72 -24.94 15.44
N THR B 198 27.95 -25.91 15.91
CA THR B 198 28.29 -26.62 17.14
C THR B 198 29.64 -27.32 16.93
N ALA B 199 29.76 -28.03 15.83
CA ALA B 199 30.98 -28.75 15.50
C ALA B 199 32.17 -27.79 15.55
N VAL B 200 32.10 -26.74 14.74
CA VAL B 200 33.16 -25.73 14.69
C VAL B 200 33.47 -25.21 16.08
N ARG B 201 32.44 -24.86 16.84
CA ARG B 201 32.61 -24.36 18.19
C ARG B 201 33.36 -25.38 19.04
N LYS B 202 32.96 -26.65 18.92
CA LYS B 202 33.60 -27.71 19.68
C LYS B 202 35.05 -27.83 19.22
N HIS B 203 35.24 -27.95 17.91
CA HIS B 203 36.56 -28.09 17.33
C HIS B 203 37.51 -26.95 17.69
N LEU B 204 37.01 -25.72 17.66
CA LEU B 204 37.85 -24.55 17.97
C LEU B 204 37.93 -24.14 19.43
N GLY B 205 36.85 -24.38 20.18
CA GLY B 205 36.85 -23.99 21.59
C GLY B 205 36.15 -22.67 21.82
N ASP B 206 35.70 -22.45 23.05
CA ASP B 206 34.99 -21.22 23.40
C ASP B 206 35.82 -19.94 23.26
N ALA B 207 37.13 -20.08 23.21
CA ALA B 207 38.01 -18.92 23.11
C ALA B 207 38.11 -18.29 21.72
N VAL B 208 37.50 -18.91 20.72
CA VAL B 208 37.55 -18.38 19.37
C VAL B 208 36.24 -17.73 18.97
N PRO B 209 36.24 -16.41 18.79
CA PRO B 209 35.01 -15.70 18.41
C PRO B 209 34.41 -16.28 17.13
N LEU B 210 33.09 -16.49 17.13
CA LEU B 210 32.38 -17.04 15.99
C LEU B 210 31.22 -16.14 15.55
N MET B 211 31.05 -16.04 14.23
CA MET B 211 29.95 -15.26 13.66
C MET B 211 29.29 -16.11 12.60
N VAL B 212 28.03 -15.82 12.30
CA VAL B 212 27.32 -16.53 11.25
C VAL B 212 26.69 -15.51 10.31
N ASP B 213 26.63 -15.86 9.03
CA ASP B 213 26.06 -15.00 8.01
C ASP B 213 24.93 -15.79 7.33
N ALA B 214 23.71 -15.28 7.39
CA ALA B 214 22.57 -15.96 6.80
C ALA B 214 22.29 -15.50 5.37
N ASN B 215 22.99 -14.45 4.95
CA ASN B 215 22.83 -13.91 3.60
C ASN B 215 21.37 -13.70 3.14
N GLN B 216 20.59 -13.03 3.97
CA GLN B 216 19.19 -12.71 3.65
C GLN B 216 18.28 -13.90 3.37
N GLN B 217 18.71 -15.10 3.74
CA GLN B 217 17.95 -16.30 3.46
C GLN B 217 16.81 -16.71 4.37
N TRP B 218 16.62 -16.01 5.49
CA TRP B 218 15.53 -16.38 6.38
C TRP B 218 14.33 -15.47 6.30
N ASP B 219 13.14 -16.03 6.47
CA ASP B 219 11.94 -15.21 6.49
C ASP B 219 11.88 -14.80 7.97
N ARG B 220 10.94 -13.94 8.33
CA ARG B 220 10.86 -13.47 9.71
C ARG B 220 10.71 -14.54 10.78
N PRO B 221 9.73 -15.44 10.63
CA PRO B 221 9.54 -16.49 11.65
C PRO B 221 10.76 -17.40 11.81
N THR B 222 11.32 -17.84 10.70
CA THR B 222 12.50 -18.69 10.72
C THR B 222 13.67 -17.96 11.38
N ALA B 223 13.85 -16.69 11.04
CA ALA B 223 14.93 -15.89 11.62
C ALA B 223 14.79 -15.84 13.14
N GLN B 224 13.54 -15.73 13.60
CA GLN B 224 13.26 -15.68 15.04
C GLN B 224 13.73 -16.96 15.71
N ARG B 225 13.27 -18.07 15.18
CA ARG B 225 13.62 -19.38 15.73
C ARG B 225 15.11 -19.70 15.64
N MET B 226 15.75 -19.34 14.52
CA MET B 226 17.17 -19.59 14.38
C MET B 226 17.98 -18.73 15.35
N CYS B 227 17.57 -17.47 15.53
CA CYS B 227 18.28 -16.60 16.45
C CYS B 227 18.11 -17.08 17.89
N ARG B 228 16.94 -17.63 18.22
CA ARG B 228 16.73 -18.09 19.58
C ARG B 228 17.69 -19.24 19.87
N ILE B 229 17.80 -20.17 18.93
CA ILE B 229 18.68 -21.31 19.09
C ILE B 229 20.15 -20.87 19.24
N PHE B 230 20.57 -19.91 18.42
CA PHE B 230 21.96 -19.44 18.48
C PHE B 230 22.33 -18.63 19.73
N GLU B 231 21.34 -18.08 20.42
CA GLU B 231 21.62 -17.28 21.62
C GLU B 231 22.68 -17.90 22.55
N PRO B 232 22.50 -19.17 22.93
CA PRO B 232 23.45 -19.87 23.81
C PRO B 232 24.89 -19.87 23.30
N PHE B 233 25.04 -19.88 21.98
CA PHE B 233 26.35 -19.89 21.36
C PHE B 233 27.21 -18.67 21.67
N ASN B 234 26.58 -17.55 22.00
CA ASN B 234 27.30 -16.33 22.31
C ASN B 234 28.15 -15.86 21.11
N LEU B 235 27.53 -15.88 19.93
CA LEU B 235 28.19 -15.46 18.70
C LEU B 235 28.48 -13.95 18.75
N VAL B 236 29.49 -13.51 18.02
CA VAL B 236 29.82 -12.08 17.98
C VAL B 236 28.63 -11.39 17.31
N TRP B 237 28.05 -12.05 16.32
CA TRP B 237 26.86 -11.53 15.65
C TRP B 237 26.23 -12.52 14.70
N ILE B 238 25.02 -12.19 14.28
CA ILE B 238 24.28 -12.96 13.31
C ILE B 238 24.07 -11.92 12.21
N GLU B 239 24.60 -12.21 11.03
CA GLU B 239 24.57 -11.29 9.90
C GLU B 239 23.50 -11.51 8.82
N GLU B 240 22.87 -10.42 8.40
CA GLU B 240 21.85 -10.46 7.37
C GLU B 240 20.85 -11.61 7.50
N PRO B 241 20.17 -11.71 8.65
CA PRO B 241 19.22 -12.81 8.77
C PRO B 241 18.01 -12.60 7.86
N LEU B 242 17.67 -11.34 7.58
CA LEU B 242 16.53 -11.02 6.73
C LEU B 242 16.92 -10.21 5.49
N ASP B 243 15.93 -9.90 4.67
CA ASP B 243 16.15 -9.09 3.48
C ASP B 243 16.83 -7.81 3.94
N ALA B 244 17.77 -7.31 3.13
CA ALA B 244 18.52 -6.11 3.46
C ALA B 244 17.68 -4.87 3.75
N TYR B 245 16.47 -4.82 3.19
CA TYR B 245 15.62 -3.66 3.39
C TYR B 245 14.50 -3.86 4.41
N ASP B 246 14.51 -5.00 5.09
CA ASP B 246 13.49 -5.25 6.10
C ASP B 246 13.97 -4.66 7.44
N HIS B 247 14.05 -3.35 7.51
CA HIS B 247 14.50 -2.65 8.70
C HIS B 247 13.65 -2.97 9.93
N GLU B 248 12.33 -3.00 9.74
CA GLU B 248 11.44 -3.31 10.85
C GLU B 248 11.69 -4.74 11.34
N GLY B 249 11.91 -5.66 10.41
CA GLY B 249 12.18 -7.03 10.80
C GLY B 249 13.48 -7.15 11.58
N HIS B 250 14.54 -6.49 11.09
CA HIS B 250 15.83 -6.54 11.77
C HIS B 250 15.80 -5.87 13.13
N ALA B 251 15.07 -4.76 13.24
CA ALA B 251 14.98 -4.05 14.50
C ALA B 251 14.30 -4.90 15.57
N ALA B 252 13.22 -5.59 15.19
CA ALA B 252 12.49 -6.44 16.12
C ALA B 252 13.39 -7.59 16.61
N LEU B 253 14.19 -8.17 15.72
CA LEU B 253 15.11 -9.25 16.07
C LEU B 253 16.13 -8.74 17.08
N ALA B 254 16.75 -7.61 16.74
CA ALA B 254 17.78 -7.03 17.59
C ALA B 254 17.24 -6.70 18.99
N LEU B 255 16.04 -6.14 19.02
CA LEU B 255 15.43 -5.76 20.28
C LEU B 255 15.26 -6.98 21.19
N GLN B 256 14.78 -8.07 20.60
CA GLN B 256 14.53 -9.30 21.33
C GLN B 256 15.72 -10.16 21.74
N PHE B 257 16.75 -10.23 20.90
CA PHE B 257 17.90 -11.08 21.22
C PHE B 257 19.15 -10.35 21.69
N ASP B 258 19.89 -11.01 22.59
CA ASP B 258 21.13 -10.46 23.12
C ASP B 258 22.19 -10.48 22.04
N THR B 259 22.20 -11.54 21.24
CA THR B 259 23.17 -11.68 20.15
C THR B 259 23.03 -10.51 19.19
N PRO B 260 24.13 -9.79 18.93
CA PRO B 260 24.06 -8.65 18.01
C PRO B 260 23.63 -9.09 16.62
N ILE B 261 22.89 -8.21 15.95
CA ILE B 261 22.45 -8.44 14.58
C ILE B 261 23.28 -7.48 13.73
N ALA B 262 23.85 -8.00 12.65
CA ALA B 262 24.69 -7.20 11.76
C ALA B 262 24.11 -7.21 10.36
N THR B 263 24.17 -6.06 9.70
CA THR B 263 23.67 -5.94 8.34
C THR B 263 24.08 -4.60 7.75
N GLY B 264 23.81 -4.42 6.47
CA GLY B 264 24.13 -3.18 5.81
C GLY B 264 25.00 -3.28 4.58
N GLU B 265 25.60 -4.45 4.35
CA GLU B 265 26.50 -4.64 3.21
C GLU B 265 25.87 -4.39 1.84
N MET B 266 24.56 -4.61 1.71
CA MET B 266 23.89 -4.42 0.43
C MET B 266 23.39 -3.00 0.19
N LEU B 267 23.48 -2.13 1.21
CA LEU B 267 23.00 -0.75 1.05
C LEU B 267 23.98 0.09 0.22
N THR B 268 23.45 0.97 -0.63
CA THR B 268 24.30 1.77 -1.50
C THR B 268 24.26 3.29 -1.32
N SER B 269 23.93 3.75 -0.12
CA SER B 269 23.87 5.17 0.15
C SER B 269 23.80 5.49 1.64
N ALA B 270 24.26 6.68 2.01
CA ALA B 270 24.22 7.09 3.39
C ALA B 270 22.76 7.11 3.84
N ALA B 271 21.88 7.56 2.97
CA ALA B 271 20.45 7.62 3.27
C ALA B 271 19.90 6.26 3.69
N GLU B 272 20.25 5.21 2.95
CA GLU B 272 19.75 3.88 3.28
C GLU B 272 20.26 3.46 4.66
N HIS B 273 21.54 3.72 4.94
CA HIS B 273 22.08 3.36 6.24
C HIS B 273 21.39 4.20 7.30
N GLY B 274 21.09 5.45 6.95
CA GLY B 274 20.40 6.33 7.89
C GLY B 274 19.08 5.70 8.33
N ASP B 275 18.36 5.09 7.38
CA ASP B 275 17.10 4.44 7.70
C ASP B 275 17.32 3.31 8.70
N LEU B 276 18.32 2.49 8.39
CA LEU B 276 18.68 1.36 9.22
C LEU B 276 18.94 1.85 10.65
N ILE B 277 19.75 2.89 10.77
CA ILE B 277 20.10 3.47 12.05
C ILE B 277 18.87 4.03 12.75
N ARG B 278 17.99 4.67 11.98
CA ARG B 278 16.77 5.26 12.53
C ARG B 278 15.88 4.16 13.13
N HIS B 279 15.81 3.01 12.47
CA HIS B 279 15.01 1.88 12.95
C HIS B 279 15.68 1.10 14.06
N ARG B 280 16.97 1.38 14.29
CA ARG B 280 17.75 0.67 15.29
C ARG B 280 17.74 -0.80 14.85
N ALA B 281 17.90 -0.99 13.55
CA ALA B 281 17.89 -2.32 12.93
C ALA B 281 19.20 -3.08 12.96
N ALA B 282 20.24 -2.53 13.60
CA ALA B 282 21.51 -3.23 13.66
C ALA B 282 22.41 -2.79 14.80
N ASP B 283 22.99 -3.78 15.46
CA ASP B 283 23.91 -3.56 16.55
C ASP B 283 25.27 -3.27 15.91
N TYR B 284 25.56 -4.01 14.84
CA TYR B 284 26.78 -3.85 14.06
C TYR B 284 26.39 -3.37 12.66
N LEU B 285 26.83 -2.18 12.29
CA LEU B 285 26.51 -1.64 10.97
C LEU B 285 27.64 -2.07 10.06
N MET B 286 27.30 -2.56 8.87
CA MET B 286 28.30 -3.04 7.94
C MET B 286 28.34 -2.28 6.61
N PRO B 287 28.76 -1.01 6.65
CA PRO B 287 28.82 -0.25 5.40
C PRO B 287 30.02 -0.69 4.57
N ASP B 288 29.87 -0.55 3.27
CA ASP B 288 30.88 -0.90 2.28
C ASP B 288 31.17 0.42 1.56
N ALA B 289 32.29 1.07 1.91
CA ALA B 289 32.66 2.35 1.33
C ALA B 289 32.44 2.43 -0.18
N PRO B 290 33.01 1.49 -0.94
CA PRO B 290 32.82 1.51 -2.39
C PRO B 290 31.35 1.46 -2.78
N ARG B 291 30.59 0.58 -2.12
CA ARG B 291 29.17 0.44 -2.43
C ARG B 291 28.32 1.66 -2.10
N VAL B 292 28.76 2.48 -1.14
CA VAL B 292 27.97 3.64 -0.76
C VAL B 292 28.41 4.98 -1.36
N GLY B 293 29.39 4.95 -2.26
CA GLY B 293 29.84 6.19 -2.87
C GLY B 293 31.20 6.70 -2.41
N GLY B 294 31.97 5.84 -1.75
CA GLY B 294 33.29 6.25 -1.30
C GLY B 294 33.43 6.58 0.18
N ILE B 295 34.57 7.18 0.51
CA ILE B 295 34.89 7.56 1.87
C ILE B 295 34.01 8.68 2.42
N THR B 296 33.76 9.69 1.59
CA THR B 296 32.93 10.82 1.99
C THR B 296 31.58 10.37 2.57
N PRO B 297 30.78 9.61 1.82
CA PRO B 297 29.52 9.19 2.42
C PRO B 297 29.73 8.19 3.58
N PHE B 298 30.81 7.39 3.52
CA PHE B 298 31.08 6.44 4.59
C PHE B 298 31.26 7.16 5.92
N LEU B 299 31.99 8.27 5.90
CA LEU B 299 32.22 9.05 7.13
C LEU B 299 30.92 9.62 7.69
N LYS B 300 29.99 9.99 6.81
CA LYS B 300 28.71 10.51 7.26
C LYS B 300 27.99 9.38 8.00
N ILE B 301 28.03 8.19 7.41
CA ILE B 301 27.40 7.01 8.00
C ILE B 301 28.02 6.67 9.34
N ALA B 302 29.35 6.69 9.40
CA ALA B 302 30.08 6.39 10.62
C ALA B 302 29.71 7.38 11.72
N SER B 303 29.53 8.64 11.33
CA SER B 303 29.16 9.70 12.26
C SER B 303 27.76 9.43 12.84
N LEU B 304 26.82 9.04 11.98
CA LEU B 304 25.46 8.74 12.44
C LEU B 304 25.49 7.51 13.38
N ALA B 305 26.27 6.51 12.99
CA ALA B 305 26.38 5.28 13.77
C ALA B 305 26.99 5.56 15.14
N GLU B 306 28.04 6.37 15.18
CA GLU B 306 28.69 6.71 16.42
C GLU B 306 27.68 7.41 17.35
N HIS B 307 26.95 8.37 16.78
CA HIS B 307 25.95 9.12 17.54
C HIS B 307 24.86 8.20 18.09
N ALA B 308 24.44 7.21 17.30
CA ALA B 308 23.41 6.27 17.73
C ALA B 308 23.96 5.22 18.68
N GLY B 309 25.26 5.26 18.93
CA GLY B 309 25.88 4.31 19.84
C GLY B 309 26.13 2.91 19.32
N LEU B 310 26.22 2.78 18.00
CA LEU B 310 26.42 1.47 17.40
C LEU B 310 27.88 1.09 17.19
N MET B 311 28.08 -0.16 16.79
CA MET B 311 29.40 -0.70 16.51
C MET B 311 29.54 -0.84 15.01
N LEU B 312 30.78 -0.86 14.54
CA LEU B 312 31.05 -0.94 13.10
C LEU B 312 31.78 -2.20 12.67
N ALA B 313 31.35 -2.79 11.57
CA ALA B 313 32.00 -3.98 10.99
C ALA B 313 31.91 -3.80 9.47
N PRO B 314 32.79 -2.95 8.91
CA PRO B 314 32.82 -2.67 7.46
C PRO B 314 32.86 -3.94 6.62
N HIS B 315 32.17 -3.91 5.49
CA HIS B 315 32.11 -5.06 4.62
C HIS B 315 33.11 -5.03 3.47
N PHE B 316 33.81 -6.14 3.28
CA PHE B 316 34.80 -6.32 2.21
C PHE B 316 35.97 -5.34 2.22
N ALA B 317 36.58 -5.15 1.04
CA ALA B 317 37.72 -4.25 0.81
C ALA B 317 38.52 -3.88 2.05
N MET B 318 39.19 -4.86 2.64
CA MET B 318 39.98 -4.63 3.84
C MET B 318 41.11 -3.62 3.63
N GLU B 319 41.64 -3.53 2.41
CA GLU B 319 42.73 -2.61 2.10
C GLU B 319 42.30 -1.18 2.40
N LEU B 320 41.01 -0.93 2.22
CA LEU B 320 40.46 0.38 2.48
C LEU B 320 39.86 0.46 3.88
N HIS B 321 38.97 -0.47 4.20
CA HIS B 321 38.31 -0.46 5.51
C HIS B 321 39.20 -0.56 6.74
N VAL B 322 40.39 -1.13 6.61
CA VAL B 322 41.27 -1.22 7.77
C VAL B 322 41.55 0.18 8.31
N HIS B 323 41.70 1.15 7.39
CA HIS B 323 41.94 2.54 7.78
C HIS B 323 40.67 3.18 8.37
N LEU B 324 39.53 2.95 7.72
CA LEU B 324 38.27 3.53 8.19
C LEU B 324 37.90 2.95 9.55
N ALA B 325 38.10 1.65 9.72
CA ALA B 325 37.81 1.00 10.99
C ALA B 325 38.73 1.55 12.09
N ALA B 326 39.98 1.85 11.72
CA ALA B 326 40.93 2.37 12.69
C ALA B 326 40.49 3.70 13.30
N ALA B 327 39.72 4.47 12.52
CA ALA B 327 39.25 5.77 12.96
C ALA B 327 37.90 5.78 13.65
N TYR B 328 37.32 4.61 13.91
CA TYR B 328 36.01 4.55 14.58
C TYR B 328 36.26 4.42 16.09
N PRO B 329 35.53 5.20 16.91
CA PRO B 329 35.67 5.18 18.36
C PRO B 329 35.55 3.84 19.11
N ARG B 330 34.55 3.03 18.76
CA ARG B 330 34.34 1.74 19.42
C ARG B 330 35.00 0.59 18.65
N GLU B 331 35.56 -0.37 19.38
CA GLU B 331 36.24 -1.52 18.77
C GLU B 331 35.48 -2.18 17.63
N PRO B 332 35.97 -2.03 16.39
CA PRO B 332 35.32 -2.62 15.21
C PRO B 332 35.94 -3.94 14.76
N TRP B 333 35.32 -4.56 13.76
CA TRP B 333 35.83 -5.80 13.18
C TRP B 333 35.96 -5.59 11.66
N VAL B 334 37.03 -6.11 11.09
CA VAL B 334 37.25 -6.03 9.64
C VAL B 334 37.44 -7.44 9.14
N GLU B 335 36.85 -7.77 7.99
CA GLU B 335 36.98 -9.11 7.45
C GLU B 335 38.20 -9.25 6.57
N HIS B 336 38.89 -10.38 6.71
CA HIS B 336 40.09 -10.65 5.93
C HIS B 336 39.80 -11.57 4.74
N PHE B 337 39.89 -10.99 3.55
CA PHE B 337 39.68 -11.70 2.29
C PHE B 337 41.01 -11.57 1.56
N GLU B 338 41.41 -12.60 0.82
CA GLU B 338 42.66 -12.51 0.07
C GLU B 338 42.37 -12.24 -1.40
N TRP B 339 41.08 -12.21 -1.74
CA TRP B 339 40.61 -11.97 -3.11
C TRP B 339 41.22 -10.80 -3.86
N LEU B 340 41.50 -9.69 -3.17
CA LEU B 340 42.04 -8.51 -3.85
C LEU B 340 43.55 -8.36 -3.84
N GLU B 341 44.23 -9.18 -3.05
CA GLU B 341 45.68 -9.10 -2.95
C GLU B 341 46.48 -9.02 -4.25
N PRO B 342 46.15 -9.85 -5.25
CA PRO B 342 46.89 -9.81 -6.51
C PRO B 342 46.75 -8.53 -7.34
N LEU B 343 45.95 -7.59 -6.84
CA LEU B 343 45.75 -6.33 -7.54
C LEU B 343 46.78 -5.32 -7.07
N PHE B 344 47.36 -5.56 -5.90
CA PHE B 344 48.32 -4.65 -5.32
C PHE B 344 49.68 -5.31 -5.00
N ASN B 345 50.69 -4.49 -4.73
CA ASN B 345 52.03 -4.97 -4.42
C ASN B 345 52.22 -5.15 -2.92
N GLU B 346 51.53 -4.34 -2.14
CA GLU B 346 51.62 -4.38 -0.69
C GLU B 346 50.68 -5.43 -0.10
N ARG B 347 50.95 -5.84 1.14
CA ARG B 347 50.13 -6.84 1.80
C ARG B 347 49.76 -6.41 3.22
N ILE B 348 48.61 -6.87 3.71
CA ILE B 348 48.18 -6.53 5.05
C ILE B 348 48.81 -7.52 6.03
N GLU B 349 49.30 -7.02 7.15
CA GLU B 349 49.91 -7.88 8.16
C GLU B 349 48.90 -8.22 9.25
N ILE B 350 48.94 -9.45 9.73
CA ILE B 350 48.02 -9.88 10.78
C ILE B 350 48.68 -10.78 11.81
N ARG B 351 48.30 -10.60 13.08
CA ARG B 351 48.82 -11.42 14.15
C ARG B 351 48.11 -11.17 15.46
N ASP B 352 47.99 -12.22 16.26
CA ASP B 352 47.33 -12.14 17.54
C ASP B 352 45.87 -11.70 17.41
N GLY B 353 45.21 -12.17 16.35
CA GLY B 353 43.81 -11.84 16.12
C GLY B 353 43.52 -10.42 15.63
N ARG B 354 44.55 -9.70 15.21
CA ARG B 354 44.36 -8.33 14.73
C ARG B 354 45.06 -7.99 13.42
N MET B 355 44.42 -7.11 12.66
CA MET B 355 44.92 -6.65 11.38
C MET B 355 45.70 -5.36 11.65
N LEU B 356 46.94 -5.30 11.21
CA LEU B 356 47.75 -4.11 11.45
C LEU B 356 47.37 -3.01 10.47
N VAL B 357 47.17 -1.81 10.99
CA VAL B 357 46.83 -0.68 10.13
C VAL B 357 48.11 -0.23 9.42
N PRO B 358 48.08 -0.19 8.08
CA PRO B 358 49.26 0.24 7.32
C PRO B 358 49.77 1.61 7.76
N THR B 359 51.08 1.77 7.80
CA THR B 359 51.67 3.05 8.20
C THR B 359 52.17 3.85 7.02
N ARG B 360 52.04 3.30 5.81
CA ARG B 360 52.48 3.98 4.59
C ARG B 360 51.51 5.12 4.23
N PRO B 361 51.96 6.10 3.44
CA PRO B 361 51.13 7.24 3.04
C PRO B 361 49.87 6.84 2.29
N GLY B 362 48.78 7.56 2.54
CA GLY B 362 47.51 7.27 1.88
C GLY B 362 47.00 5.88 2.19
N LEU B 363 46.45 5.23 1.17
CA LEU B 363 45.94 3.87 1.33
C LEU B 363 47.11 2.90 1.37
N GLY B 364 48.30 3.40 1.04
CA GLY B 364 49.49 2.55 1.03
C GLY B 364 49.38 1.47 -0.03
N LEU B 365 48.74 1.81 -1.15
CA LEU B 365 48.55 0.85 -2.23
C LEU B 365 49.11 1.31 -3.58
N THR B 366 49.60 0.35 -4.35
CA THR B 366 50.13 0.60 -5.69
C THR B 366 49.67 -0.57 -6.54
N LEU B 367 49.30 -0.30 -7.79
CA LEU B 367 48.82 -1.35 -8.66
C LEU B 367 49.93 -2.33 -9.06
N SER B 368 49.59 -3.60 -9.13
CA SER B 368 50.55 -4.62 -9.51
C SER B 368 50.58 -4.69 -11.03
N GLY B 369 51.49 -5.51 -11.57
CA GLY B 369 51.59 -5.65 -13.00
C GLY B 369 50.42 -6.38 -13.63
N GLN B 370 49.74 -7.21 -12.84
CA GLN B 370 48.60 -7.97 -13.35
C GLN B 370 47.36 -7.15 -13.66
N VAL B 371 47.24 -5.97 -13.05
CA VAL B 371 46.08 -5.12 -13.29
C VAL B 371 45.93 -4.84 -14.78
N LYS B 372 47.03 -4.44 -15.41
CA LYS B 372 47.03 -4.15 -16.85
C LYS B 372 46.51 -5.39 -17.57
N ALA B 373 47.04 -6.54 -17.18
CA ALA B 373 46.66 -7.81 -17.79
C ALA B 373 45.16 -8.06 -17.73
N TRP B 374 44.55 -7.77 -16.58
CA TRP B 374 43.12 -8.00 -16.40
C TRP B 374 42.20 -6.83 -16.73
N THR B 375 42.77 -5.74 -17.24
CA THR B 375 41.98 -4.55 -17.59
C THR B 375 41.27 -4.73 -18.93
N ARG B 376 39.93 -4.67 -18.92
CA ARG B 376 39.16 -4.82 -20.15
C ARG B 376 38.75 -3.49 -20.77
N GLU B 377 38.64 -2.46 -19.94
CA GLU B 377 38.24 -1.14 -20.41
C GLU B 377 39.04 -0.05 -19.72
N GLU B 378 39.35 1.00 -20.46
CA GLU B 378 40.08 2.13 -19.89
C GLU B 378 39.84 3.42 -20.65
N ALA B 379 40.10 4.53 -19.97
CA ALA B 379 39.91 5.84 -20.57
C ALA B 379 40.64 6.83 -19.70
N GLN B 380 41.07 7.93 -20.29
CA GLN B 380 41.75 8.96 -19.53
C GLN B 380 41.47 10.32 -20.14
N VAL B 381 41.63 11.36 -19.33
CA VAL B 381 41.39 12.73 -19.79
C VAL B 381 42.40 13.65 -19.11
N GLY B 382 42.75 14.74 -19.80
CA GLY B 382 43.71 15.67 -19.24
C GLY B 382 45.13 15.39 -19.72
N THR B 383 46.11 15.99 -19.06
CA THR B 383 47.51 15.81 -19.44
C THR B 383 48.41 15.53 -18.23
N ARG B 384 49.43 14.71 -18.43
CA ARG B 384 50.37 14.38 -17.36
C ARG B 384 51.67 15.16 -17.54
N SER C 12 2.90 -22.67 -22.06
CA SER C 12 3.03 -21.22 -21.76
C SER C 12 4.01 -20.54 -22.70
N ASP C 13 3.87 -19.23 -22.85
CA ASP C 13 4.73 -18.44 -23.73
C ASP C 13 6.10 -18.17 -23.09
N ARG C 14 7.10 -17.86 -23.92
CA ARG C 14 8.44 -17.59 -23.42
C ARG C 14 9.16 -16.52 -24.26
N ILE C 15 10.00 -15.72 -23.60
CA ILE C 15 10.77 -14.67 -24.27
C ILE C 15 11.88 -15.34 -25.09
N THR C 16 11.97 -14.99 -26.37
CA THR C 16 12.98 -15.59 -27.23
C THR C 16 13.94 -14.57 -27.84
N TRP C 17 13.56 -13.30 -27.82
CA TRP C 17 14.42 -12.27 -28.40
C TRP C 17 14.30 -10.95 -27.65
N VAL C 18 15.45 -10.29 -27.49
CA VAL C 18 15.49 -9.01 -26.81
C VAL C 18 16.54 -8.12 -27.48
N ARG C 19 16.14 -6.89 -27.79
CA ARG C 19 17.05 -5.93 -28.38
C ARG C 19 16.98 -4.61 -27.64
N ILE C 20 18.14 -4.07 -27.27
CA ILE C 20 18.20 -2.79 -26.59
C ILE C 20 19.01 -1.82 -27.43
N SER C 21 18.68 -0.54 -27.34
CA SER C 21 19.41 0.47 -28.08
C SER C 21 19.37 1.82 -27.37
N SER C 22 20.51 2.49 -27.38
CA SER C 22 20.66 3.78 -26.74
C SER C 22 20.52 4.84 -27.85
N CYS C 23 19.38 5.54 -27.85
CA CYS C 23 19.05 6.56 -28.83
C CYS C 23 19.19 7.96 -28.24
N TYR C 24 19.97 8.81 -28.91
CA TYR C 24 20.17 10.17 -28.44
C TYR C 24 19.30 11.18 -29.19
N LEU C 25 18.32 11.71 -28.47
CA LEU C 25 17.40 12.69 -29.03
C LEU C 25 17.95 14.09 -28.86
N PRO C 26 18.25 14.78 -29.97
CA PRO C 26 18.80 16.13 -29.84
C PRO C 26 17.67 17.09 -29.43
N LEU C 27 18.02 18.13 -28.69
CA LEU C 27 17.01 19.09 -28.26
C LEU C 27 17.29 20.47 -28.84
N MET C 44 21.61 21.39 -21.11
CA MET C 44 21.08 20.12 -21.59
C MET C 44 20.74 20.24 -23.08
N THR C 45 21.55 19.60 -23.92
CA THR C 45 21.36 19.64 -25.37
C THR C 45 20.78 18.35 -25.96
N GLU C 46 20.78 17.28 -25.16
CA GLU C 46 20.26 16.00 -25.64
C GLU C 46 19.76 15.11 -24.51
N ILE C 47 18.96 14.11 -24.87
CA ILE C 47 18.42 13.16 -23.91
C ILE C 47 18.72 11.75 -24.42
N ALA C 48 19.29 10.90 -23.56
CA ALA C 48 19.59 9.54 -23.96
C ALA C 48 18.40 8.66 -23.63
N ILE C 49 17.84 8.03 -24.66
CA ILE C 49 16.69 7.15 -24.47
C ILE C 49 17.15 5.70 -24.64
N LEU C 50 16.77 4.84 -23.71
CA LEU C 50 17.11 3.43 -23.76
C LEU C 50 15.86 2.68 -24.22
N PHE C 51 15.90 2.12 -25.43
CA PHE C 51 14.75 1.38 -25.94
C PHE C 51 14.95 -0.11 -25.77
N ALA C 52 13.89 -0.80 -25.35
CA ALA C 52 13.94 -2.24 -25.17
C ALA C 52 12.80 -2.84 -25.97
N GLU C 53 13.14 -3.85 -26.78
CA GLU C 53 12.16 -4.54 -27.58
C GLU C 53 12.22 -5.99 -27.15
N ILE C 54 11.07 -6.62 -27.01
CA ILE C 54 10.99 -8.00 -26.59
C ILE C 54 9.99 -8.79 -27.43
N GLU C 55 10.39 -10.00 -27.83
CA GLU C 55 9.50 -10.85 -28.61
C GLU C 55 9.51 -12.24 -28.01
N THR C 56 8.38 -12.92 -28.16
CA THR C 56 8.21 -14.25 -27.57
C THR C 56 7.96 -15.33 -28.62
N ALA C 57 8.08 -16.58 -28.20
CA ALA C 57 7.87 -17.71 -29.09
C ALA C 57 6.45 -17.67 -29.62
N GLY C 58 5.55 -17.05 -28.88
CA GLY C 58 4.17 -16.96 -29.29
C GLY C 58 3.91 -15.85 -30.28
N GLY C 59 4.98 -15.18 -30.71
CA GLY C 59 4.83 -14.10 -31.67
C GLY C 59 4.38 -12.79 -31.05
N HIS C 60 4.49 -12.69 -29.74
CA HIS C 60 4.10 -11.48 -29.04
C HIS C 60 5.28 -10.52 -28.96
N GLN C 61 4.98 -9.23 -29.04
CA GLN C 61 6.01 -8.19 -29.00
C GLN C 61 5.68 -7.06 -28.03
N GLY C 62 6.73 -6.42 -27.52
CA GLY C 62 6.56 -5.32 -26.60
C GLY C 62 7.68 -4.31 -26.77
N LEU C 63 7.36 -3.05 -26.52
CA LEU C 63 8.34 -1.97 -26.65
C LEU C 63 8.31 -1.13 -25.39
N GLY C 64 9.48 -0.82 -24.85
CA GLY C 64 9.54 -0.02 -23.64
C GLY C 64 10.78 0.87 -23.66
N PHE C 65 10.90 1.76 -22.68
CA PHE C 65 12.05 2.64 -22.65
C PHE C 65 12.27 3.30 -21.32
N SER C 66 13.47 3.82 -21.14
CA SER C 66 13.85 4.57 -19.98
C SER C 66 14.64 5.73 -20.56
N TYR C 67 15.20 6.59 -19.73
CA TYR C 67 15.96 7.71 -20.24
C TYR C 67 16.82 8.36 -19.16
N SER C 68 17.75 9.21 -19.60
CA SER C 68 18.65 9.94 -18.71
C SER C 68 18.74 11.34 -19.31
N LYS C 69 18.69 12.36 -18.46
CA LYS C 69 18.78 13.74 -18.94
C LYS C 69 20.24 14.17 -19.07
N ARG C 70 20.97 14.11 -17.96
CA ARG C 70 22.39 14.47 -17.99
C ARG C 70 23.13 13.15 -18.16
N ALA C 71 24.22 12.97 -17.42
CA ALA C 71 24.97 11.73 -17.51
C ALA C 71 24.07 10.57 -17.07
N GLY C 72 24.27 9.40 -17.66
CA GLY C 72 23.47 8.25 -17.30
C GLY C 72 23.16 7.34 -18.45
N GLY C 73 23.07 7.90 -19.66
CA GLY C 73 22.76 7.09 -20.82
C GLY C 73 23.69 5.90 -21.00
N PRO C 74 25.01 6.13 -21.03
CA PRO C 74 25.97 5.04 -21.20
C PRO C 74 25.83 3.96 -20.12
N GLY C 75 25.75 4.38 -18.86
CA GLY C 75 25.62 3.43 -17.77
C GLY C 75 24.34 2.61 -17.88
N GLN C 76 23.23 3.28 -18.13
CA GLN C 76 21.96 2.59 -18.30
C GLN C 76 22.07 1.50 -19.37
N PHE C 77 22.62 1.87 -20.52
CA PHE C 77 22.75 0.91 -21.62
C PHE C 77 23.70 -0.22 -21.29
N ALA C 78 24.86 0.11 -20.72
CA ALA C 78 25.83 -0.92 -20.39
C ALA C 78 25.25 -1.93 -19.40
N HIS C 79 24.52 -1.44 -18.40
CA HIS C 79 23.94 -2.35 -17.42
C HIS C 79 22.83 -3.19 -18.06
N ALA C 80 22.01 -2.55 -18.89
CA ALA C 80 20.92 -3.26 -19.55
C ALA C 80 21.47 -4.38 -20.44
N ARG C 81 22.61 -4.13 -21.06
CA ARG C 81 23.24 -5.09 -21.96
C ARG C 81 23.72 -6.31 -21.19
N GLU C 82 24.22 -6.07 -19.98
CA GLU C 82 24.72 -7.13 -19.14
C GLU C 82 23.64 -8.02 -18.52
N ILE C 83 22.46 -7.47 -18.25
CA ILE C 83 21.39 -8.29 -17.65
C ILE C 83 20.32 -8.80 -18.60
N ALA C 84 20.25 -8.23 -19.80
CA ALA C 84 19.27 -8.65 -20.79
C ALA C 84 19.20 -10.15 -21.04
N PRO C 85 20.36 -10.83 -21.11
CA PRO C 85 20.34 -12.28 -21.35
C PRO C 85 19.44 -13.05 -20.40
N ALA C 86 19.36 -12.58 -19.16
CA ALA C 86 18.55 -13.23 -18.14
C ALA C 86 17.06 -13.36 -18.49
N LEU C 87 16.59 -12.57 -19.46
CA LEU C 87 15.19 -12.63 -19.88
C LEU C 87 14.85 -13.80 -20.80
N ILE C 88 15.83 -14.25 -21.56
CA ILE C 88 15.59 -15.36 -22.49
C ILE C 88 15.10 -16.62 -21.80
N GLY C 89 13.99 -17.16 -22.29
CA GLY C 89 13.42 -18.37 -21.71
C GLY C 89 12.39 -18.15 -20.61
N GLU C 90 12.26 -16.92 -20.13
CA GLU C 90 11.31 -16.61 -19.07
C GLU C 90 9.90 -16.34 -19.58
N ASP C 91 8.91 -16.54 -18.72
CA ASP C 91 7.52 -16.32 -19.08
C ASP C 91 7.30 -14.80 -19.01
N PRO C 92 6.97 -14.18 -20.15
CA PRO C 92 6.76 -12.72 -20.18
C PRO C 92 5.64 -12.17 -19.30
N SER C 93 4.67 -13.01 -18.95
CA SER C 93 3.56 -12.57 -18.10
C SER C 93 3.92 -12.35 -16.63
N ASP C 94 4.98 -13.00 -16.17
CA ASP C 94 5.40 -12.85 -14.77
C ASP C 94 6.30 -11.64 -14.63
N ILE C 95 5.72 -10.46 -14.88
CA ILE C 95 6.48 -9.21 -14.86
C ILE C 95 7.24 -8.87 -13.58
N ALA C 96 6.57 -8.83 -12.43
CA ALA C 96 7.25 -8.50 -11.19
C ALA C 96 8.34 -9.52 -10.87
N LYS C 97 8.07 -10.78 -11.17
CA LYS C 97 9.02 -11.86 -10.93
C LYS C 97 10.30 -11.55 -11.71
N LEU C 98 10.14 -11.18 -12.98
CA LEU C 98 11.31 -10.87 -13.79
C LEU C 98 12.01 -9.60 -13.30
N TRP C 99 11.23 -8.62 -12.85
CA TRP C 99 11.82 -7.38 -12.33
C TRP C 99 12.76 -7.78 -11.19
N ASP C 100 12.29 -8.67 -10.30
CA ASP C 100 13.13 -9.11 -9.20
C ASP C 100 14.34 -9.91 -9.66
N LYS C 101 14.16 -10.71 -10.71
CA LYS C 101 15.28 -11.51 -11.22
C LYS C 101 16.41 -10.64 -11.76
N LEU C 102 16.06 -9.62 -12.54
CA LEU C 102 17.08 -8.74 -13.09
C LEU C 102 17.73 -7.91 -11.99
N CYS C 103 16.95 -7.57 -10.98
CA CYS C 103 17.49 -6.81 -9.86
C CYS C 103 18.51 -7.68 -9.13
N TRP C 104 18.13 -8.92 -8.83
CA TRP C 104 19.04 -9.84 -8.14
C TRP C 104 20.33 -10.01 -8.93
N ALA C 105 20.22 -10.03 -10.26
CA ALA C 105 21.38 -10.18 -11.12
C ALA C 105 22.44 -9.10 -10.86
N GLY C 106 21.99 -7.91 -10.45
CA GLY C 106 22.92 -6.83 -10.17
C GLY C 106 22.69 -6.32 -8.76
N ALA C 107 22.56 -7.23 -7.82
CA ALA C 107 22.30 -6.87 -6.42
C ALA C 107 23.29 -5.87 -5.82
N SER C 108 24.58 -6.04 -6.07
CA SER C 108 25.56 -5.12 -5.50
C SER C 108 25.38 -3.71 -6.06
N ALA C 109 24.54 -3.57 -7.08
CA ALA C 109 24.30 -2.28 -7.71
C ALA C 109 23.15 -1.50 -7.06
N GLY C 110 22.48 -2.12 -6.09
CA GLY C 110 21.38 -1.44 -5.41
C GLY C 110 20.01 -1.65 -6.04
N ARG C 111 18.98 -1.12 -5.39
CA ARG C 111 17.62 -1.28 -5.91
C ARG C 111 17.05 0.07 -6.33
N SER C 112 17.95 0.96 -6.76
CA SER C 112 17.58 2.28 -7.22
C SER C 112 18.68 2.81 -8.16
N GLY C 113 18.45 3.97 -8.76
CA GLY C 113 19.46 4.52 -9.64
C GLY C 113 19.54 3.87 -11.01
N LEU C 114 20.72 3.94 -11.62
CA LEU C 114 20.93 3.42 -12.97
C LEU C 114 20.54 1.97 -13.24
N SER C 115 20.89 1.04 -12.35
CA SER C 115 20.55 -0.36 -12.61
C SER C 115 19.05 -0.58 -12.75
N THR C 116 18.27 -0.03 -11.83
CA THR C 116 16.83 -0.24 -11.93
C THR C 116 16.18 0.58 -13.05
N GLN C 117 16.81 1.68 -13.46
CA GLN C 117 16.24 2.46 -14.58
C GLN C 117 16.40 1.63 -15.84
N ALA C 118 17.46 0.82 -15.87
CA ALA C 118 17.73 -0.07 -16.99
C ALA C 118 16.67 -1.16 -16.97
N ILE C 119 16.40 -1.69 -15.78
CA ILE C 119 15.38 -2.72 -15.63
C ILE C 119 14.03 -2.17 -16.10
N GLY C 120 13.79 -0.90 -15.83
CA GLY C 120 12.55 -0.24 -16.23
C GLY C 120 12.21 -0.34 -17.72
N ALA C 121 13.22 -0.24 -18.57
CA ALA C 121 12.98 -0.34 -20.02
C ALA C 121 12.32 -1.68 -20.37
N PHE C 122 12.89 -2.78 -19.86
CA PHE C 122 12.34 -4.11 -20.10
C PHE C 122 10.96 -4.25 -19.47
N ASP C 123 10.82 -3.72 -18.26
CA ASP C 123 9.55 -3.77 -17.52
C ASP C 123 8.42 -3.16 -18.36
N VAL C 124 8.66 -1.98 -18.92
CA VAL C 124 7.64 -1.32 -19.72
C VAL C 124 7.31 -2.15 -20.95
N ALA C 125 8.33 -2.75 -21.56
CA ALA C 125 8.12 -3.60 -22.74
C ALA C 125 7.20 -4.77 -22.39
N LEU C 126 7.41 -5.36 -21.23
CA LEU C 126 6.59 -6.49 -20.81
C LEU C 126 5.12 -6.09 -20.58
N TRP C 127 4.88 -4.90 -20.04
CA TRP C 127 3.51 -4.45 -19.82
C TRP C 127 2.87 -4.15 -21.18
N ASP C 128 3.63 -3.51 -22.06
CA ASP C 128 3.13 -3.20 -23.41
C ASP C 128 2.69 -4.51 -24.07
N LEU C 129 3.52 -5.53 -23.94
CA LEU C 129 3.26 -6.84 -24.52
C LEU C 129 2.00 -7.49 -23.91
N LYS C 130 1.87 -7.43 -22.59
CA LYS C 130 0.71 -8.02 -21.92
C LYS C 130 -0.58 -7.34 -22.36
N ALA C 131 -0.57 -6.01 -22.41
CA ALA C 131 -1.75 -5.26 -22.82
C ALA C 131 -2.15 -5.65 -24.25
N LYS C 132 -1.16 -5.72 -25.13
CA LYS C 132 -1.42 -6.10 -26.52
C LYS C 132 -2.02 -7.51 -26.60
N ARG C 133 -1.49 -8.42 -25.79
CA ARG C 133 -2.00 -9.79 -25.76
C ARG C 133 -3.49 -9.76 -25.48
N ALA C 134 -3.91 -8.85 -24.61
CA ALA C 134 -5.30 -8.70 -24.25
C ALA C 134 -6.08 -7.86 -25.27
N GLY C 135 -5.35 -7.26 -26.21
CA GLY C 135 -6.00 -6.42 -27.20
C GLY C 135 -6.56 -5.15 -26.57
N LEU C 136 -5.92 -4.72 -25.50
CA LEU C 136 -6.35 -3.53 -24.77
C LEU C 136 -5.23 -2.52 -24.67
N SER C 137 -5.58 -1.25 -24.50
CA SER C 137 -4.59 -0.20 -24.32
C SER C 137 -4.03 -0.46 -22.92
N LEU C 138 -2.88 0.11 -22.60
CA LEU C 138 -2.32 -0.10 -21.27
C LEU C 138 -3.29 0.41 -20.20
N ALA C 139 -3.94 1.54 -20.47
CA ALA C 139 -4.90 2.11 -19.53
C ALA C 139 -6.04 1.15 -19.21
N LYS C 140 -6.59 0.53 -20.24
CA LYS C 140 -7.69 -0.41 -20.05
C LYS C 140 -7.23 -1.72 -19.40
N LEU C 141 -5.99 -2.12 -19.65
CA LEU C 141 -5.48 -3.35 -19.03
C LEU C 141 -5.49 -3.11 -17.52
N LEU C 142 -4.86 -2.02 -17.10
CA LEU C 142 -4.80 -1.66 -15.68
C LEU C 142 -6.19 -1.32 -15.14
N GLY C 143 -7.06 -0.83 -16.02
CA GLY C 143 -8.38 -0.42 -15.61
C GLY C 143 -8.31 1.08 -15.43
N SER C 144 -9.16 1.83 -16.11
CA SER C 144 -9.10 3.29 -16.02
C SER C 144 -10.30 3.95 -15.37
N TYR C 145 -10.12 5.21 -15.01
CA TYR C 145 -11.15 6.00 -14.37
C TYR C 145 -11.58 7.15 -15.27
N ARG C 146 -10.84 7.37 -16.36
CA ARG C 146 -11.14 8.46 -17.29
C ARG C 146 -10.62 8.19 -18.69
N ASP C 147 -11.25 8.80 -19.69
CA ASP C 147 -10.84 8.62 -21.07
C ASP C 147 -9.90 9.72 -21.55
N SER C 148 -9.64 10.68 -20.67
CA SER C 148 -8.75 11.79 -20.97
C SER C 148 -8.24 12.36 -19.65
N VAL C 149 -7.08 13.01 -19.69
CA VAL C 149 -6.46 13.56 -18.49
C VAL C 149 -6.08 15.03 -18.63
N ARG C 150 -6.29 15.80 -17.56
CA ARG C 150 -5.95 17.21 -17.58
C ARG C 150 -4.46 17.33 -17.90
N CYS C 151 -4.12 18.27 -18.78
CA CYS C 151 -2.72 18.43 -19.14
C CYS C 151 -2.31 19.89 -19.04
N TYR C 152 -1.01 20.10 -18.98
CA TYR C 152 -0.44 21.44 -18.91
C TYR C 152 0.91 21.38 -19.61
N ASN C 153 1.54 22.53 -19.79
CA ASN C 153 2.86 22.55 -20.39
C ASN C 153 3.60 23.77 -19.88
N THR C 154 4.92 23.77 -20.12
CA THR C 154 5.79 24.86 -19.70
C THR C 154 5.84 25.93 -20.78
N SER C 155 5.35 25.58 -21.97
CA SER C 155 5.36 26.50 -23.10
C SER C 155 6.79 26.98 -23.37
N GLY C 156 7.75 26.09 -23.12
CA GLY C 156 9.14 26.42 -23.34
C GLY C 156 9.61 27.64 -22.57
N GLY C 157 9.02 27.86 -21.40
CA GLY C 157 9.41 29.01 -20.59
C GLY C 157 10.60 28.72 -19.70
N PHE C 158 11.40 29.75 -19.43
CA PHE C 158 12.57 29.64 -18.58
C PHE C 158 12.78 30.96 -17.86
N LEU C 159 13.75 31.00 -16.95
CA LEU C 159 14.03 32.21 -16.19
C LEU C 159 14.67 33.28 -17.10
N HIS C 160 15.01 32.89 -18.33
CA HIS C 160 15.62 33.82 -19.28
C HIS C 160 14.65 34.18 -20.39
N THR C 161 13.54 33.44 -20.49
CA THR C 161 12.55 33.72 -21.52
C THR C 161 11.84 35.02 -21.19
N PRO C 162 11.85 35.97 -22.14
CA PRO C 162 11.21 37.26 -21.95
C PRO C 162 9.71 37.08 -21.67
N ILE C 163 9.22 37.69 -20.60
CA ILE C 163 7.82 37.59 -20.23
C ILE C 163 6.92 37.79 -21.43
N ASP C 164 7.40 38.60 -22.39
CA ASP C 164 6.66 38.90 -23.61
C ASP C 164 6.40 37.62 -24.38
N GLN C 165 7.46 36.91 -24.73
CA GLN C 165 7.35 35.67 -25.47
C GLN C 165 6.61 34.67 -24.60
N LEU C 166 7.08 34.52 -23.36
CA LEU C 166 6.48 33.61 -22.40
C LEU C 166 4.96 33.66 -22.52
N MET C 167 4.41 34.87 -22.52
CA MET C 167 2.97 35.07 -22.62
C MET C 167 2.37 34.65 -23.97
N VAL C 168 3.09 34.93 -25.06
CA VAL C 168 2.62 34.57 -26.39
C VAL C 168 2.58 33.06 -26.54
N ASN C 169 3.62 32.40 -26.03
CA ASN C 169 3.70 30.94 -26.10
C ASN C 169 2.54 30.30 -25.35
N ALA C 170 2.33 30.76 -24.13
CA ALA C 170 1.25 30.25 -23.28
C ALA C 170 -0.10 30.41 -23.98
N SER C 171 -0.33 31.57 -24.58
CA SER C 171 -1.58 31.82 -25.28
C SER C 171 -1.74 30.82 -26.42
N ALA C 172 -0.63 30.49 -27.07
CA ALA C 172 -0.66 29.53 -28.16
C ALA C 172 -1.03 28.17 -27.58
N SER C 173 -0.33 27.77 -26.53
CA SER C 173 -0.59 26.48 -25.87
C SER C 173 -2.07 26.38 -25.50
N ILE C 174 -2.57 27.38 -24.78
CA ILE C 174 -3.97 27.39 -24.38
C ILE C 174 -4.83 27.29 -25.62
N GLU C 175 -4.36 27.95 -26.69
CA GLU C 175 -5.06 27.94 -27.96
C GLU C 175 -5.14 26.53 -28.52
N ARG C 176 -4.02 25.80 -28.45
CA ARG C 176 -3.96 24.43 -28.95
C ARG C 176 -4.81 23.45 -28.15
N GLY C 177 -5.19 23.82 -26.93
CA GLY C 177 -6.01 22.95 -26.12
C GLY C 177 -5.38 22.48 -24.81
N ILE C 178 -4.30 23.14 -24.39
CA ILE C 178 -3.61 22.80 -23.15
C ILE C 178 -4.45 23.29 -21.96
N GLY C 179 -4.48 22.50 -20.88
CA GLY C 179 -5.27 22.87 -19.73
C GLY C 179 -4.61 23.67 -18.61
N GLY C 180 -3.33 23.98 -18.77
CA GLY C 180 -2.63 24.74 -17.74
C GLY C 180 -1.22 25.09 -18.17
N ILE C 181 -0.63 26.03 -17.45
CA ILE C 181 0.72 26.51 -17.74
C ILE C 181 1.65 26.44 -16.53
N LYS C 182 2.78 25.77 -16.67
CA LYS C 182 3.73 25.70 -15.58
C LYS C 182 4.90 26.66 -15.89
N LEU C 183 5.17 27.56 -14.96
CA LEU C 183 6.24 28.56 -15.14
C LEU C 183 7.45 28.26 -14.28
N LYS C 184 8.63 28.51 -14.85
CA LYS C 184 9.89 28.30 -14.15
C LYS C 184 10.17 29.48 -13.21
N VAL C 185 10.59 29.19 -11.99
CA VAL C 185 10.92 30.22 -11.02
C VAL C 185 12.11 29.71 -10.23
N GLY C 186 12.57 30.46 -9.25
CA GLY C 186 13.70 30.02 -8.46
C GLY C 186 14.97 30.81 -8.70
N GLN C 187 14.82 32.04 -9.17
CA GLN C 187 15.97 32.90 -9.42
C GLN C 187 16.20 33.77 -8.18
N PRO C 188 17.45 34.17 -7.94
CA PRO C 188 17.79 35.01 -6.78
C PRO C 188 16.85 36.18 -6.50
N ASP C 189 16.19 36.71 -7.52
CA ASP C 189 15.27 37.83 -7.32
C ASP C 189 13.81 37.40 -7.35
N GLY C 190 13.32 36.91 -6.21
CA GLY C 190 11.95 36.46 -6.11
C GLY C 190 10.91 37.51 -6.47
N ALA C 191 11.25 38.77 -6.22
CA ALA C 191 10.33 39.86 -6.52
C ALA C 191 10.03 39.80 -8.02
N LEU C 192 11.04 39.43 -8.81
CA LEU C 192 10.87 39.32 -10.24
C LEU C 192 9.94 38.17 -10.60
N ASP C 193 10.23 36.98 -10.09
CA ASP C 193 9.39 35.82 -10.38
C ASP C 193 7.93 36.16 -10.08
N ILE C 194 7.70 36.83 -8.96
CA ILE C 194 6.36 37.21 -8.54
C ILE C 194 5.67 38.10 -9.58
N ALA C 195 6.39 39.08 -10.10
CA ALA C 195 5.83 39.98 -11.10
C ALA C 195 5.53 39.19 -12.36
N ARG C 196 6.44 38.30 -12.71
CA ARG C 196 6.31 37.45 -13.89
C ARG C 196 5.00 36.65 -13.88
N VAL C 197 4.76 35.93 -12.79
CA VAL C 197 3.56 35.11 -12.68
C VAL C 197 2.31 36.00 -12.72
N THR C 198 2.39 37.17 -12.11
CA THR C 198 1.27 38.11 -12.12
C THR C 198 0.98 38.52 -13.56
N ALA C 199 2.04 38.87 -14.28
CA ALA C 199 1.92 39.27 -15.68
C ALA C 199 1.21 38.16 -16.44
N VAL C 200 1.75 36.95 -16.34
CA VAL C 200 1.16 35.80 -17.02
C VAL C 200 -0.27 35.60 -16.54
N ARG C 201 -0.47 35.73 -15.22
CA ARG C 201 -1.80 35.56 -14.64
C ARG C 201 -2.83 36.52 -15.22
N LYS C 202 -2.52 37.81 -15.27
CA LYS C 202 -3.47 38.78 -15.82
C LYS C 202 -3.57 38.65 -17.34
N HIS C 203 -2.50 38.20 -17.98
CA HIS C 203 -2.50 38.03 -19.42
C HIS C 203 -3.47 36.92 -19.85
N LEU C 204 -3.46 35.82 -19.09
CA LEU C 204 -4.32 34.68 -19.41
C LEU C 204 -5.64 34.73 -18.66
N GLY C 205 -5.68 35.47 -17.55
CA GLY C 205 -6.90 35.54 -16.76
C GLY C 205 -6.84 34.48 -15.70
N ASP C 206 -7.59 34.65 -14.62
CA ASP C 206 -7.59 33.68 -13.52
C ASP C 206 -8.36 32.39 -13.83
N ALA C 207 -8.71 32.20 -15.10
CA ALA C 207 -9.43 31.02 -15.53
C ALA C 207 -8.47 29.94 -16.02
N VAL C 208 -7.21 30.32 -16.21
CA VAL C 208 -6.19 29.38 -16.69
C VAL C 208 -5.34 28.88 -15.54
N PRO C 209 -5.42 27.57 -15.25
CA PRO C 209 -4.62 27.02 -14.15
C PRO C 209 -3.14 27.32 -14.34
N LEU C 210 -2.49 27.74 -13.25
CA LEU C 210 -1.06 28.06 -13.27
C LEU C 210 -0.31 27.29 -12.21
N MET C 211 0.92 26.90 -12.55
CA MET C 211 1.80 26.18 -11.64
C MET C 211 3.18 26.79 -11.78
N VAL C 212 4.00 26.66 -10.75
CA VAL C 212 5.37 27.17 -10.80
C VAL C 212 6.30 26.05 -10.38
N ASP C 213 7.49 26.04 -10.97
CA ASP C 213 8.50 25.03 -10.69
C ASP C 213 9.77 25.74 -10.25
N ALA C 214 10.20 25.51 -9.02
CA ALA C 214 11.39 26.15 -8.47
C ALA C 214 12.65 25.35 -8.69
N ASN C 215 12.50 24.10 -9.15
CA ASN C 215 13.63 23.23 -9.42
C ASN C 215 14.68 23.18 -8.31
N GLN C 216 14.25 22.90 -7.08
CA GLN C 216 15.14 22.78 -5.93
C GLN C 216 16.02 23.99 -5.61
N GLN C 217 15.72 25.15 -6.19
CA GLN C 217 16.55 26.33 -5.96
C GLN C 217 16.44 27.07 -4.62
N TRP C 218 15.31 26.94 -3.92
CA TRP C 218 15.16 27.66 -2.65
C TRP C 218 15.63 26.93 -1.40
N ASP C 219 16.18 27.69 -0.46
CA ASP C 219 16.60 27.10 0.81
C ASP C 219 15.30 27.15 1.63
N ARG C 220 15.30 26.61 2.85
CA ARG C 220 14.06 26.60 3.61
C ARG C 220 13.46 27.98 3.91
N PRO C 221 14.27 28.92 4.42
CA PRO C 221 13.72 30.25 4.72
C PRO C 221 13.13 30.98 3.50
N THR C 222 13.77 30.83 2.34
CA THR C 222 13.30 31.49 1.13
C THR C 222 12.03 30.81 0.61
N ALA C 223 11.99 29.48 0.69
CA ALA C 223 10.82 28.74 0.24
C ALA C 223 9.61 29.18 1.05
N GLN C 224 9.84 29.42 2.34
CA GLN C 224 8.78 29.87 3.25
C GLN C 224 8.19 31.17 2.73
N ARG C 225 9.05 32.16 2.54
CA ARG C 225 8.64 33.47 2.08
C ARG C 225 8.03 33.50 0.69
N MET C 226 8.58 32.71 -0.23
CA MET C 226 8.06 32.68 -1.60
C MET C 226 6.71 31.98 -1.63
N CYS C 227 6.54 30.94 -0.83
CA CYS C 227 5.27 30.23 -0.80
C CYS C 227 4.17 31.11 -0.20
N ARG C 228 4.54 31.95 0.77
CA ARG C 228 3.55 32.80 1.40
C ARG C 228 2.99 33.81 0.41
N ILE C 229 3.88 34.43 -0.36
CA ILE C 229 3.46 35.40 -1.36
C ILE C 229 2.57 34.79 -2.43
N PHE C 230 2.93 33.60 -2.90
CA PHE C 230 2.14 32.94 -3.94
C PHE C 230 0.76 32.43 -3.50
N GLU C 231 0.55 32.32 -2.20
CA GLU C 231 -0.74 31.83 -1.67
C GLU C 231 -1.98 32.45 -2.33
N PRO C 232 -2.05 33.79 -2.40
CA PRO C 232 -3.23 34.43 -3.01
C PRO C 232 -3.41 34.16 -4.51
N PHE C 233 -2.37 33.63 -5.15
CA PHE C 233 -2.42 33.31 -6.57
C PHE C 233 -3.30 32.11 -6.88
N ASN C 234 -3.48 31.25 -5.88
CA ASN C 234 -4.28 30.04 -6.04
C ASN C 234 -3.70 29.15 -7.15
N LEU C 235 -2.39 28.94 -7.10
CA LEU C 235 -1.71 28.10 -8.07
C LEU C 235 -2.14 26.65 -7.85
N VAL C 236 -2.07 25.84 -8.92
CA VAL C 236 -2.41 24.43 -8.83
C VAL C 236 -1.38 23.83 -7.85
N TRP C 237 -0.14 24.24 -8.00
CA TRP C 237 0.91 23.79 -7.09
C TRP C 237 2.22 24.55 -7.24
N ILE C 238 3.08 24.36 -6.25
CA ILE C 238 4.42 24.92 -6.21
C ILE C 238 5.27 23.65 -6.21
N GLU C 239 6.06 23.48 -7.27
CA GLU C 239 6.88 22.28 -7.47
C GLU C 239 8.34 22.41 -7.07
N GLU C 240 8.84 21.38 -6.39
CA GLU C 240 10.22 21.30 -5.95
C GLU C 240 10.80 22.59 -5.39
N PRO C 241 10.19 23.13 -4.31
CA PRO C 241 10.77 24.37 -3.78
C PRO C 241 12.08 24.10 -3.06
N LEU C 242 12.25 22.88 -2.54
CA LEU C 242 13.46 22.51 -1.80
C LEU C 242 14.17 21.31 -2.42
N ASP C 243 15.30 20.94 -1.83
CA ASP C 243 16.07 19.78 -2.29
C ASP C 243 15.13 18.59 -2.35
N ALA C 244 15.29 17.78 -3.39
CA ALA C 244 14.44 16.60 -3.60
C ALA C 244 14.37 15.64 -2.41
N TYR C 245 15.40 15.63 -1.59
CA TYR C 245 15.43 14.73 -0.44
C TYR C 245 15.16 15.40 0.91
N ASP C 246 14.80 16.67 0.89
CA ASP C 246 14.48 17.37 2.14
C ASP C 246 13.00 17.13 2.42
N HIS C 247 12.70 15.92 2.90
CA HIS C 247 11.33 15.52 3.18
C HIS C 247 10.70 16.29 4.35
N GLU C 248 11.48 16.55 5.40
CA GLU C 248 10.96 17.29 6.55
C GLU C 248 10.71 18.72 6.13
N GLY C 249 11.57 19.25 5.27
CA GLY C 249 11.40 20.61 4.80
C GLY C 249 10.13 20.72 3.98
N HIS C 250 9.94 19.79 3.06
CA HIS C 250 8.74 19.81 2.24
C HIS C 250 7.47 19.60 3.05
N ALA C 251 7.54 18.70 4.03
CA ALA C 251 6.37 18.41 4.86
C ALA C 251 5.93 19.64 5.63
N ALA C 252 6.88 20.38 6.18
CA ALA C 252 6.56 21.58 6.97
C ALA C 252 5.92 22.65 6.08
N LEU C 253 6.36 22.77 4.84
CA LEU C 253 5.81 23.75 3.90
C LEU C 253 4.36 23.41 3.59
N ALA C 254 4.14 22.15 3.22
CA ALA C 254 2.80 21.69 2.86
C ALA C 254 1.83 21.86 4.02
N LEU C 255 2.31 21.57 5.22
CA LEU C 255 1.48 21.68 6.42
C LEU C 255 1.05 23.14 6.61
N GLN C 256 1.98 24.05 6.38
CA GLN C 256 1.72 25.45 6.58
C GLN C 256 1.00 26.24 5.47
N PHE C 257 1.05 25.76 4.24
CA PHE C 257 0.40 26.50 3.15
C PHE C 257 -0.74 25.77 2.47
N ASP C 258 -1.76 26.52 2.03
CA ASP C 258 -2.89 25.91 1.35
C ASP C 258 -2.44 25.42 -0.02
N THR C 259 -1.59 26.20 -0.67
CA THR C 259 -1.10 25.83 -2.00
C THR C 259 -0.40 24.48 -1.98
N PRO C 260 -0.85 23.54 -2.83
CA PRO C 260 -0.23 22.21 -2.87
C PRO C 260 1.26 22.28 -3.21
N ILE C 261 2.02 21.39 -2.58
CA ILE C 261 3.46 21.28 -2.83
C ILE C 261 3.61 19.98 -3.62
N ALA C 262 4.25 20.09 -4.79
CA ALA C 262 4.47 18.94 -5.66
C ALA C 262 5.96 18.61 -5.76
N THR C 263 6.28 17.33 -5.75
CA THR C 263 7.68 16.93 -5.85
C THR C 263 7.81 15.42 -6.06
N GLY C 264 9.02 14.97 -6.38
CA GLY C 264 9.26 13.55 -6.59
C GLY C 264 9.88 13.15 -7.92
N GLU C 265 9.93 14.07 -8.89
CA GLU C 265 10.49 13.75 -10.20
C GLU C 265 11.94 13.27 -10.15
N MET C 266 12.68 13.68 -9.10
CA MET C 266 14.07 13.29 -8.98
C MET C 266 14.31 11.96 -8.25
N LEU C 267 13.27 11.39 -7.63
CA LEU C 267 13.43 10.15 -6.90
C LEU C 267 13.57 8.94 -7.82
N THR C 268 14.36 7.95 -7.42
CA THR C 268 14.60 6.79 -8.28
C THR C 268 14.20 5.41 -7.77
N SER C 269 13.22 5.34 -6.87
CA SER C 269 12.76 4.06 -6.36
C SER C 269 11.46 4.19 -5.59
N ALA C 270 10.70 3.10 -5.50
CA ALA C 270 9.45 3.10 -4.76
C ALA C 270 9.74 3.47 -3.31
N ALA C 271 10.82 2.93 -2.75
CA ALA C 271 11.20 3.21 -1.37
C ALA C 271 11.39 4.71 -1.11
N GLU C 272 12.01 5.42 -2.04
CA GLU C 272 12.23 6.86 -1.90
C GLU C 272 10.89 7.60 -1.85
N HIS C 273 9.97 7.22 -2.73
CA HIS C 273 8.65 7.84 -2.72
C HIS C 273 7.95 7.46 -1.42
N GLY C 274 8.23 6.27 -0.93
CA GLY C 274 7.62 5.82 0.31
C GLY C 274 7.97 6.77 1.43
N ASP C 275 9.23 7.21 1.47
CA ASP C 275 9.69 8.14 2.51
C ASP C 275 8.95 9.47 2.37
N LEU C 276 8.82 9.94 1.13
CA LEU C 276 8.13 11.19 0.84
C LEU C 276 6.72 11.09 1.43
N ILE C 277 6.02 10.01 1.08
CA ILE C 277 4.66 9.77 1.55
C ILE C 277 4.57 9.65 3.07
N ARG C 278 5.51 8.92 3.68
CA ARG C 278 5.51 8.75 5.12
C ARG C 278 5.63 10.10 5.82
N HIS C 279 6.40 11.01 5.23
CA HIS C 279 6.61 12.35 5.79
C HIS C 279 5.47 13.30 5.43
N ARG C 280 4.58 12.86 4.54
CA ARG C 280 3.49 13.71 4.07
C ARG C 280 4.16 14.99 3.51
N ALA C 281 5.22 14.75 2.73
CA ALA C 281 6.02 15.82 2.14
C ALA C 281 5.48 16.36 0.83
N ALA C 282 4.35 15.84 0.36
CA ALA C 282 3.79 16.31 -0.90
C ALA C 282 2.29 16.07 -1.09
N ASP C 283 1.63 17.08 -1.62
CA ASP C 283 0.21 17.03 -1.91
C ASP C 283 0.05 16.33 -3.26
N TYR C 284 0.95 16.67 -4.17
CA TYR C 284 1.00 16.09 -5.48
C TYR C 284 2.30 15.30 -5.57
N LEU C 285 2.19 13.99 -5.77
CA LEU C 285 3.37 13.14 -5.89
C LEU C 285 3.70 13.12 -7.38
N MET C 286 4.97 13.27 -7.73
CA MET C 286 5.36 13.28 -9.15
C MET C 286 6.38 12.19 -9.50
N PRO C 287 5.94 10.92 -9.51
CA PRO C 287 6.85 9.84 -9.85
C PRO C 287 7.08 9.80 -11.36
N ASP C 288 8.26 9.32 -11.75
CA ASP C 288 8.63 9.20 -13.16
C ASP C 288 8.85 7.69 -13.34
N ALA C 289 7.91 7.02 -14.01
CA ALA C 289 8.02 5.58 -14.21
C ALA C 289 9.41 5.13 -14.66
N PRO C 290 9.93 5.70 -15.75
CA PRO C 290 11.27 5.29 -16.19
C PRO C 290 12.33 5.56 -15.12
N ARG C 291 12.22 6.68 -14.44
CA ARG C 291 13.19 7.02 -13.42
C ARG C 291 13.15 6.12 -12.18
N VAL C 292 11.99 5.50 -11.91
CA VAL C 292 11.91 4.65 -10.72
C VAL C 292 12.01 3.14 -10.96
N GLY C 293 12.13 2.73 -12.22
CA GLY C 293 12.25 1.31 -12.52
C GLY C 293 11.12 0.70 -13.32
N GLY C 294 10.30 1.55 -13.94
CA GLY C 294 9.22 1.05 -14.76
C GLY C 294 7.82 1.13 -14.18
N ILE C 295 6.89 0.49 -14.88
CA ILE C 295 5.50 0.45 -14.47
C ILE C 295 5.29 -0.31 -13.16
N THR C 296 5.98 -1.45 -13.00
CA THR C 296 5.84 -2.25 -11.79
C THR C 296 6.09 -1.44 -10.51
N PRO C 297 7.25 -0.76 -10.39
CA PRO C 297 7.42 -0.01 -9.14
C PRO C 297 6.52 1.25 -9.07
N PHE C 298 6.11 1.76 -10.23
CA PHE C 298 5.24 2.93 -10.28
C PHE C 298 3.87 2.59 -9.70
N LEU C 299 3.39 1.37 -9.98
CA LEU C 299 2.10 0.94 -9.47
C LEU C 299 2.16 0.81 -7.97
N LYS C 300 3.31 0.38 -7.45
CA LYS C 300 3.49 0.23 -6.02
C LYS C 300 3.39 1.61 -5.38
N ILE C 301 4.05 2.58 -6.00
CA ILE C 301 4.03 3.96 -5.52
C ILE C 301 2.61 4.53 -5.58
N ALA C 302 1.93 4.29 -6.69
CA ALA C 302 0.57 4.79 -6.87
C ALA C 302 -0.40 4.23 -5.83
N SER C 303 -0.26 2.95 -5.51
CA SER C 303 -1.15 2.35 -4.53
C SER C 303 -0.88 2.99 -3.17
N LEU C 304 0.38 3.30 -2.89
CA LEU C 304 0.74 3.95 -1.63
C LEU C 304 0.19 5.37 -1.57
N ALA C 305 0.36 6.12 -2.66
CA ALA C 305 -0.13 7.49 -2.72
C ALA C 305 -1.65 7.52 -2.57
N GLU C 306 -2.32 6.57 -3.21
CA GLU C 306 -3.77 6.49 -3.12
C GLU C 306 -4.18 6.26 -1.66
N HIS C 307 -3.53 5.30 -1.02
CA HIS C 307 -3.81 4.95 0.37
C HIS C 307 -3.59 6.17 1.26
N ALA C 308 -2.59 6.99 0.94
CA ALA C 308 -2.30 8.18 1.73
C ALA C 308 -3.23 9.33 1.36
N GLY C 309 -4.10 9.09 0.38
CA GLY C 309 -5.04 10.11 -0.06
C GLY C 309 -4.44 11.28 -0.82
N LEU C 310 -3.26 11.06 -1.41
CA LEU C 310 -2.58 12.11 -2.15
C LEU C 310 -3.03 12.19 -3.60
N MET C 311 -2.54 13.20 -4.31
CA MET C 311 -2.86 13.40 -5.73
C MET C 311 -1.64 13.07 -6.59
N LEU C 312 -1.88 12.75 -7.86
CA LEU C 312 -0.79 12.36 -8.74
C LEU C 312 -0.59 13.30 -9.93
N ALA C 313 0.69 13.57 -10.22
CA ALA C 313 1.11 14.41 -11.34
C ALA C 313 2.42 13.81 -11.89
N PRO C 314 2.32 12.70 -12.64
CA PRO C 314 3.49 12.01 -13.21
C PRO C 314 4.40 12.98 -13.95
N HIS C 315 5.70 12.78 -13.80
CA HIS C 315 6.68 13.65 -14.44
C HIS C 315 7.22 13.14 -15.77
N PHE C 316 7.20 14.02 -16.77
CA PHE C 316 7.73 13.70 -18.09
C PHE C 316 6.99 12.59 -18.84
N ALA C 317 7.67 12.00 -19.83
CA ALA C 317 7.17 10.91 -20.67
C ALA C 317 5.65 10.72 -20.73
N MET C 318 4.97 11.68 -21.33
CA MET C 318 3.51 11.63 -21.45
C MET C 318 3.01 10.39 -22.17
N GLU C 319 3.80 9.90 -23.12
CA GLU C 319 3.45 8.73 -23.91
C GLU C 319 3.11 7.56 -23.01
N LEU C 320 3.79 7.50 -21.87
CA LEU C 320 3.56 6.42 -20.92
C LEU C 320 2.65 6.87 -19.78
N HIS C 321 2.95 8.03 -19.20
CA HIS C 321 2.18 8.53 -18.08
C HIS C 321 0.71 8.81 -18.31
N VAL C 322 0.31 9.01 -19.56
CA VAL C 322 -1.10 9.27 -19.84
C VAL C 322 -1.91 8.02 -19.50
N HIS C 323 -1.35 6.85 -19.78
CA HIS C 323 -2.04 5.60 -19.47
C HIS C 323 -2.09 5.37 -17.96
N LEU C 324 -0.99 5.64 -17.29
CA LEU C 324 -0.88 5.45 -15.84
C LEU C 324 -1.75 6.44 -15.08
N ALA C 325 -1.78 7.68 -15.57
CA ALA C 325 -2.57 8.71 -14.94
C ALA C 325 -4.05 8.34 -15.02
N ALA C 326 -4.45 7.76 -16.16
CA ALA C 326 -5.83 7.37 -16.38
C ALA C 326 -6.31 6.27 -15.42
N ALA C 327 -5.37 5.53 -14.85
CA ALA C 327 -5.69 4.45 -13.93
C ALA C 327 -5.70 4.89 -12.47
N TYR C 328 -5.37 6.15 -12.21
CA TYR C 328 -5.36 6.65 -10.83
C TYR C 328 -6.78 7.14 -10.46
N PRO C 329 -7.23 6.81 -9.24
CA PRO C 329 -8.57 7.19 -8.76
C PRO C 329 -8.90 8.69 -8.74
N ARG C 330 -8.00 9.52 -8.23
CA ARG C 330 -8.27 10.96 -8.17
C ARG C 330 -7.68 11.73 -9.35
N GLU C 331 -8.45 12.69 -9.86
CA GLU C 331 -8.05 13.51 -11.02
C GLU C 331 -6.58 13.95 -11.02
N PRO C 332 -5.78 13.38 -11.95
CA PRO C 332 -4.37 13.72 -12.05
C PRO C 332 -4.07 14.77 -13.12
N TRP C 333 -2.80 15.15 -13.21
CA TRP C 333 -2.32 16.09 -14.21
C TRP C 333 -1.13 15.44 -14.92
N VAL C 334 -1.04 15.62 -16.23
CA VAL C 334 0.08 15.08 -16.99
C VAL C 334 0.63 16.24 -17.82
N GLU C 335 1.96 16.36 -17.86
CA GLU C 335 2.57 17.44 -18.61
C GLU C 335 2.72 17.06 -20.08
N HIS C 336 2.40 18.00 -20.96
CA HIS C 336 2.51 17.78 -22.39
C HIS C 336 3.83 18.30 -22.93
N PHE C 337 4.67 17.38 -23.36
CA PHE C 337 5.98 17.68 -23.93
C PHE C 337 5.96 17.18 -25.36
N GLU C 338 6.65 17.89 -26.26
CA GLU C 338 6.71 17.48 -27.65
C GLU C 338 8.06 16.84 -27.98
N TRP C 339 9.00 16.93 -27.04
CA TRP C 339 10.35 16.41 -27.21
C TRP C 339 10.49 14.99 -27.77
N LEU C 340 9.72 14.03 -27.26
CA LEU C 340 9.83 12.65 -27.71
C LEU C 340 9.05 12.24 -28.96
N GLU C 341 8.19 13.13 -29.46
CA GLU C 341 7.37 12.83 -30.63
C GLU C 341 8.07 12.23 -31.87
N PRO C 342 9.24 12.78 -32.25
CA PRO C 342 9.92 12.23 -33.43
C PRO C 342 10.45 10.81 -33.30
N LEU C 343 10.39 10.25 -32.09
CA LEU C 343 10.86 8.90 -31.86
C LEU C 343 9.77 7.87 -32.16
N PHE C 344 8.53 8.35 -32.25
CA PHE C 344 7.40 7.47 -32.49
C PHE C 344 6.58 7.91 -33.71
N ASN C 345 5.76 7.01 -34.22
CA ASN C 345 4.92 7.31 -35.38
C ASN C 345 3.58 7.86 -34.97
N GLU C 346 3.20 7.62 -33.71
CA GLU C 346 1.91 8.10 -33.21
C GLU C 346 2.08 9.44 -32.48
N ARG C 347 0.97 10.15 -32.31
CA ARG C 347 0.97 11.44 -31.62
C ARG C 347 -0.16 11.49 -30.59
N ILE C 348 0.01 12.28 -29.54
CA ILE C 348 -1.01 12.42 -28.52
C ILE C 348 -1.99 13.53 -28.90
N GLU C 349 -3.27 13.25 -28.71
CA GLU C 349 -4.31 14.21 -29.05
C GLU C 349 -4.73 15.01 -27.82
N ILE C 350 -4.80 16.34 -27.97
CA ILE C 350 -5.23 17.19 -26.86
C ILE C 350 -6.44 18.01 -27.31
N ARG C 351 -7.39 18.16 -26.40
CA ARG C 351 -8.62 18.89 -26.70
C ARG C 351 -9.25 19.43 -25.43
N ASP C 352 -9.48 20.74 -25.40
CA ASP C 352 -10.11 21.40 -24.27
C ASP C 352 -9.46 21.13 -22.92
N GLY C 353 -8.15 21.40 -22.83
CA GLY C 353 -7.43 21.20 -21.58
C GLY C 353 -7.12 19.77 -21.17
N ARG C 354 -7.49 18.79 -21.98
CA ARG C 354 -7.23 17.39 -21.65
C ARG C 354 -6.51 16.59 -22.73
N MET C 355 -5.67 15.65 -22.29
CA MET C 355 -4.95 14.76 -23.18
C MET C 355 -5.83 13.53 -23.36
N LEU C 356 -6.00 13.07 -24.59
CA LEU C 356 -6.82 11.91 -24.85
C LEU C 356 -6.00 10.66 -24.59
N VAL C 357 -6.58 9.70 -23.87
CA VAL C 357 -5.88 8.46 -23.58
C VAL C 357 -5.91 7.62 -24.85
N PRO C 358 -4.74 7.29 -25.41
CA PRO C 358 -4.72 6.47 -26.63
C PRO C 358 -5.60 5.23 -26.45
N THR C 359 -6.31 4.82 -27.50
CA THR C 359 -7.16 3.65 -27.38
C THR C 359 -6.62 2.44 -28.12
N ARG C 360 -5.45 2.56 -28.72
CA ARG C 360 -4.90 1.41 -29.44
C ARG C 360 -4.16 0.49 -28.46
N PRO C 361 -3.90 -0.77 -28.87
CA PRO C 361 -3.21 -1.77 -28.06
C PRO C 361 -1.91 -1.35 -27.37
N GLY C 362 -1.76 -1.79 -26.12
CA GLY C 362 -0.57 -1.48 -25.35
C GLY C 362 -0.33 0.00 -25.18
N LEU C 363 0.93 0.39 -25.28
CA LEU C 363 1.31 1.79 -25.17
C LEU C 363 0.90 2.58 -26.40
N GLY C 364 0.58 1.86 -27.47
CA GLY C 364 0.18 2.53 -28.72
C GLY C 364 1.34 3.23 -29.39
N LEU C 365 2.53 2.68 -29.24
CA LEU C 365 3.73 3.28 -29.80
C LEU C 365 4.53 2.31 -30.68
N THR C 366 5.15 2.87 -31.71
CA THR C 366 5.99 2.12 -32.65
C THR C 366 7.12 3.07 -32.99
N LEU C 367 8.35 2.56 -33.02
CA LEU C 367 9.51 3.39 -33.32
C LEU C 367 9.42 3.95 -34.73
N SER C 368 9.80 5.21 -34.90
CA SER C 368 9.78 5.84 -36.21
C SER C 368 11.11 5.49 -36.88
N GLY C 369 11.23 5.83 -38.16
CA GLY C 369 12.47 5.52 -38.86
C GLY C 369 13.62 6.41 -38.45
N GLN C 370 13.34 7.47 -37.71
CA GLN C 370 14.37 8.40 -37.28
C GLN C 370 15.21 7.86 -36.12
N VAL C 371 14.66 6.88 -35.40
CA VAL C 371 15.36 6.30 -34.25
C VAL C 371 16.71 5.69 -34.64
N LYS C 372 16.74 5.00 -35.78
CA LYS C 372 17.96 4.36 -36.25
C LYS C 372 19.09 5.38 -36.38
N ALA C 373 18.79 6.53 -36.98
CA ALA C 373 19.78 7.57 -37.18
C ALA C 373 20.38 8.11 -35.88
N TRP C 374 19.57 8.21 -34.84
CA TRP C 374 20.06 8.74 -33.57
C TRP C 374 20.57 7.70 -32.59
N THR C 375 20.59 6.44 -33.02
CA THR C 375 21.06 5.35 -32.15
C THR C 375 22.57 5.23 -32.14
N ARG C 376 23.17 5.42 -30.97
CA ARG C 376 24.63 5.34 -30.83
C ARG C 376 25.12 3.96 -30.38
N GLU C 377 24.22 3.19 -29.77
CA GLU C 377 24.56 1.86 -29.28
C GLU C 377 23.37 0.92 -29.40
N GLU C 378 23.65 -0.35 -29.66
CA GLU C 378 22.61 -1.36 -29.76
C GLU C 378 23.16 -2.74 -29.44
N ALA C 379 22.26 -3.67 -29.17
CA ALA C 379 22.66 -5.03 -28.84
C ALA C 379 21.41 -5.88 -28.77
N GLN C 380 21.55 -7.16 -29.13
CA GLN C 380 20.42 -8.06 -29.07
C GLN C 380 20.87 -9.46 -28.71
N VAL C 381 19.92 -10.29 -28.31
CA VAL C 381 20.20 -11.67 -27.94
C VAL C 381 18.98 -12.52 -28.25
N GLY C 382 19.18 -13.83 -28.35
CA GLY C 382 18.08 -14.72 -28.66
C GLY C 382 17.85 -14.74 -30.16
N THR C 383 16.79 -15.41 -30.59
CA THR C 383 16.46 -15.51 -32.01
C THR C 383 15.05 -15.01 -32.25
N ARG C 384 14.81 -14.47 -33.43
CA ARG C 384 13.49 -13.95 -33.77
C ARG C 384 12.67 -14.98 -34.56
N SER D 12 -38.21 -13.77 33.73
CA SER D 12 -38.29 -12.42 33.11
C SER D 12 -39.22 -12.45 31.91
N ASP D 13 -39.25 -11.33 31.18
CA ASP D 13 -40.09 -11.24 30.00
C ASP D 13 -39.33 -11.93 28.87
N ARG D 14 -40.01 -12.21 27.77
CA ARG D 14 -39.38 -12.86 26.63
C ARG D 14 -40.09 -12.45 25.34
N ILE D 15 -39.33 -12.31 24.26
CA ILE D 15 -39.90 -11.94 22.97
C ILE D 15 -40.70 -13.12 22.42
N THR D 16 -41.94 -12.87 22.00
CA THR D 16 -42.76 -13.94 21.47
C THR D 16 -43.15 -13.72 20.01
N TRP D 17 -43.08 -12.48 19.56
CA TRP D 17 -43.50 -12.15 18.20
C TRP D 17 -42.72 -11.00 17.57
N VAL D 18 -42.38 -11.16 16.30
CA VAL D 18 -41.65 -10.12 15.59
C VAL D 18 -42.20 -10.01 14.17
N ARG D 19 -42.40 -8.78 13.71
CA ARG D 19 -42.86 -8.54 12.36
C ARG D 19 -41.96 -7.50 11.73
N ILE D 20 -41.62 -7.72 10.47
CA ILE D 20 -40.79 -6.79 9.74
C ILE D 20 -41.47 -6.48 8.43
N SER D 21 -41.21 -5.29 7.89
CA SER D 21 -41.82 -4.91 6.63
C SER D 21 -40.99 -3.85 5.93
N SER D 22 -41.01 -3.89 4.60
CA SER D 22 -40.27 -2.93 3.79
C SER D 22 -41.29 -1.96 3.21
N CYS D 23 -41.19 -0.71 3.62
CA CYS D 23 -42.12 0.33 3.21
C CYS D 23 -41.47 1.38 2.31
N TYR D 24 -41.99 1.52 1.10
CA TYR D 24 -41.44 2.51 0.18
C TYR D 24 -42.22 3.80 0.25
N LEU D 25 -41.64 4.76 0.96
CA LEU D 25 -42.24 6.07 1.16
C LEU D 25 -42.04 6.94 -0.07
N PRO D 26 -43.14 7.30 -0.75
CA PRO D 26 -43.03 8.15 -1.94
C PRO D 26 -42.65 9.57 -1.56
N LEU D 27 -41.76 10.19 -2.34
CA LEU D 27 -41.34 11.55 -2.06
C LEU D 27 -41.87 12.51 -3.13
N PRO D 43 -32.11 10.44 -8.97
CA PRO D 43 -33.53 10.79 -9.13
C PRO D 43 -34.39 10.17 -8.04
N MET D 44 -34.07 10.46 -6.78
CA MET D 44 -34.82 9.91 -5.64
C MET D 44 -36.32 10.22 -5.65
N THR D 45 -37.11 9.17 -5.89
CA THR D 45 -38.56 9.29 -5.93
C THR D 45 -39.22 8.69 -4.68
N GLU D 46 -38.45 7.88 -3.95
CA GLU D 46 -38.95 7.22 -2.75
C GLU D 46 -37.83 6.76 -1.82
N ILE D 47 -38.18 6.53 -0.56
CA ILE D 47 -37.22 6.07 0.44
C ILE D 47 -37.69 4.70 0.93
N ALA D 48 -36.76 3.76 1.03
CA ALA D 48 -37.10 2.41 1.49
C ALA D 48 -36.96 2.36 2.99
N ILE D 49 -38.06 2.09 3.69
CA ILE D 49 -38.01 2.01 5.15
C ILE D 49 -38.21 0.57 5.61
N LEU D 50 -37.41 0.17 6.59
CA LEU D 50 -37.52 -1.17 7.15
C LEU D 50 -38.11 -0.99 8.54
N PHE D 51 -39.31 -1.51 8.76
CA PHE D 51 -39.94 -1.42 10.08
C PHE D 51 -39.82 -2.74 10.83
N ALA D 52 -39.60 -2.64 12.14
CA ALA D 52 -39.51 -3.82 12.98
C ALA D 52 -40.50 -3.63 14.13
N GLU D 53 -41.30 -4.66 14.40
CA GLU D 53 -42.25 -4.63 15.49
C GLU D 53 -41.93 -5.84 16.35
N ILE D 54 -41.82 -5.62 17.66
CA ILE D 54 -41.51 -6.69 18.58
C ILE D 54 -42.52 -6.70 19.73
N GLU D 55 -42.99 -7.89 20.11
CA GLU D 55 -43.92 -8.01 21.21
C GLU D 55 -43.42 -9.11 22.15
N THR D 56 -43.68 -8.92 23.43
CA THR D 56 -43.22 -9.86 24.45
C THR D 56 -44.36 -10.57 25.17
N ALA D 57 -44.03 -11.69 25.81
CA ALA D 57 -45.01 -12.47 26.56
C ALA D 57 -45.67 -11.60 27.63
N GLY D 58 -44.94 -10.58 28.08
CA GLY D 58 -45.48 -9.69 29.10
C GLY D 58 -46.38 -8.60 28.55
N GLY D 59 -46.71 -8.68 27.27
CA GLY D 59 -47.59 -7.69 26.64
C GLY D 59 -46.94 -6.38 26.22
N HIS D 60 -45.62 -6.31 26.31
CA HIS D 60 -44.93 -5.08 25.93
C HIS D 60 -44.70 -5.03 24.42
N GLN D 61 -44.61 -3.83 23.87
CA GLN D 61 -44.43 -3.68 22.43
C GLN D 61 -43.42 -2.60 22.09
N GLY D 62 -42.72 -2.79 20.98
CA GLY D 62 -41.75 -1.80 20.54
C GLY D 62 -41.78 -1.67 19.02
N LEU D 63 -41.45 -0.48 18.51
CA LEU D 63 -41.42 -0.22 17.08
C LEU D 63 -40.08 0.40 16.76
N GLY D 64 -39.48 -0.03 15.65
CA GLY D 64 -38.19 0.51 15.26
C GLY D 64 -38.08 0.53 13.75
N PHE D 65 -37.04 1.19 13.24
CA PHE D 65 -36.88 1.27 11.81
C PHE D 65 -35.47 1.65 11.38
N SER D 66 -35.18 1.35 10.12
CA SER D 66 -33.91 1.68 9.50
C SER D 66 -34.34 2.09 8.10
N TYR D 67 -33.43 2.63 7.31
CA TYR D 67 -33.79 3.07 5.96
C TYR D 67 -32.61 3.05 5.01
N SER D 68 -32.92 3.21 3.73
CA SER D 68 -31.94 3.27 2.65
C SER D 68 -32.47 4.28 1.65
N LYS D 69 -31.69 5.31 1.33
CA LYS D 69 -32.12 6.31 0.36
C LYS D 69 -31.96 5.82 -1.07
N ARG D 70 -30.86 5.11 -1.32
CA ARG D 70 -30.59 4.56 -2.65
C ARG D 70 -30.75 3.05 -2.55
N ALA D 71 -29.89 2.30 -3.24
CA ALA D 71 -29.96 0.85 -3.19
C ALA D 71 -29.70 0.36 -1.77
N GLY D 72 -30.33 -0.74 -1.39
CA GLY D 72 -30.14 -1.28 -0.04
C GLY D 72 -31.42 -1.72 0.65
N GLY D 73 -32.54 -1.14 0.26
CA GLY D 73 -33.82 -1.50 0.87
C GLY D 73 -34.09 -2.99 0.85
N PRO D 74 -34.06 -3.62 -0.33
CA PRO D 74 -34.31 -5.07 -0.44
C PRO D 74 -33.28 -5.87 0.33
N GLY D 75 -32.05 -5.37 0.37
CA GLY D 75 -30.99 -6.05 1.08
C GLY D 75 -31.24 -6.06 2.58
N GLN D 76 -31.56 -4.89 3.14
CA GLN D 76 -31.84 -4.81 4.57
C GLN D 76 -33.00 -5.74 4.93
N PHE D 77 -34.06 -5.70 4.14
CA PHE D 77 -35.22 -6.54 4.42
C PHE D 77 -34.90 -8.03 4.40
N ALA D 78 -34.28 -8.48 3.32
CA ALA D 78 -33.95 -9.91 3.20
C ALA D 78 -33.10 -10.41 4.35
N HIS D 79 -32.13 -9.61 4.78
CA HIS D 79 -31.29 -10.03 5.90
C HIS D 79 -32.08 -10.02 7.19
N ALA D 80 -32.88 -8.97 7.38
CA ALA D 80 -33.71 -8.84 8.57
C ALA D 80 -34.64 -10.02 8.71
N ARG D 81 -35.21 -10.46 7.58
CA ARG D 81 -36.13 -11.57 7.55
C ARG D 81 -35.45 -12.88 7.93
N GLU D 82 -34.19 -13.04 7.53
CA GLU D 82 -33.45 -14.26 7.82
C GLU D 82 -32.96 -14.36 9.27
N ILE D 83 -32.68 -13.23 9.92
CA ILE D 83 -32.20 -13.26 11.30
C ILE D 83 -33.25 -13.00 12.38
N ALA D 84 -34.43 -12.53 11.98
CA ALA D 84 -35.48 -12.22 12.93
C ALA D 84 -35.82 -13.36 13.91
N PRO D 85 -35.90 -14.61 13.44
CA PRO D 85 -36.21 -15.73 14.32
C PRO D 85 -35.31 -15.90 15.54
N ALA D 86 -34.07 -15.41 15.45
CA ALA D 86 -33.12 -15.52 16.54
C ALA D 86 -33.55 -14.72 17.76
N LEU D 87 -34.52 -13.83 17.59
CA LEU D 87 -35.00 -13.00 18.70
C LEU D 87 -36.05 -13.72 19.55
N ILE D 88 -36.76 -14.66 18.96
CA ILE D 88 -37.82 -15.37 19.68
C ILE D 88 -37.33 -16.11 20.92
N GLY D 89 -37.95 -15.81 22.06
CA GLY D 89 -37.60 -16.45 23.30
C GLY D 89 -36.52 -15.74 24.11
N GLU D 90 -35.97 -14.67 23.54
CA GLU D 90 -34.91 -13.91 24.22
C GLU D 90 -35.49 -12.81 25.10
N ASP D 91 -34.74 -12.45 26.14
CA ASP D 91 -35.17 -11.40 27.06
C ASP D 91 -34.93 -10.05 26.39
N PRO D 92 -36.00 -9.32 26.06
CA PRO D 92 -35.95 -8.01 25.39
C PRO D 92 -35.10 -6.95 26.06
N SER D 93 -34.90 -7.09 27.38
CA SER D 93 -34.13 -6.11 28.12
C SER D 93 -32.63 -6.18 27.92
N ASP D 94 -32.13 -7.31 27.41
CA ASP D 94 -30.69 -7.46 27.18
C ASP D 94 -30.41 -7.03 25.75
N ILE D 95 -30.63 -5.75 25.47
CA ILE D 95 -30.47 -5.22 24.13
C ILE D 95 -29.09 -5.41 23.48
N ALA D 96 -28.02 -4.97 24.13
CA ALA D 96 -26.69 -5.12 23.53
C ALA D 96 -26.38 -6.61 23.27
N LYS D 97 -26.76 -7.47 24.21
CA LYS D 97 -26.55 -8.91 24.07
C LYS D 97 -27.23 -9.42 22.80
N LEU D 98 -28.45 -8.96 22.56
CA LEU D 98 -29.19 -9.38 21.36
C LEU D 98 -28.57 -8.80 20.10
N TRP D 99 -28.09 -7.56 20.18
CA TRP D 99 -27.44 -6.93 19.03
C TRP D 99 -26.31 -7.87 18.59
N ASP D 100 -25.49 -8.28 19.57
CA ASP D 100 -24.37 -9.17 19.31
C ASP D 100 -24.80 -10.52 18.78
N LYS D 101 -25.90 -11.05 19.33
CA LYS D 101 -26.38 -12.35 18.87
C LYS D 101 -26.76 -12.30 17.40
N LEU D 102 -27.52 -11.28 17.00
CA LEU D 102 -27.94 -11.17 15.61
C LEU D 102 -26.76 -10.97 14.66
N CYS D 103 -25.73 -10.29 15.15
CA CYS D 103 -24.51 -10.05 14.37
C CYS D 103 -23.87 -11.41 14.09
N TRP D 104 -23.79 -12.24 15.14
CA TRP D 104 -23.22 -13.57 14.99
C TRP D 104 -24.06 -14.42 14.06
N ALA D 105 -25.37 -14.23 14.07
CA ALA D 105 -26.27 -14.99 13.19
C ALA D 105 -25.82 -14.78 11.75
N GLY D 106 -25.16 -13.65 11.50
CA GLY D 106 -24.66 -13.35 10.17
C GLY D 106 -23.19 -12.97 10.30
N ALA D 107 -22.45 -13.85 10.96
CA ALA D 107 -21.02 -13.65 11.21
C ALA D 107 -20.15 -13.24 10.03
N SER D 108 -20.37 -13.85 8.87
CA SER D 108 -19.56 -13.52 7.70
C SER D 108 -20.06 -12.26 7.00
N ALA D 109 -21.15 -11.72 7.50
CA ALA D 109 -21.75 -10.51 6.93
C ALA D 109 -21.12 -9.21 7.41
N GLY D 110 -20.25 -9.28 8.42
CA GLY D 110 -19.61 -8.06 8.92
C GLY D 110 -20.32 -7.36 10.07
N ARG D 111 -19.63 -6.38 10.66
CA ARG D 111 -20.18 -5.61 11.77
C ARG D 111 -20.56 -4.21 11.31
N SER D 112 -20.88 -4.07 10.02
CA SER D 112 -21.25 -2.78 9.46
C SER D 112 -21.99 -2.99 8.15
N GLY D 113 -22.57 -1.92 7.62
CA GLY D 113 -23.28 -2.04 6.37
C GLY D 113 -24.70 -2.55 6.54
N LEU D 114 -25.21 -3.18 5.47
CA LEU D 114 -26.57 -3.69 5.43
C LEU D 114 -26.98 -4.63 6.56
N SER D 115 -26.10 -5.51 6.98
CA SER D 115 -26.45 -6.46 8.03
C SER D 115 -26.75 -5.77 9.36
N THR D 116 -25.90 -4.85 9.77
CA THR D 116 -26.13 -4.16 11.02
C THR D 116 -27.25 -3.12 10.92
N GLN D 117 -27.50 -2.60 9.72
CA GLN D 117 -28.58 -1.63 9.56
C GLN D 117 -29.91 -2.39 9.74
N ALA D 118 -29.96 -3.63 9.27
CA ALA D 118 -31.15 -4.45 9.44
C ALA D 118 -31.29 -4.73 10.94
N ILE D 119 -30.16 -5.02 11.59
CA ILE D 119 -30.15 -5.27 13.03
C ILE D 119 -30.66 -4.02 13.76
N GLY D 120 -30.28 -2.84 13.25
CA GLY D 120 -30.70 -1.58 13.85
C GLY D 120 -32.20 -1.42 14.04
N ALA D 121 -33.00 -1.83 13.06
CA ALA D 121 -34.45 -1.68 13.17
C ALA D 121 -34.96 -2.40 14.44
N PHE D 122 -34.45 -3.60 14.68
CA PHE D 122 -34.83 -4.38 15.86
C PHE D 122 -34.32 -3.71 17.13
N ASP D 123 -33.08 -3.23 17.05
CA ASP D 123 -32.45 -2.60 18.20
C ASP D 123 -33.28 -1.39 18.64
N VAL D 124 -33.74 -0.60 17.68
CA VAL D 124 -34.54 0.57 18.01
C VAL D 124 -35.87 0.15 18.64
N ALA D 125 -36.46 -0.93 18.11
CA ALA D 125 -37.72 -1.42 18.65
C ALA D 125 -37.54 -1.81 20.11
N LEU D 126 -36.44 -2.48 20.43
CA LEU D 126 -36.18 -2.90 21.80
C LEU D 126 -35.98 -1.74 22.77
N TRP D 127 -35.39 -0.65 22.30
CA TRP D 127 -35.18 0.51 23.16
C TRP D 127 -36.52 1.20 23.36
N ASP D 128 -37.33 1.24 22.31
CA ASP D 128 -38.66 1.85 22.38
C ASP D 128 -39.44 1.05 23.45
N LEU D 129 -39.36 -0.27 23.36
CA LEU D 129 -40.05 -1.16 24.30
C LEU D 129 -39.61 -0.96 25.75
N LYS D 130 -38.31 -0.82 25.98
CA LYS D 130 -37.80 -0.64 27.33
C LYS D 130 -38.20 0.71 27.95
N ALA D 131 -38.19 1.77 27.13
CA ALA D 131 -38.57 3.08 27.61
C ALA D 131 -40.05 3.05 27.99
N LYS D 132 -40.86 2.44 27.13
CA LYS D 132 -42.30 2.32 27.37
C LYS D 132 -42.56 1.52 28.64
N ARG D 133 -41.73 0.51 28.86
CA ARG D 133 -41.85 -0.33 30.05
C ARG D 133 -41.67 0.55 31.29
N ALA D 134 -40.84 1.58 31.19
CA ALA D 134 -40.60 2.49 32.30
C ALA D 134 -41.54 3.69 32.29
N GLY D 135 -42.47 3.70 31.33
CA GLY D 135 -43.38 4.83 31.24
C GLY D 135 -42.62 6.12 30.99
N LEU D 136 -41.54 6.05 30.22
CA LEU D 136 -40.72 7.22 29.93
C LEU D 136 -40.40 7.37 28.45
N SER D 137 -40.14 8.60 28.04
CA SER D 137 -39.77 8.86 26.66
C SER D 137 -38.37 8.26 26.55
N LEU D 138 -37.90 8.04 25.34
CA LEU D 138 -36.56 7.47 25.18
C LEU D 138 -35.54 8.42 25.80
N ALA D 139 -35.76 9.72 25.61
CA ALA D 139 -34.85 10.72 26.16
C ALA D 139 -34.70 10.62 27.67
N LYS D 140 -35.82 10.43 28.36
CA LYS D 140 -35.79 10.34 29.83
C LYS D 140 -35.25 8.99 30.30
N LEU D 141 -35.48 7.93 29.53
CA LEU D 141 -34.94 6.64 29.92
C LEU D 141 -33.39 6.78 29.95
N LEU D 142 -32.84 7.33 28.87
CA LEU D 142 -31.39 7.53 28.77
C LEU D 142 -30.88 8.57 29.75
N GLY D 143 -31.75 9.54 30.07
CA GLY D 143 -31.35 10.62 30.94
C GLY D 143 -31.15 11.85 30.06
N SER D 144 -31.91 12.91 30.29
CA SER D 144 -31.81 14.12 29.48
C SER D 144 -31.01 15.27 30.08
N TYR D 145 -30.59 16.17 29.21
CA TYR D 145 -29.84 17.36 29.60
C TYR D 145 -30.66 18.58 29.20
N ARG D 146 -31.64 18.38 28.32
CA ARG D 146 -32.47 19.49 27.84
C ARG D 146 -33.83 18.99 27.38
N ASP D 147 -34.82 19.88 27.38
CA ASP D 147 -36.17 19.51 26.96
C ASP D 147 -36.44 19.85 25.51
N SER D 148 -35.53 20.60 24.88
CA SER D 148 -35.68 20.95 23.47
C SER D 148 -34.28 21.04 22.87
N VAL D 149 -34.18 20.78 21.56
CA VAL D 149 -32.88 20.79 20.90
C VAL D 149 -32.83 21.82 19.76
N ARG D 150 -31.69 22.47 19.58
CA ARG D 150 -31.56 23.46 18.51
C ARG D 150 -31.76 22.73 17.18
N CYS D 151 -32.50 23.36 16.27
CA CYS D 151 -32.77 22.75 14.99
C CYS D 151 -32.50 23.70 13.81
N TYR D 152 -32.34 23.11 12.63
CA TYR D 152 -32.08 23.88 11.43
C TYR D 152 -32.65 23.11 10.26
N ASN D 153 -32.63 23.71 9.08
CA ASN D 153 -33.13 23.01 7.91
C ASN D 153 -32.52 23.62 6.65
N THR D 154 -32.80 23.02 5.50
CA THR D 154 -32.25 23.51 4.23
C THR D 154 -33.30 24.31 3.45
N SER D 155 -34.53 24.35 3.98
CA SER D 155 -35.62 25.06 3.35
C SER D 155 -35.72 24.74 1.87
N GLY D 156 -35.58 23.45 1.57
CA GLY D 156 -35.67 22.97 0.20
C GLY D 156 -34.54 23.46 -0.69
N GLY D 157 -33.56 24.12 -0.09
CA GLY D 157 -32.44 24.64 -0.83
C GLY D 157 -31.51 23.60 -1.46
N PHE D 158 -31.14 23.86 -2.71
CA PHE D 158 -30.24 23.00 -3.46
C PHE D 158 -29.23 23.88 -4.18
N LEU D 159 -28.11 23.28 -4.57
CA LEU D 159 -27.05 24.00 -5.25
C LEU D 159 -27.58 24.75 -6.48
N HIS D 160 -28.60 24.19 -7.13
CA HIS D 160 -29.17 24.80 -8.33
C HIS D 160 -30.37 25.72 -8.09
N THR D 161 -30.76 25.90 -6.84
CA THR D 161 -31.90 26.76 -6.53
C THR D 161 -31.55 28.24 -6.61
N PRO D 162 -32.34 29.02 -7.35
CA PRO D 162 -32.09 30.47 -7.49
C PRO D 162 -32.05 31.06 -6.09
N ILE D 163 -31.00 31.84 -5.81
CA ILE D 163 -30.84 32.44 -4.49
C ILE D 163 -32.09 33.15 -3.98
N ASP D 164 -32.78 33.86 -4.88
CA ASP D 164 -33.98 34.60 -4.51
C ASP D 164 -35.05 33.68 -3.92
N GLN D 165 -35.24 32.54 -4.56
CA GLN D 165 -36.22 31.57 -4.10
C GLN D 165 -35.82 30.98 -2.76
N LEU D 166 -34.54 30.64 -2.63
CA LEU D 166 -34.02 30.06 -1.40
C LEU D 166 -34.16 31.00 -0.22
N MET D 167 -33.88 32.29 -0.44
CA MET D 167 -33.97 33.28 0.63
C MET D 167 -35.39 33.40 1.17
N VAL D 168 -36.38 33.29 0.28
CA VAL D 168 -37.76 33.37 0.67
C VAL D 168 -38.14 32.15 1.50
N ASN D 169 -37.78 30.97 1.01
CA ASN D 169 -38.08 29.74 1.73
C ASN D 169 -37.37 29.69 3.08
N ALA D 170 -36.19 30.29 3.15
CA ALA D 170 -35.42 30.31 4.38
C ALA D 170 -36.08 31.21 5.41
N SER D 171 -36.59 32.35 4.96
CA SER D 171 -37.27 33.28 5.85
C SER D 171 -38.57 32.67 6.37
N ALA D 172 -39.24 31.90 5.52
CA ALA D 172 -40.49 31.26 5.93
C ALA D 172 -40.20 30.25 7.06
N SER D 173 -39.07 29.56 6.95
CA SER D 173 -38.68 28.57 7.97
C SER D 173 -38.37 29.24 9.28
N ILE D 174 -37.61 30.34 9.22
CA ILE D 174 -37.27 31.06 10.43
C ILE D 174 -38.56 31.53 11.07
N GLU D 175 -39.50 31.97 10.24
CA GLU D 175 -40.78 32.45 10.73
C GLU D 175 -41.53 31.33 11.44
N ARG D 176 -41.42 30.12 10.91
CA ARG D 176 -42.09 28.98 11.51
C ARG D 176 -41.36 28.38 12.70
N GLY D 177 -40.25 28.97 13.10
CA GLY D 177 -39.53 28.48 14.26
C GLY D 177 -38.22 27.77 14.10
N ILE D 178 -37.74 27.58 12.86
CA ILE D 178 -36.46 26.92 12.65
C ILE D 178 -35.34 27.77 13.28
N GLY D 179 -34.31 27.11 13.79
CA GLY D 179 -33.23 27.84 14.44
C GLY D 179 -31.95 28.06 13.64
N GLY D 180 -31.92 27.55 12.43
CA GLY D 180 -30.73 27.73 11.61
C GLY D 180 -31.00 27.27 10.19
N ILE D 181 -30.11 27.67 9.27
CA ILE D 181 -30.25 27.32 7.86
C ILE D 181 -28.94 26.70 7.34
N LYS D 182 -29.04 25.52 6.73
CA LYS D 182 -27.84 24.87 6.16
C LYS D 182 -27.92 25.03 4.64
N LEU D 183 -26.89 25.62 4.06
CA LEU D 183 -26.86 25.86 2.61
C LEU D 183 -25.93 24.90 1.90
N LYS D 184 -26.36 24.44 0.73
CA LYS D 184 -25.57 23.52 -0.08
C LYS D 184 -24.48 24.31 -0.81
N VAL D 185 -23.25 23.78 -0.82
CA VAL D 185 -22.15 24.42 -1.52
C VAL D 185 -21.29 23.32 -2.14
N GLY D 186 -20.22 23.71 -2.80
CA GLY D 186 -19.35 22.74 -3.42
C GLY D 186 -19.38 22.70 -4.93
N GLN D 187 -19.94 23.72 -5.56
CA GLN D 187 -19.97 23.74 -7.03
C GLN D 187 -18.57 24.08 -7.56
N PRO D 188 -18.27 23.67 -8.81
CA PRO D 188 -16.95 23.94 -9.39
C PRO D 188 -16.49 25.39 -9.18
N ASP D 189 -17.40 26.34 -9.38
CA ASP D 189 -17.08 27.74 -9.21
C ASP D 189 -17.34 28.21 -7.77
N GLY D 190 -16.29 28.14 -6.95
CA GLY D 190 -16.39 28.51 -5.56
C GLY D 190 -16.85 29.93 -5.25
N ALA D 191 -16.45 30.90 -6.07
CA ALA D 191 -16.83 32.29 -5.85
C ALA D 191 -18.35 32.40 -5.85
N LEU D 192 -19.00 31.55 -6.63
CA LEU D 192 -20.45 31.54 -6.70
C LEU D 192 -21.04 31.13 -5.36
N ASP D 193 -20.49 30.08 -4.75
CA ASP D 193 -20.99 29.62 -3.46
C ASP D 193 -20.84 30.72 -2.43
N ILE D 194 -19.67 31.35 -2.43
CA ILE D 194 -19.39 32.43 -1.50
C ILE D 194 -20.41 33.56 -1.65
N ALA D 195 -20.69 33.93 -2.89
CA ALA D 195 -21.66 35.00 -3.16
C ALA D 195 -23.06 34.58 -2.67
N ARG D 196 -23.41 33.31 -2.87
CA ARG D 196 -24.71 32.81 -2.43
C ARG D 196 -24.84 32.86 -0.91
N VAL D 197 -23.78 32.46 -0.20
CA VAL D 197 -23.85 32.49 1.26
C VAL D 197 -23.89 33.92 1.77
N THR D 198 -23.15 34.81 1.12
CA THR D 198 -23.14 36.23 1.49
C THR D 198 -24.56 36.77 1.35
N ALA D 199 -25.22 36.41 0.27
CA ALA D 199 -26.60 36.84 0.00
C ALA D 199 -27.57 36.40 1.10
N VAL D 200 -27.50 35.13 1.48
CA VAL D 200 -28.39 34.61 2.52
C VAL D 200 -28.11 35.30 3.84
N ARG D 201 -26.84 35.51 4.16
CA ARG D 201 -26.46 36.17 5.41
C ARG D 201 -27.05 37.59 5.45
N LYS D 202 -26.95 38.29 4.33
CA LYS D 202 -27.49 39.65 4.24
C LYS D 202 -29.01 39.58 4.39
N HIS D 203 -29.64 38.65 3.67
CA HIS D 203 -31.08 38.52 3.74
C HIS D 203 -31.61 38.15 5.13
N LEU D 204 -30.97 37.19 5.79
CA LEU D 204 -31.44 36.76 7.11
C LEU D 204 -30.91 37.53 8.31
N GLY D 205 -29.74 38.15 8.19
CA GLY D 205 -29.18 38.90 9.30
C GLY D 205 -28.19 38.08 10.10
N ASP D 206 -27.34 38.75 10.88
CA ASP D 206 -26.33 38.06 11.68
C ASP D 206 -26.87 37.18 12.80
N ALA D 207 -28.13 37.36 13.16
CA ALA D 207 -28.73 36.58 14.25
C ALA D 207 -29.19 35.17 13.86
N VAL D 208 -29.20 34.86 12.56
CA VAL D 208 -29.64 33.55 12.10
C VAL D 208 -28.43 32.66 11.83
N PRO D 209 -28.24 31.59 12.62
CA PRO D 209 -27.09 30.70 12.39
C PRO D 209 -27.14 30.07 11.01
N LEU D 210 -25.97 29.89 10.41
CA LEU D 210 -25.87 29.30 9.07
C LEU D 210 -24.81 28.21 9.03
N MET D 211 -25.08 27.17 8.27
CA MET D 211 -24.12 26.08 8.10
C MET D 211 -24.03 25.82 6.60
N VAL D 212 -22.94 25.23 6.15
CA VAL D 212 -22.82 24.88 4.74
C VAL D 212 -22.46 23.41 4.63
N ASP D 213 -22.96 22.76 3.58
CA ASP D 213 -22.70 21.34 3.36
C ASP D 213 -22.14 21.20 1.95
N ALA D 214 -20.87 20.83 1.86
CA ALA D 214 -20.19 20.67 0.56
C ALA D 214 -20.41 19.28 -0.02
N ASN D 215 -21.03 18.40 0.75
CA ASN D 215 -21.32 17.04 0.32
C ASN D 215 -20.15 16.33 -0.35
N GLN D 216 -18.97 16.43 0.28
CA GLN D 216 -17.75 15.77 -0.19
C GLN D 216 -17.24 16.22 -1.57
N GLN D 217 -17.66 17.39 -2.01
CA GLN D 217 -17.27 17.84 -3.34
C GLN D 217 -15.91 18.50 -3.54
N TRP D 218 -15.19 18.78 -2.46
CA TRP D 218 -13.89 19.41 -2.62
C TRP D 218 -12.71 18.47 -2.42
N ASP D 219 -11.61 18.74 -3.12
CA ASP D 219 -10.40 17.95 -2.93
C ASP D 219 -9.70 18.72 -1.81
N ARG D 220 -8.61 18.18 -1.26
CA ARG D 220 -7.96 18.86 -0.14
C ARG D 220 -7.56 20.33 -0.34
N PRO D 221 -6.87 20.65 -1.43
CA PRO D 221 -6.48 22.05 -1.64
C PRO D 221 -7.65 23.05 -1.73
N THR D 222 -8.69 22.66 -2.44
CA THR D 222 -9.87 23.51 -2.59
C THR D 222 -10.55 23.70 -1.22
N ALA D 223 -10.72 22.60 -0.49
CA ALA D 223 -11.34 22.68 0.84
C ALA D 223 -10.56 23.67 1.70
N GLN D 224 -9.24 23.63 1.61
CA GLN D 224 -8.40 24.54 2.38
C GLN D 224 -8.73 25.99 2.02
N ARG D 225 -8.79 26.27 0.73
CA ARG D 225 -9.11 27.61 0.24
C ARG D 225 -10.55 28.06 0.56
N MET D 226 -11.50 27.15 0.41
CA MET D 226 -12.88 27.50 0.67
C MET D 226 -13.09 27.72 2.17
N CYS D 227 -12.55 26.82 2.99
CA CYS D 227 -12.69 26.96 4.44
C CYS D 227 -12.06 28.27 4.92
N ARG D 228 -10.92 28.67 4.34
CA ARG D 228 -10.27 29.91 4.76
C ARG D 228 -11.16 31.12 4.43
N ILE D 229 -11.79 31.11 3.27
CA ILE D 229 -12.66 32.21 2.90
C ILE D 229 -13.89 32.29 3.79
N PHE D 230 -14.42 31.14 4.21
CA PHE D 230 -15.61 31.12 5.05
C PHE D 230 -15.40 31.51 6.51
N GLU D 231 -14.14 31.46 6.99
CA GLU D 231 -13.81 31.77 8.37
C GLU D 231 -14.51 33.01 8.94
N PRO D 232 -14.37 34.17 8.28
CA PRO D 232 -15.02 35.38 8.80
C PRO D 232 -16.55 35.33 8.83
N PHE D 233 -17.14 34.36 8.14
CA PHE D 233 -18.60 34.23 8.13
C PHE D 233 -19.16 33.71 9.45
N ASN D 234 -18.29 33.13 10.28
CA ASN D 234 -18.72 32.59 11.57
C ASN D 234 -19.85 31.57 11.42
N LEU D 235 -19.72 30.66 10.47
CA LEU D 235 -20.71 29.62 10.27
C LEU D 235 -20.71 28.68 11.49
N VAL D 236 -21.81 27.96 11.70
CA VAL D 236 -21.89 27.02 12.82
C VAL D 236 -20.91 25.89 12.49
N TRP D 237 -20.91 25.48 11.23
CA TRP D 237 -19.98 24.45 10.76
C TRP D 237 -19.93 24.35 9.25
N ILE D 238 -18.91 23.66 8.76
CA ILE D 238 -18.73 23.40 7.35
C ILE D 238 -18.78 21.87 7.35
N GLU D 239 -19.82 21.33 6.70
CA GLU D 239 -20.07 19.89 6.67
C GLU D 239 -19.53 19.17 5.44
N GLU D 240 -18.91 18.01 5.68
CA GLU D 240 -18.34 17.16 4.64
C GLU D 240 -17.60 17.86 3.50
N PRO D 241 -16.54 18.61 3.83
CA PRO D 241 -15.79 19.29 2.76
C PRO D 241 -15.03 18.28 1.91
N LEU D 242 -14.67 17.16 2.54
CA LEU D 242 -13.91 16.12 1.84
C LEU D 242 -14.61 14.77 1.81
N ASP D 243 -13.98 13.84 1.09
CA ASP D 243 -14.47 12.46 0.96
C ASP D 243 -14.70 11.93 2.38
N ALA D 244 -15.81 11.22 2.56
CA ALA D 244 -16.17 10.68 3.88
C ALA D 244 -15.08 9.94 4.66
N TYR D 245 -14.14 9.33 3.96
CA TYR D 245 -13.10 8.57 4.67
C TYR D 245 -11.74 9.23 4.75
N ASP D 246 -11.64 10.46 4.26
CA ASP D 246 -10.38 11.18 4.33
C ASP D 246 -10.26 11.82 5.71
N HIS D 247 -9.99 10.97 6.71
CA HIS D 247 -9.86 11.41 8.09
C HIS D 247 -8.69 12.34 8.32
N GLU D 248 -7.55 12.05 7.69
CA GLU D 248 -6.37 12.89 7.85
C GLU D 248 -6.62 14.25 7.22
N GLY D 249 -7.32 14.26 6.10
CA GLY D 249 -7.62 15.52 5.44
C GLY D 249 -8.54 16.37 6.31
N HIS D 250 -9.57 15.74 6.86
CA HIS D 250 -10.52 16.47 7.73
C HIS D 250 -9.83 16.96 9.00
N ALA D 251 -8.95 16.15 9.56
CA ALA D 251 -8.24 16.54 10.79
C ALA D 251 -7.38 17.78 10.55
N ALA D 252 -6.71 17.82 9.40
CA ALA D 252 -5.85 18.94 9.04
C ALA D 252 -6.65 20.25 8.91
N LEU D 253 -7.85 20.15 8.34
CA LEU D 253 -8.73 21.31 8.18
C LEU D 253 -9.22 21.79 9.55
N ALA D 254 -9.69 20.85 10.36
CA ALA D 254 -10.21 21.16 11.68
C ALA D 254 -9.15 21.81 12.56
N LEU D 255 -7.95 21.26 12.52
CA LEU D 255 -6.85 21.78 13.31
C LEU D 255 -6.54 23.23 12.97
N GLN D 256 -6.51 23.52 11.68
CA GLN D 256 -6.17 24.85 11.23
C GLN D 256 -7.24 25.95 11.29
N PHE D 257 -8.50 25.60 11.08
CA PHE D 257 -9.56 26.60 11.07
C PHE D 257 -10.44 26.66 12.33
N ASP D 258 -10.88 27.87 12.67
CA ASP D 258 -11.75 28.07 13.84
C ASP D 258 -13.12 27.46 13.57
N THR D 259 -13.63 27.66 12.35
CA THR D 259 -14.93 27.12 11.98
C THR D 259 -14.96 25.61 12.16
N PRO D 260 -15.96 25.11 12.91
CA PRO D 260 -16.08 23.66 13.15
C PRO D 260 -16.29 22.87 11.88
N ILE D 261 -15.69 21.68 11.81
CA ILE D 261 -15.84 20.79 10.67
C ILE D 261 -16.82 19.70 11.11
N ALA D 262 -17.83 19.45 10.27
CA ALA D 262 -18.82 18.42 10.58
C ALA D 262 -18.77 17.28 9.55
N THR D 263 -18.83 16.04 10.02
CA THR D 263 -18.83 14.90 9.11
C THR D 263 -19.21 13.62 9.84
N GLY D 264 -19.54 12.59 9.08
CA GLY D 264 -19.90 11.30 9.66
C GLY D 264 -21.18 10.66 9.16
N GLU D 265 -22.01 11.42 8.45
CA GLU D 265 -23.28 10.88 7.97
C GLU D 265 -23.17 9.64 7.10
N MET D 266 -22.04 9.47 6.43
CA MET D 266 -21.87 8.30 5.56
C MET D 266 -21.33 7.06 6.27
N LEU D 267 -20.79 7.24 7.47
CA LEU D 267 -20.23 6.10 8.20
C LEU D 267 -21.31 5.11 8.65
N THR D 268 -20.98 3.82 8.62
CA THR D 268 -21.96 2.80 8.98
C THR D 268 -21.60 1.89 10.16
N SER D 269 -20.76 2.36 11.07
CA SER D 269 -20.39 1.54 12.22
C SER D 269 -19.70 2.38 13.29
N ALA D 270 -19.73 1.90 14.53
CA ALA D 270 -19.11 2.60 15.62
C ALA D 270 -17.61 2.67 15.38
N ALA D 271 -17.06 1.63 14.76
CA ALA D 271 -15.63 1.56 14.47
C ALA D 271 -15.19 2.67 13.50
N GLU D 272 -15.99 2.94 12.47
CA GLU D 272 -15.62 3.99 11.52
C GLU D 272 -15.67 5.35 12.21
N HIS D 273 -16.63 5.54 13.10
CA HIS D 273 -16.71 6.80 13.82
C HIS D 273 -15.54 6.87 14.79
N GLY D 274 -15.16 5.72 15.32
CA GLY D 274 -14.04 5.67 16.24
C GLY D 274 -12.79 6.21 15.57
N ASP D 275 -12.63 5.89 14.29
CA ASP D 275 -11.48 6.34 13.51
C ASP D 275 -11.51 7.87 13.36
N LEU D 276 -12.67 8.43 13.06
CA LEU D 276 -12.81 9.88 12.93
C LEU D 276 -12.33 10.55 14.21
N ILE D 277 -12.83 10.07 15.33
CA ILE D 277 -12.49 10.61 16.64
C ILE D 277 -11.00 10.45 16.94
N ARG D 278 -10.43 9.29 16.64
CA ARG D 278 -9.01 9.07 16.88
C ARG D 278 -8.16 10.08 16.09
N HIS D 279 -8.60 10.41 14.88
CA HIS D 279 -7.87 11.36 14.03
C HIS D 279 -8.22 12.81 14.36
N ARG D 280 -9.26 13.00 15.16
CA ARG D 280 -9.72 14.34 15.51
C ARG D 280 -10.10 15.02 14.20
N ALA D 281 -10.84 14.29 13.38
CA ALA D 281 -11.25 14.77 12.06
C ALA D 281 -12.59 15.49 12.02
N ALA D 282 -13.22 15.69 13.18
CA ALA D 282 -14.50 16.37 13.20
C ALA D 282 -14.80 17.05 14.53
N ASP D 283 -15.29 18.28 14.45
CA ASP D 283 -15.67 19.05 15.63
C ASP D 283 -17.09 18.62 16.00
N TYR D 284 -17.90 18.40 14.96
CA TYR D 284 -19.27 17.93 15.12
C TYR D 284 -19.33 16.56 14.46
N LEU D 285 -19.60 15.54 15.27
CA LEU D 285 -19.70 14.19 14.73
C LEU D 285 -21.16 14.11 14.28
N MET D 286 -21.41 13.46 13.15
CA MET D 286 -22.76 13.36 12.60
C MET D 286 -23.22 11.93 12.37
N PRO D 287 -23.31 11.13 13.44
CA PRO D 287 -23.76 9.76 13.30
C PRO D 287 -25.25 9.67 12.95
N ASP D 288 -25.59 8.66 12.18
CA ASP D 288 -26.96 8.39 11.77
C ASP D 288 -27.27 7.05 12.43
N ALA D 289 -28.11 7.05 13.47
CA ALA D 289 -28.42 5.83 14.20
C ALA D 289 -28.80 4.66 13.32
N PRO D 290 -29.76 4.85 12.40
CA PRO D 290 -30.17 3.76 11.50
C PRO D 290 -28.99 3.26 10.67
N ARG D 291 -28.16 4.18 10.21
CA ARG D 291 -27.00 3.81 9.40
C ARG D 291 -25.89 3.09 10.16
N VAL D 292 -25.71 3.39 11.44
CA VAL D 292 -24.65 2.74 12.20
C VAL D 292 -25.07 1.46 12.92
N GLY D 293 -26.33 1.06 12.77
CA GLY D 293 -26.81 -0.16 13.39
C GLY D 293 -27.72 -0.02 14.59
N GLY D 294 -28.36 1.14 14.74
CA GLY D 294 -29.28 1.34 15.85
C GLY D 294 -28.81 2.21 17.00
N ILE D 295 -29.62 2.29 18.03
CA ILE D 295 -29.31 3.09 19.21
C ILE D 295 -28.10 2.57 19.99
N THR D 296 -28.00 1.25 20.12
CA THR D 296 -26.89 0.67 20.85
C THR D 296 -25.54 1.16 20.29
N PRO D 297 -25.29 0.97 18.98
CA PRO D 297 -23.98 1.47 18.51
C PRO D 297 -23.87 2.99 18.57
N PHE D 298 -24.99 3.69 18.39
CA PHE D 298 -24.99 5.15 18.44
C PHE D 298 -24.53 5.61 19.82
N LEU D 299 -25.00 4.93 20.87
CA LEU D 299 -24.62 5.30 22.23
C LEU D 299 -23.13 5.12 22.49
N LYS D 300 -22.53 4.10 21.90
CA LYS D 300 -21.10 3.89 22.08
C LYS D 300 -20.33 5.01 21.36
N ILE D 301 -20.84 5.41 20.20
CA ILE D 301 -20.20 6.49 19.45
C ILE D 301 -20.30 7.78 20.26
N ALA D 302 -21.51 8.06 20.76
CA ALA D 302 -21.75 9.25 21.57
C ALA D 302 -20.84 9.26 22.79
N SER D 303 -20.63 8.08 23.37
CA SER D 303 -19.76 8.00 24.54
C SER D 303 -18.31 8.35 24.19
N LEU D 304 -17.84 7.86 23.03
CA LEU D 304 -16.48 8.15 22.58
C LEU D 304 -16.34 9.64 22.27
N ALA D 305 -17.37 10.20 21.65
CA ALA D 305 -17.38 11.61 21.30
C ALA D 305 -17.35 12.50 22.54
N GLU D 306 -18.17 12.17 23.52
CA GLU D 306 -18.22 12.94 24.75
C GLU D 306 -16.83 12.94 25.36
N HIS D 307 -16.25 11.74 25.48
CA HIS D 307 -14.92 11.58 26.05
C HIS D 307 -13.88 12.45 25.33
N ALA D 308 -13.97 12.47 24.00
CA ALA D 308 -13.03 13.24 23.19
C ALA D 308 -13.33 14.75 23.20
N GLY D 309 -14.42 15.14 23.84
CA GLY D 309 -14.78 16.54 23.92
C GLY D 309 -15.41 17.11 22.67
N LEU D 310 -16.01 16.26 21.86
CA LEU D 310 -16.64 16.71 20.62
C LEU D 310 -18.11 17.07 20.78
N MET D 311 -18.67 17.66 19.72
CA MET D 311 -20.06 18.06 19.69
C MET D 311 -20.82 17.10 18.82
N LEU D 312 -22.15 17.07 18.96
CA LEU D 312 -22.97 16.15 18.19
C LEU D 312 -24.00 16.85 17.30
N ALA D 313 -24.15 16.34 16.07
CA ALA D 313 -25.11 16.84 15.11
C ALA D 313 -25.62 15.63 14.31
N PRO D 314 -26.47 14.80 14.93
CA PRO D 314 -27.03 13.61 14.30
C PRO D 314 -27.55 13.92 12.91
N HIS D 315 -27.45 12.95 12.01
CA HIS D 315 -27.90 13.15 10.65
C HIS D 315 -29.24 12.48 10.35
N PHE D 316 -30.17 13.27 9.81
CA PHE D 316 -31.48 12.77 9.43
C PHE D 316 -32.33 12.26 10.61
N ALA D 317 -33.33 11.44 10.28
CA ALA D 317 -34.26 10.81 11.23
C ALA D 317 -34.43 11.53 12.57
N MET D 318 -34.94 12.75 12.51
CA MET D 318 -35.16 13.55 13.70
C MET D 318 -36.09 12.90 14.73
N GLU D 319 -37.06 12.12 14.27
CA GLU D 319 -38.00 11.47 15.18
C GLU D 319 -37.26 10.58 16.17
N LEU D 320 -36.08 10.13 15.79
CA LEU D 320 -35.28 9.30 16.66
C LEU D 320 -34.15 10.12 17.28
N HIS D 321 -33.48 10.93 16.47
CA HIS D 321 -32.35 11.70 16.96
C HIS D 321 -32.65 12.79 17.96
N VAL D 322 -33.89 13.29 18.00
CA VAL D 322 -34.24 14.34 18.95
C VAL D 322 -34.07 13.79 20.36
N HIS D 323 -34.42 12.52 20.56
CA HIS D 323 -34.27 11.87 21.86
C HIS D 323 -32.79 11.64 22.17
N LEU D 324 -32.05 11.16 21.17
CA LEU D 324 -30.63 10.88 21.36
C LEU D 324 -29.83 12.16 21.62
N ALA D 325 -30.17 13.23 20.90
CA ALA D 325 -29.48 14.50 21.08
C ALA D 325 -29.78 15.09 22.47
N ALA D 326 -31.00 14.89 22.94
CA ALA D 326 -31.39 15.41 24.26
C ALA D 326 -30.53 14.79 25.37
N ALA D 327 -30.01 13.59 25.11
CA ALA D 327 -29.18 12.89 26.09
C ALA D 327 -27.69 13.18 25.97
N TYR D 328 -27.30 14.07 25.07
CA TYR D 328 -25.88 14.39 24.92
C TYR D 328 -25.57 15.56 25.85
N PRO D 329 -24.42 15.53 26.55
CA PRO D 329 -24.06 16.60 27.48
C PRO D 329 -23.84 18.02 26.94
N ARG D 330 -23.27 18.14 25.74
CA ARG D 330 -23.03 19.45 25.15
C ARG D 330 -24.11 19.76 24.11
N GLU D 331 -24.57 21.00 24.07
CA GLU D 331 -25.63 21.39 23.14
C GLU D 331 -25.43 20.91 21.71
N PRO D 332 -26.36 20.09 21.22
CA PRO D 332 -26.31 19.55 19.86
C PRO D 332 -27.24 20.28 18.90
N TRP D 333 -27.23 19.84 17.64
CA TRP D 333 -28.09 20.40 16.61
C TRP D 333 -28.77 19.24 15.93
N VAL D 334 -30.05 19.40 15.61
CA VAL D 334 -30.80 18.36 14.92
C VAL D 334 -31.49 19.03 13.74
N GLU D 335 -31.43 18.36 12.59
CA GLU D 335 -32.03 18.90 11.38
C GLU D 335 -33.50 18.52 11.24
N HIS D 336 -34.32 19.49 10.87
CA HIS D 336 -35.73 19.26 10.69
C HIS D 336 -36.01 18.85 9.24
N PHE D 337 -36.63 17.68 9.09
CA PHE D 337 -36.98 17.12 7.78
C PHE D 337 -38.46 16.76 7.85
N GLU D 338 -39.15 16.89 6.72
CA GLU D 338 -40.57 16.56 6.65
C GLU D 338 -40.77 15.21 5.95
N TRP D 339 -39.70 14.73 5.32
CA TRP D 339 -39.70 13.48 4.57
C TRP D 339 -40.32 12.25 5.24
N LEU D 340 -40.03 12.04 6.51
CA LEU D 340 -40.55 10.86 7.21
C LEU D 340 -41.85 11.05 7.99
N GLU D 341 -42.32 12.28 8.08
CA GLU D 341 -43.54 12.58 8.82
C GLU D 341 -44.74 11.69 8.47
N PRO D 342 -45.03 11.50 7.18
CA PRO D 342 -46.16 10.66 6.74
C PRO D 342 -46.16 9.23 7.25
N LEU D 343 -45.01 8.75 7.74
CA LEU D 343 -44.95 7.39 8.24
C LEU D 343 -45.60 7.26 9.61
N PHE D 344 -45.69 8.37 10.32
CA PHE D 344 -46.20 8.37 11.69
C PHE D 344 -47.41 9.27 11.93
N ASN D 345 -48.17 8.97 12.98
CA ASN D 345 -49.34 9.78 13.33
C ASN D 345 -48.90 11.04 14.06
N GLU D 346 -47.86 10.93 14.87
CA GLU D 346 -47.38 12.06 15.64
C GLU D 346 -46.48 13.01 14.84
N ARG D 347 -46.42 14.27 15.29
CA ARG D 347 -45.60 15.28 14.64
C ARG D 347 -44.65 15.93 15.63
N ILE D 348 -43.52 16.39 15.13
CA ILE D 348 -42.53 17.06 15.98
C ILE D 348 -42.90 18.53 16.07
N GLU D 349 -42.77 19.09 17.27
CA GLU D 349 -43.09 20.49 17.49
C GLU D 349 -41.83 21.35 17.53
N ILE D 350 -41.88 22.46 16.80
CA ILE D 350 -40.78 23.41 16.76
C ILE D 350 -41.26 24.75 17.26
N ARG D 351 -40.41 25.42 18.03
CA ARG D 351 -40.73 26.73 18.56
C ARG D 351 -39.45 27.47 18.90
N ASP D 352 -39.37 28.71 18.45
CA ASP D 352 -38.23 29.57 18.69
C ASP D 352 -36.85 28.97 18.46
N GLY D 353 -36.66 28.35 17.30
CA GLY D 353 -35.37 27.78 16.97
C GLY D 353 -34.98 26.49 17.66
N ARG D 354 -35.94 25.86 18.33
CA ARG D 354 -35.68 24.60 19.02
C ARG D 354 -36.77 23.57 18.75
N MET D 355 -36.36 22.32 18.69
CA MET D 355 -37.23 21.19 18.44
C MET D 355 -37.57 20.63 19.81
N LEU D 356 -38.86 20.46 20.10
CA LEU D 356 -39.26 19.95 21.40
C LEU D 356 -39.06 18.45 21.47
N VAL D 357 -38.49 17.98 22.58
CA VAL D 357 -38.28 16.55 22.74
C VAL D 357 -39.65 15.99 23.14
N PRO D 358 -40.16 15.00 22.38
CA PRO D 358 -41.46 14.41 22.69
C PRO D 358 -41.50 13.88 24.12
N THR D 359 -42.66 13.94 24.76
CA THR D 359 -42.82 13.47 26.15
C THR D 359 -43.60 12.17 26.27
N ARG D 360 -44.07 11.63 25.14
CA ARG D 360 -44.82 10.37 25.13
C ARG D 360 -43.83 9.26 25.48
N PRO D 361 -44.34 8.09 25.93
CA PRO D 361 -43.48 6.94 26.28
C PRO D 361 -42.69 6.46 25.06
N GLY D 362 -41.47 6.00 25.28
CA GLY D 362 -40.65 5.50 24.19
C GLY D 362 -40.32 6.58 23.18
N LEU D 363 -40.32 6.21 21.90
CA LEU D 363 -40.04 7.16 20.82
C LEU D 363 -41.25 8.06 20.60
N GLY D 364 -42.41 7.62 21.07
CA GLY D 364 -43.62 8.40 20.90
C GLY D 364 -44.12 8.31 19.46
N LEU D 365 -43.87 7.17 18.83
CA LEU D 365 -44.26 6.98 17.45
C LEU D 365 -45.13 5.75 17.24
N THR D 366 -46.17 5.92 16.42
CA THR D 366 -47.06 4.84 16.05
C THR D 366 -47.21 4.98 14.54
N LEU D 367 -47.30 3.85 13.84
CA LEU D 367 -47.41 3.86 12.38
C LEU D 367 -48.71 4.43 11.83
N SER D 368 -48.58 5.39 10.91
CA SER D 368 -49.74 5.98 10.28
C SER D 368 -50.41 4.89 9.45
N GLY D 369 -51.73 5.00 9.27
CA GLY D 369 -52.45 4.01 8.49
C GLY D 369 -52.00 3.96 7.04
N GLN D 370 -51.38 5.03 6.57
CA GLN D 370 -50.90 5.09 5.19
C GLN D 370 -49.81 4.07 4.88
N VAL D 371 -49.04 3.67 5.89
CA VAL D 371 -47.97 2.70 5.67
C VAL D 371 -48.51 1.45 5.00
N LYS D 372 -49.74 1.09 5.32
CA LYS D 372 -50.37 -0.09 4.73
C LYS D 372 -50.24 -0.07 3.21
N ALA D 373 -50.49 1.09 2.61
CA ALA D 373 -50.41 1.26 1.17
C ALA D 373 -49.01 1.21 0.57
N TRP D 374 -48.01 1.58 1.36
CA TRP D 374 -46.65 1.61 0.85
C TRP D 374 -45.82 0.37 1.14
N THR D 375 -46.37 -0.55 1.93
CA THR D 375 -45.63 -1.75 2.29
C THR D 375 -45.52 -2.70 1.10
N ARG D 376 -44.29 -3.04 0.71
CA ARG D 376 -44.06 -3.93 -0.42
C ARG D 376 -43.67 -5.34 -0.02
N GLU D 377 -43.10 -5.48 1.17
CA GLU D 377 -42.68 -6.79 1.66
C GLU D 377 -43.00 -6.84 3.16
N GLU D 378 -43.32 -8.03 3.65
CA GLU D 378 -43.62 -8.18 5.07
C GLU D 378 -43.49 -9.64 5.50
N ALA D 379 -43.14 -9.84 6.76
CA ALA D 379 -43.00 -11.18 7.30
C ALA D 379 -43.08 -11.12 8.82
N GLN D 380 -43.48 -12.22 9.44
CA GLN D 380 -43.58 -12.27 10.89
C GLN D 380 -43.31 -13.68 11.40
N VAL D 381 -42.98 -13.79 12.68
CA VAL D 381 -42.70 -15.07 13.30
C VAL D 381 -43.09 -15.01 14.78
N GLY D 382 -43.52 -16.14 15.32
CA GLY D 382 -43.91 -16.19 16.73
C GLY D 382 -45.42 -16.05 16.88
N THR D 383 -45.86 -15.86 18.12
CA THR D 383 -47.29 -15.71 18.41
C THR D 383 -47.52 -14.45 19.23
N ARG D 384 -48.57 -13.70 18.91
CA ARG D 384 -48.88 -12.47 19.62
C ARG D 384 -49.63 -12.74 20.92
MG MG E . -9.81 -20.10 10.68
MG MG F . 6.15 -12.81 16.49
O1A LGT G . -9.81 -21.18 8.93
C1 LGT G . -10.88 -21.73 8.65
O1B LGT G . -11.17 -22.23 7.53
C2 LGT G . -11.99 -21.81 9.75
O2 LGT G . -11.80 -20.74 10.70
C3 LGT G . -13.41 -21.74 9.16
O3 LGT G . -13.54 -20.52 8.44
C4 LGT G . -14.57 -21.82 10.22
O4 LGT G . -15.31 -20.58 10.28
C5 LGT G . -15.61 -22.94 9.98
O5 LGT G . -16.17 -22.81 8.66
C6 LGT G . -14.98 -24.35 10.13
O6A LGT G . -14.80 -24.74 11.31
O6B LGT G . -14.67 -24.99 9.11
MG MG H . 27.67 -10.89 4.66
MG MG I . 19.72 -7.07 20.87
O1A LGT J . 29.85 -10.78 4.29
C1 LGT J . 30.28 -11.52 3.36
O1B LGT J . 31.49 -11.82 3.19
C2 LGT J . 29.26 -12.10 2.35
O2 LGT J . 27.92 -11.70 2.69
C3 LGT J . 29.58 -11.70 0.90
O3 LGT J . 29.42 -10.28 0.75
C4 LGT J . 28.69 -12.41 -0.18
O4 LGT J . 28.01 -11.44 -1.00
C5 LGT J . 29.46 -13.36 -1.13
O5 LGT J . 30.53 -12.64 -1.76
C6 LGT J . 30.03 -14.61 -0.39
O6A LGT J . 29.21 -15.52 -0.12
O6B LGT J . 31.25 -14.63 -0.08
MG MG K . 9.98 19.92 -12.08
MG MG L . -0.83 22.37 2.45
O1A LGT M . 8.98 19.40 -13.91
C1 LGT M . 9.67 19.62 -14.93
O1B LGT M . 9.29 19.42 -16.11
C2 LGT M . 11.10 20.19 -14.74
O2 LGT M . 11.53 20.01 -13.39
C3 LGT M . 12.13 19.56 -15.71
O3 LGT M . 12.15 18.15 -15.48
C4 LGT M . 13.58 20.12 -15.55
O4 LGT M . 14.44 19.13 -14.97
C5 LGT M . 14.25 20.61 -16.86
O5 LGT M . 14.30 19.53 -17.82
C6 LGT M . 13.50 21.83 -17.50
O6A LGT M . 13.88 22.97 -17.12
O6B LGT M . 12.59 21.61 -18.33
MG MG N . -24.81 16.29 4.79
MG MG O . -10.84 23.92 14.16
O1A LGT P . -26.80 16.51 5.46
C1 LGT P . -27.68 16.04 4.71
O1B LGT P . -28.87 15.79 5.03
C2 LGT P . -27.27 15.74 3.24
O2 LGT P . -25.86 15.50 3.18
C3 LGT P . -28.05 14.53 2.67
O3 LGT P . -27.73 13.36 3.43
C4 LGT P . -27.74 14.22 1.16
O4 LGT P . -27.12 12.93 1.03
C5 LGT P . -28.99 14.24 0.24
O5 LGT P . -29.99 13.36 0.78
C6 LGT P . -29.58 15.65 0.07
O6A LGT P . -28.86 16.49 -0.54
O6B LGT P . -30.71 15.90 0.55
#